data_5Z28
# 
_entry.id   5Z28 
# 
_audit_conform.dict_name       mmcif_pdbx.dic 
_audit_conform.dict_version    5.380 
_audit_conform.dict_location   http://mmcif.pdb.org/dictionaries/ascii/mmcif_pdbx.dic 
# 
loop_
_database_2.database_id 
_database_2.database_code 
_database_2.pdbx_database_accession 
_database_2.pdbx_DOI 
PDB   5Z28         pdb_00005z28 10.2210/pdb5z28/pdb 
WWPDB D_1300006346 ?            ?                   
# 
_pdbx_database_status.status_code                     REL 
_pdbx_database_status.status_code_sf                  REL 
_pdbx_database_status.status_code_mr                  ? 
_pdbx_database_status.entry_id                        5Z28 
_pdbx_database_status.recvd_initial_deposition_date   2017-12-30 
_pdbx_database_status.SG_entry                        N 
_pdbx_database_status.deposit_site                    PDBJ 
_pdbx_database_status.process_site                    PDBJ 
_pdbx_database_status.status_code_cs                  ? 
_pdbx_database_status.methods_development_category    ? 
_pdbx_database_status.pdb_format_compatible           Y 
_pdbx_database_status.status_code_nmr_data            ? 
# 
loop_
_audit_author.name 
_audit_author.pdbx_ordinal 
_audit_author.identifier_ORCID 
'Wu, B.X.'    1 ? 
'Zhang, M.M.' 2 ? 
# 
_citation.abstract                  ? 
_citation.abstract_id_CAS           ? 
_citation.book_id_ISBN              ? 
_citation.book_publisher            ? 
_citation.book_publisher_city       ? 
_citation.book_title                ? 
_citation.coordinate_linkage        ? 
_citation.country                   ? 
_citation.database_id_Medline       ? 
_citation.details                   ? 
_citation.id                        primary 
_citation.journal_abbrev            'To Be Published' 
_citation.journal_id_ASTM           ? 
_citation.journal_id_CSD            0353 
_citation.journal_id_ISSN           ? 
_citation.journal_full              ? 
_citation.journal_issue             ? 
_citation.journal_volume            ? 
_citation.language                  ? 
_citation.page_first                ? 
_citation.page_last                 ? 
_citation.title                     'Crystal structure of AtVAL12 PHD-Like domain' 
_citation.year                      ? 
_citation.database_id_CSD           ? 
_citation.pdbx_database_id_DOI      ? 
_citation.pdbx_database_id_PubMed   ? 
_citation.unpublished_flag          ? 
# 
loop_
_citation_author.citation_id 
_citation_author.name 
_citation_author.ordinal 
_citation_author.identifier_ORCID 
primary 'Wu, B.X.'    1 ? 
primary 'Zhang, M.M.' 2 ? 
# 
_cell.angle_alpha                  90.00 
_cell.angle_alpha_esd              ? 
_cell.angle_beta                   90.00 
_cell.angle_beta_esd               ? 
_cell.angle_gamma                  90.00 
_cell.angle_gamma_esd              ? 
_cell.entry_id                     5Z28 
_cell.details                      ? 
_cell.formula_units_Z              ? 
_cell.length_a                     71.558 
_cell.length_a_esd                 ? 
_cell.length_b                     76.022 
_cell.length_b_esd                 ? 
_cell.length_c                     76.046 
_cell.length_c_esd                 ? 
_cell.volume                       ? 
_cell.volume_esd                   ? 
_cell.Z_PDB                        16 
_cell.reciprocal_angle_alpha       ? 
_cell.reciprocal_angle_beta        ? 
_cell.reciprocal_angle_gamma       ? 
_cell.reciprocal_angle_alpha_esd   ? 
_cell.reciprocal_angle_beta_esd    ? 
_cell.reciprocal_angle_gamma_esd   ? 
_cell.reciprocal_length_a          ? 
_cell.reciprocal_length_b          ? 
_cell.reciprocal_length_c          ? 
_cell.reciprocal_length_a_esd      ? 
_cell.reciprocal_length_b_esd      ? 
_cell.reciprocal_length_c_esd      ? 
_cell.pdbx_unique_axis             ? 
# 
_symmetry.entry_id                         5Z28 
_symmetry.cell_setting                     ? 
_symmetry.Int_Tables_number                20 
_symmetry.space_group_name_Hall            ? 
_symmetry.space_group_name_H-M             'C 2 2 21' 
_symmetry.pdbx_full_space_group_name_H-M   ? 
# 
loop_
_entity.id 
_entity.type 
_entity.src_method 
_entity.pdbx_description 
_entity.formula_weight 
_entity.pdbx_number_of_molecules 
_entity.pdbx_ec 
_entity.pdbx_mutation 
_entity.pdbx_fragment 
_entity.details 
1 polymer     man 'B3 domain-containing transcription repressor VAL2' 11156.031 2  ? ? 'PHD-Like domain' ? 
2 non-polymer syn 'ZINC ION'                                          65.409    6  ? ? ?                 ? 
3 non-polymer syn GLYCEROL                                            92.094    1  ? ? ?                 ? 
4 water       nat water                                               18.015    22 ? ? ?                 ? 
# 
_entity_name_com.entity_id   1 
_entity_name_com.name        'Protein HIGH-LEVEL EXPRESSION OF SUGAR-INDUCIBLE-LIKE 1,Protein VP1/ABI3-LIKE 2' 
# 
_entity_poly.entity_id                      1 
_entity_poly.type                           'polypeptide(L)' 
_entity_poly.nstd_linkage                   no 
_entity_poly.nstd_monomer                   no 
_entity_poly.pdbx_seq_one_letter_code       
;AIKVCMNALCGAASTSGEWKKGWPMRSGDLASLCDKCGCAYEQSIFCEVFHAKESGWRECNSCDKRLHCGCIASRFMMEL
LENGGVTCISCAKKSGLISMNVS
;
_entity_poly.pdbx_seq_one_letter_code_can   
;AIKVCMNALCGAASTSGEWKKGWPMRSGDLASLCDKCGCAYEQSIFCEVFHAKESGWRECNSCDKRLHCGCIASRFMMEL
LENGGVTCISCAKKSGLISMNVS
;
_entity_poly.pdbx_strand_id                 A,B 
_entity_poly.pdbx_target_identifier         ? 
# 
loop_
_entity_poly_seq.entity_id 
_entity_poly_seq.num 
_entity_poly_seq.mon_id 
_entity_poly_seq.hetero 
1 1   ALA n 
1 2   ILE n 
1 3   LYS n 
1 4   VAL n 
1 5   CYS n 
1 6   MET n 
1 7   ASN n 
1 8   ALA n 
1 9   LEU n 
1 10  CYS n 
1 11  GLY n 
1 12  ALA n 
1 13  ALA n 
1 14  SER n 
1 15  THR n 
1 16  SER n 
1 17  GLY n 
1 18  GLU n 
1 19  TRP n 
1 20  LYS n 
1 21  LYS n 
1 22  GLY n 
1 23  TRP n 
1 24  PRO n 
1 25  MET n 
1 26  ARG n 
1 27  SER n 
1 28  GLY n 
1 29  ASP n 
1 30  LEU n 
1 31  ALA n 
1 32  SER n 
1 33  LEU n 
1 34  CYS n 
1 35  ASP n 
1 36  LYS n 
1 37  CYS n 
1 38  GLY n 
1 39  CYS n 
1 40  ALA n 
1 41  TYR n 
1 42  GLU n 
1 43  GLN n 
1 44  SER n 
1 45  ILE n 
1 46  PHE n 
1 47  CYS n 
1 48  GLU n 
1 49  VAL n 
1 50  PHE n 
1 51  HIS n 
1 52  ALA n 
1 53  LYS n 
1 54  GLU n 
1 55  SER n 
1 56  GLY n 
1 57  TRP n 
1 58  ARG n 
1 59  GLU n 
1 60  CYS n 
1 61  ASN n 
1 62  SER n 
1 63  CYS n 
1 64  ASP n 
1 65  LYS n 
1 66  ARG n 
1 67  LEU n 
1 68  HIS n 
1 69  CYS n 
1 70  GLY n 
1 71  CYS n 
1 72  ILE n 
1 73  ALA n 
1 74  SER n 
1 75  ARG n 
1 76  PHE n 
1 77  MET n 
1 78  MET n 
1 79  GLU n 
1 80  LEU n 
1 81  LEU n 
1 82  GLU n 
1 83  ASN n 
1 84  GLY n 
1 85  GLY n 
1 86  VAL n 
1 87  THR n 
1 88  CYS n 
1 89  ILE n 
1 90  SER n 
1 91  CYS n 
1 92  ALA n 
1 93  LYS n 
1 94  LYS n 
1 95  SER n 
1 96  GLY n 
1 97  LEU n 
1 98  ILE n 
1 99  SER n 
1 100 MET n 
1 101 ASN n 
1 102 VAL n 
1 103 SER n 
# 
_entity_src_gen.entity_id                          1 
_entity_src_gen.pdbx_src_id                        1 
_entity_src_gen.pdbx_alt_source_flag               sample 
_entity_src_gen.pdbx_seq_type                      'Biological sequence' 
_entity_src_gen.pdbx_beg_seq_num                   1 
_entity_src_gen.pdbx_end_seq_num                   103 
_entity_src_gen.gene_src_common_name               'Mouse-ear cress' 
_entity_src_gen.gene_src_genus                     ? 
_entity_src_gen.pdbx_gene_src_gene                 'VAL2, HSL1, At4g32010, F10N7.180' 
_entity_src_gen.gene_src_species                   ? 
_entity_src_gen.gene_src_strain                    ? 
_entity_src_gen.gene_src_tissue                    ? 
_entity_src_gen.gene_src_tissue_fraction           ? 
_entity_src_gen.gene_src_details                   ? 
_entity_src_gen.pdbx_gene_src_fragment             ? 
_entity_src_gen.pdbx_gene_src_scientific_name      'Arabidopsis thaliana' 
_entity_src_gen.pdbx_gene_src_ncbi_taxonomy_id     3702 
_entity_src_gen.pdbx_gene_src_variant              ? 
_entity_src_gen.pdbx_gene_src_cell_line            ? 
_entity_src_gen.pdbx_gene_src_atcc                 ? 
_entity_src_gen.pdbx_gene_src_organ                ? 
_entity_src_gen.pdbx_gene_src_organelle            ? 
_entity_src_gen.pdbx_gene_src_cell                 ? 
_entity_src_gen.pdbx_gene_src_cellular_location    ? 
_entity_src_gen.host_org_common_name               ? 
_entity_src_gen.pdbx_host_org_scientific_name      'Escherichia coli' 
_entity_src_gen.pdbx_host_org_ncbi_taxonomy_id     562 
_entity_src_gen.host_org_genus                     ? 
_entity_src_gen.pdbx_host_org_gene                 ? 
_entity_src_gen.pdbx_host_org_organ                ? 
_entity_src_gen.host_org_species                   ? 
_entity_src_gen.pdbx_host_org_tissue               ? 
_entity_src_gen.pdbx_host_org_tissue_fraction      ? 
_entity_src_gen.pdbx_host_org_strain               ? 
_entity_src_gen.pdbx_host_org_variant              ? 
_entity_src_gen.pdbx_host_org_cell_line            ? 
_entity_src_gen.pdbx_host_org_atcc                 ? 
_entity_src_gen.pdbx_host_org_culture_collection   ? 
_entity_src_gen.pdbx_host_org_cell                 ? 
_entity_src_gen.pdbx_host_org_organelle            ? 
_entity_src_gen.pdbx_host_org_cellular_location    ? 
_entity_src_gen.pdbx_host_org_vector_type          ? 
_entity_src_gen.pdbx_host_org_vector               ? 
_entity_src_gen.host_org_details                   ? 
_entity_src_gen.expression_system_id               ? 
_entity_src_gen.plasmid_name                       ? 
_entity_src_gen.plasmid_details                    ? 
_entity_src_gen.pdbx_description                   ? 
# 
_struct_ref.id                         1 
_struct_ref.db_name                    UNP 
_struct_ref.db_code                    VAL2_ARATH 
_struct_ref.pdbx_db_accession          Q5CCK4 
_struct_ref.pdbx_db_isoform            ? 
_struct_ref.entity_id                  1 
_struct_ref.pdbx_seq_one_letter_code   
;IKVCMNALCGAASTSGEWKKGWPMRSGDLASLCDKCGCAYEQSIFCEVFHAKESGWRECNSCDKRLHCGCIASRFMMELL
ENGGVTCISCAKKSGLISMNVS
;
_struct_ref.pdbx_align_begin           4 
# 
loop_
_struct_ref_seq.align_id 
_struct_ref_seq.ref_id 
_struct_ref_seq.pdbx_PDB_id_code 
_struct_ref_seq.pdbx_strand_id 
_struct_ref_seq.seq_align_beg 
_struct_ref_seq.pdbx_seq_align_beg_ins_code 
_struct_ref_seq.seq_align_end 
_struct_ref_seq.pdbx_seq_align_end_ins_code 
_struct_ref_seq.pdbx_db_accession 
_struct_ref_seq.db_align_beg 
_struct_ref_seq.pdbx_db_align_beg_ins_code 
_struct_ref_seq.db_align_end 
_struct_ref_seq.pdbx_db_align_end_ins_code 
_struct_ref_seq.pdbx_auth_seq_align_beg 
_struct_ref_seq.pdbx_auth_seq_align_end 
1 1 5Z28 A 2 ? 103 ? Q5CCK4 4 ? 105 ? 4 105 
2 1 5Z28 B 2 ? 103 ? Q5CCK4 4 ? 105 ? 4 105 
# 
loop_
_struct_ref_seq_dif.align_id 
_struct_ref_seq_dif.pdbx_pdb_id_code 
_struct_ref_seq_dif.mon_id 
_struct_ref_seq_dif.pdbx_pdb_strand_id 
_struct_ref_seq_dif.seq_num 
_struct_ref_seq_dif.pdbx_pdb_ins_code 
_struct_ref_seq_dif.pdbx_seq_db_name 
_struct_ref_seq_dif.pdbx_seq_db_accession_code 
_struct_ref_seq_dif.db_mon_id 
_struct_ref_seq_dif.pdbx_seq_db_seq_num 
_struct_ref_seq_dif.details 
_struct_ref_seq_dif.pdbx_auth_seq_num 
_struct_ref_seq_dif.pdbx_ordinal 
1 5Z28 ALA A 1 ? UNP Q5CCK4 ? ? 'expression tag' 3 1 
2 5Z28 ALA B 1 ? UNP Q5CCK4 ? ? 'expression tag' 3 2 
# 
loop_
_chem_comp.id 
_chem_comp.type 
_chem_comp.mon_nstd_flag 
_chem_comp.name 
_chem_comp.pdbx_synonyms 
_chem_comp.formula 
_chem_comp.formula_weight 
ALA 'L-peptide linking' y ALANINE         ?                               'C3 H7 N O2'     89.093  
ARG 'L-peptide linking' y ARGININE        ?                               'C6 H15 N4 O2 1' 175.209 
ASN 'L-peptide linking' y ASPARAGINE      ?                               'C4 H8 N2 O3'    132.118 
ASP 'L-peptide linking' y 'ASPARTIC ACID' ?                               'C4 H7 N O4'     133.103 
CYS 'L-peptide linking' y CYSTEINE        ?                               'C3 H7 N O2 S'   121.158 
GLN 'L-peptide linking' y GLUTAMINE       ?                               'C5 H10 N2 O3'   146.144 
GLU 'L-peptide linking' y 'GLUTAMIC ACID' ?                               'C5 H9 N O4'     147.129 
GLY 'peptide linking'   y GLYCINE         ?                               'C2 H5 N O2'     75.067  
GOL non-polymer         . GLYCEROL        'GLYCERIN; PROPANE-1,2,3-TRIOL' 'C3 H8 O3'       92.094  
HIS 'L-peptide linking' y HISTIDINE       ?                               'C6 H10 N3 O2 1' 156.162 
HOH non-polymer         . WATER           ?                               'H2 O'           18.015  
ILE 'L-peptide linking' y ISOLEUCINE      ?                               'C6 H13 N O2'    131.173 
LEU 'L-peptide linking' y LEUCINE         ?                               'C6 H13 N O2'    131.173 
LYS 'L-peptide linking' y LYSINE          ?                               'C6 H15 N2 O2 1' 147.195 
MET 'L-peptide linking' y METHIONINE      ?                               'C5 H11 N O2 S'  149.211 
PHE 'L-peptide linking' y PHENYLALANINE   ?                               'C9 H11 N O2'    165.189 
PRO 'L-peptide linking' y PROLINE         ?                               'C5 H9 N O2'     115.130 
SER 'L-peptide linking' y SERINE          ?                               'C3 H7 N O3'     105.093 
THR 'L-peptide linking' y THREONINE       ?                               'C4 H9 N O3'     119.119 
TRP 'L-peptide linking' y TRYPTOPHAN      ?                               'C11 H12 N2 O2'  204.225 
TYR 'L-peptide linking' y TYROSINE        ?                               'C9 H11 N O3'    181.189 
VAL 'L-peptide linking' y VALINE          ?                               'C5 H11 N O2'    117.146 
ZN  non-polymer         . 'ZINC ION'      ?                               'Zn 2'           65.409  
# 
_exptl.absorpt_coefficient_mu     ? 
_exptl.absorpt_correction_T_max   ? 
_exptl.absorpt_correction_T_min   ? 
_exptl.absorpt_correction_type    ? 
_exptl.absorpt_process_details    ? 
_exptl.entry_id                   5Z28 
_exptl.crystals_number            1 
_exptl.details                    ? 
_exptl.method                     'X-RAY DIFFRACTION' 
_exptl.method_details             ? 
# 
_exptl_crystal.colour                      ? 
_exptl_crystal.density_diffrn              ? 
_exptl_crystal.density_Matthews            2.32 
_exptl_crystal.density_method              ? 
_exptl_crystal.density_percent_sol         46.93 
_exptl_crystal.description                 ? 
_exptl_crystal.F_000                       ? 
_exptl_crystal.id                          1 
_exptl_crystal.preparation                 ? 
_exptl_crystal.size_max                    ? 
_exptl_crystal.size_mid                    ? 
_exptl_crystal.size_min                    ? 
_exptl_crystal.size_rad                    ? 
_exptl_crystal.colour_lustre               ? 
_exptl_crystal.colour_modifier             ? 
_exptl_crystal.colour_primary              ? 
_exptl_crystal.density_meas                ? 
_exptl_crystal.density_meas_esd            ? 
_exptl_crystal.density_meas_gt             ? 
_exptl_crystal.density_meas_lt             ? 
_exptl_crystal.density_meas_temp           ? 
_exptl_crystal.density_meas_temp_esd       ? 
_exptl_crystal.density_meas_temp_gt        ? 
_exptl_crystal.density_meas_temp_lt        ? 
_exptl_crystal.pdbx_crystal_image_url      ? 
_exptl_crystal.pdbx_crystal_image_format   ? 
_exptl_crystal.pdbx_mosaicity              ? 
_exptl_crystal.pdbx_mosaicity_esd          ? 
# 
_exptl_crystal_grow.apparatus       ? 
_exptl_crystal_grow.atmosphere      ? 
_exptl_crystal_grow.crystal_id      1 
_exptl_crystal_grow.details         ? 
_exptl_crystal_grow.method          'VAPOR DIFFUSION, SITTING DROP' 
_exptl_crystal_grow.method_ref      ? 
_exptl_crystal_grow.pH              ? 
_exptl_crystal_grow.pressure        ? 
_exptl_crystal_grow.pressure_esd    ? 
_exptl_crystal_grow.seeding         ? 
_exptl_crystal_grow.seeding_ref     ? 
_exptl_crystal_grow.temp            293 
_exptl_crystal_grow.temp_details    ? 
_exptl_crystal_grow.temp_esd        ? 
_exptl_crystal_grow.time            ? 
_exptl_crystal_grow.pdbx_details    '0.1M Bis-Tris pH6.5, 28% PEG MME 2000' 
_exptl_crystal_grow.pdbx_pH_range   ? 
# 
_diffrn.ambient_environment    ? 
_diffrn.ambient_temp           100 
_diffrn.ambient_temp_details   ? 
_diffrn.ambient_temp_esd       ? 
_diffrn.crystal_id             1 
_diffrn.crystal_support        ? 
_diffrn.crystal_treatment      ? 
_diffrn.details                ? 
_diffrn.id                     1 
_diffrn.ambient_pressure       ? 
_diffrn.ambient_pressure_esd   ? 
_diffrn.ambient_pressure_gt    ? 
_diffrn.ambient_pressure_lt    ? 
_diffrn.ambient_temp_gt        ? 
_diffrn.ambient_temp_lt        ? 
# 
_diffrn_detector.details                      ? 
_diffrn_detector.detector                     PIXEL 
_diffrn_detector.diffrn_id                    1 
_diffrn_detector.type                         'DECTRIS PILATUS3 S 6M' 
_diffrn_detector.area_resol_mean              ? 
_diffrn_detector.dtime                        ? 
_diffrn_detector.pdbx_frames_total            ? 
_diffrn_detector.pdbx_collection_time_total   ? 
_diffrn_detector.pdbx_collection_date         2017-12-29 
# 
_diffrn_radiation.collimation                      ? 
_diffrn_radiation.diffrn_id                        1 
_diffrn_radiation.filter_edge                      ? 
_diffrn_radiation.inhomogeneity                    ? 
_diffrn_radiation.monochromator                    ? 
_diffrn_radiation.polarisn_norm                    ? 
_diffrn_radiation.polarisn_ratio                   ? 
_diffrn_radiation.probe                            ? 
_diffrn_radiation.type                             ? 
_diffrn_radiation.xray_symbol                      ? 
_diffrn_radiation.wavelength_id                    1 
_diffrn_radiation.pdbx_monochromatic_or_laue_m_l   M 
_diffrn_radiation.pdbx_wavelength_list             ? 
_diffrn_radiation.pdbx_wavelength                  ? 
_diffrn_radiation.pdbx_diffrn_protocol             'SINGLE WAVELENGTH' 
_diffrn_radiation.pdbx_analyzer                    ? 
_diffrn_radiation.pdbx_scattering_type             x-ray 
# 
_diffrn_radiation_wavelength.id           1 
_diffrn_radiation_wavelength.wavelength   0.97853 
_diffrn_radiation_wavelength.wt           1.0 
# 
_diffrn_source.current                     ? 
_diffrn_source.details                     ? 
_diffrn_source.diffrn_id                   1 
_diffrn_source.power                       ? 
_diffrn_source.size                        ? 
_diffrn_source.source                      SYNCHROTRON 
_diffrn_source.target                      ? 
_diffrn_source.type                        'SSRF BEAMLINE BL18U1' 
_diffrn_source.voltage                     ? 
_diffrn_source.take-off_angle              ? 
_diffrn_source.pdbx_wavelength_list        0.97853 
_diffrn_source.pdbx_wavelength             ? 
_diffrn_source.pdbx_synchrotron_beamline   BL18U1 
_diffrn_source.pdbx_synchrotron_site       SSRF 
# 
_reflns.B_iso_Wilson_estimate            ? 
_reflns.entry_id                         5Z28 
_reflns.data_reduction_details           ? 
_reflns.data_reduction_method            ? 
_reflns.d_resolution_high                2.244 
_reflns.d_resolution_low                 52.11 
_reflns.details                          ? 
_reflns.limit_h_max                      ? 
_reflns.limit_h_min                      ? 
_reflns.limit_k_max                      ? 
_reflns.limit_k_min                      ? 
_reflns.limit_l_max                      ? 
_reflns.limit_l_min                      ? 
_reflns.number_all                       ? 
_reflns.number_obs                       10184 
_reflns.observed_criterion               ? 
_reflns.observed_criterion_F_max         ? 
_reflns.observed_criterion_F_min         ? 
_reflns.observed_criterion_I_max         ? 
_reflns.observed_criterion_I_min         ? 
_reflns.observed_criterion_sigma_F       ? 
_reflns.observed_criterion_sigma_I       ? 
_reflns.percent_possible_obs             99.6 
_reflns.R_free_details                   ? 
_reflns.Rmerge_F_all                     ? 
_reflns.Rmerge_F_obs                     ? 
_reflns.Friedel_coverage                 ? 
_reflns.number_gt                        ? 
_reflns.threshold_expression             ? 
_reflns.pdbx_redundancy                  9.6 
_reflns.pdbx_Rmerge_I_obs                0.147 
_reflns.pdbx_Rmerge_I_all                ? 
_reflns.pdbx_Rsym_value                  ? 
_reflns.pdbx_netI_over_av_sigmaI         ? 
_reflns.pdbx_netI_over_sigmaI            17.94 
_reflns.pdbx_res_netI_over_av_sigmaI_2   ? 
_reflns.pdbx_res_netI_over_sigmaI_2      ? 
_reflns.pdbx_chi_squared                 ? 
_reflns.pdbx_scaling_rejects             ? 
_reflns.pdbx_d_res_high_opt              ? 
_reflns.pdbx_d_res_low_opt               ? 
_reflns.pdbx_d_res_opt_method            ? 
_reflns.phase_calculation_details        ? 
_reflns.pdbx_Rrim_I_all                  ? 
_reflns.pdbx_Rpim_I_all                  ? 
_reflns.pdbx_d_opt                       ? 
_reflns.pdbx_number_measured_all         ? 
_reflns.pdbx_diffrn_id                   1 
_reflns.pdbx_ordinal                     1 
_reflns.pdbx_CC_half                     ? 
_reflns.pdbx_R_split                     ? 
# 
_reflns_shell.d_res_high                  2.25 
_reflns_shell.d_res_low                   2.33 
_reflns_shell.meanI_over_sigI_all         ? 
_reflns_shell.meanI_over_sigI_obs         ? 
_reflns_shell.number_measured_all         ? 
_reflns_shell.number_measured_obs         ? 
_reflns_shell.number_possible             ? 
_reflns_shell.number_unique_all           ? 
_reflns_shell.number_unique_obs           ? 
_reflns_shell.percent_possible_all        ? 
_reflns_shell.percent_possible_obs        ? 
_reflns_shell.Rmerge_F_all                ? 
_reflns_shell.Rmerge_F_obs                ? 
_reflns_shell.Rmerge_I_all                ? 
_reflns_shell.Rmerge_I_obs                ? 
_reflns_shell.meanI_over_sigI_gt          ? 
_reflns_shell.meanI_over_uI_all           ? 
_reflns_shell.meanI_over_uI_gt            ? 
_reflns_shell.number_measured_gt          ? 
_reflns_shell.number_unique_gt            ? 
_reflns_shell.percent_possible_gt         ? 
_reflns_shell.Rmerge_F_gt                 ? 
_reflns_shell.Rmerge_I_gt                 ? 
_reflns_shell.pdbx_redundancy             6.6 
_reflns_shell.pdbx_Rsym_value             ? 
_reflns_shell.pdbx_chi_squared            ? 
_reflns_shell.pdbx_netI_over_sigmaI_all   ? 
_reflns_shell.pdbx_netI_over_sigmaI_obs   ? 
_reflns_shell.pdbx_Rrim_I_all             ? 
_reflns_shell.pdbx_Rpim_I_all             ? 
_reflns_shell.pdbx_rejects                ? 
_reflns_shell.pdbx_ordinal                1 
_reflns_shell.pdbx_diffrn_id              1 
_reflns_shell.pdbx_CC_half                ? 
_reflns_shell.pdbx_R_split                ? 
# 
_refine.aniso_B[1][1]                            ? 
_refine.aniso_B[1][2]                            ? 
_refine.aniso_B[1][3]                            ? 
_refine.aniso_B[2][2]                            ? 
_refine.aniso_B[2][3]                            ? 
_refine.aniso_B[3][3]                            ? 
_refine.B_iso_max                                ? 
_refine.B_iso_mean                               ? 
_refine.B_iso_min                                ? 
_refine.correlation_coeff_Fo_to_Fc               ? 
_refine.correlation_coeff_Fo_to_Fc_free          ? 
_refine.details                                  ? 
_refine.diff_density_max                         ? 
_refine.diff_density_max_esd                     ? 
_refine.diff_density_min                         ? 
_refine.diff_density_min_esd                     ? 
_refine.diff_density_rms                         ? 
_refine.diff_density_rms_esd                     ? 
_refine.entry_id                                 5Z28 
_refine.pdbx_refine_id                           'X-RAY DIFFRACTION' 
_refine.ls_abs_structure_details                 ? 
_refine.ls_abs_structure_Flack                   ? 
_refine.ls_abs_structure_Flack_esd               ? 
_refine.ls_abs_structure_Rogers                  ? 
_refine.ls_abs_structure_Rogers_esd              ? 
_refine.ls_d_res_high                            2.245 
_refine.ls_d_res_low                             26.882 
_refine.ls_extinction_coef                       ? 
_refine.ls_extinction_coef_esd                   ? 
_refine.ls_extinction_expression                 ? 
_refine.ls_extinction_method                     ? 
_refine.ls_goodness_of_fit_all                   ? 
_refine.ls_goodness_of_fit_all_esd               ? 
_refine.ls_goodness_of_fit_obs                   ? 
_refine.ls_goodness_of_fit_obs_esd               ? 
_refine.ls_hydrogen_treatment                    ? 
_refine.ls_matrix_type                           ? 
_refine.ls_number_constraints                    ? 
_refine.ls_number_parameters                     ? 
_refine.ls_number_reflns_all                     ? 
_refine.ls_number_reflns_obs                     9650 
_refine.ls_number_reflns_R_free                  514 
_refine.ls_number_reflns_R_work                  ? 
_refine.ls_number_restraints                     ? 
_refine.ls_percent_reflns_obs                    94.52 
_refine.ls_percent_reflns_R_free                 5.33 
_refine.ls_R_factor_all                          ? 
_refine.ls_R_factor_obs                          0.1865 
_refine.ls_R_factor_R_free                       0.2372 
_refine.ls_R_factor_R_free_error                 ? 
_refine.ls_R_factor_R_free_error_details         ? 
_refine.ls_R_factor_R_work                       0.1837 
_refine.ls_R_Fsqd_factor_obs                     ? 
_refine.ls_R_I_factor_obs                        ? 
_refine.ls_redundancy_reflns_all                 ? 
_refine.ls_redundancy_reflns_obs                 ? 
_refine.ls_restrained_S_all                      ? 
_refine.ls_restrained_S_obs                      ? 
_refine.ls_shift_over_esd_max                    ? 
_refine.ls_shift_over_esd_mean                   ? 
_refine.ls_structure_factor_coef                 ? 
_refine.ls_weighting_details                     ? 
_refine.ls_weighting_scheme                      ? 
_refine.ls_wR_factor_all                         ? 
_refine.ls_wR_factor_obs                         ? 
_refine.ls_wR_factor_R_free                      ? 
_refine.ls_wR_factor_R_work                      ? 
_refine.occupancy_max                            ? 
_refine.occupancy_min                            ? 
_refine.solvent_model_details                    ? 
_refine.solvent_model_param_bsol                 ? 
_refine.solvent_model_param_ksol                 ? 
_refine.ls_R_factor_gt                           ? 
_refine.ls_goodness_of_fit_gt                    ? 
_refine.ls_goodness_of_fit_ref                   ? 
_refine.ls_shift_over_su_max                     ? 
_refine.ls_shift_over_su_max_lt                  ? 
_refine.ls_shift_over_su_mean                    ? 
_refine.ls_shift_over_su_mean_lt                 ? 
_refine.pdbx_ls_sigma_I                          ? 
_refine.pdbx_ls_sigma_F                          1.39 
_refine.pdbx_ls_sigma_Fsqd                       ? 
_refine.pdbx_data_cutoff_high_absF               ? 
_refine.pdbx_data_cutoff_high_rms_absF           ? 
_refine.pdbx_data_cutoff_low_absF                ? 
_refine.pdbx_isotropic_thermal_model             ? 
_refine.pdbx_ls_cross_valid_method               'FREE R-VALUE' 
_refine.pdbx_method_to_determine_struct          'MOLECULAR REPLACEMENT' 
_refine.pdbx_starting_model                      5YUG 
_refine.pdbx_stereochemistry_target_values       ? 
_refine.pdbx_R_Free_selection_details            ? 
_refine.pdbx_stereochem_target_val_spec_case     ? 
_refine.pdbx_overall_ESU_R                       ? 
_refine.pdbx_overall_ESU_R_Free                  ? 
_refine.pdbx_solvent_vdw_probe_radii             1.11 
_refine.pdbx_solvent_ion_probe_radii             ? 
_refine.pdbx_solvent_shrinkage_radii             0.90 
_refine.pdbx_real_space_R                        ? 
_refine.pdbx_density_correlation                 ? 
_refine.pdbx_pd_number_of_powder_patterns        ? 
_refine.pdbx_pd_number_of_points                 ? 
_refine.pdbx_pd_meas_number_of_points            ? 
_refine.pdbx_pd_proc_ls_prof_R_factor            ? 
_refine.pdbx_pd_proc_ls_prof_wR_factor           ? 
_refine.pdbx_pd_Marquardt_correlation_coeff      ? 
_refine.pdbx_pd_Fsqrd_R_factor                   ? 
_refine.pdbx_pd_ls_matrix_band_width             ? 
_refine.pdbx_overall_phase_error                 23.75 
_refine.pdbx_overall_SU_R_free_Cruickshank_DPI   ? 
_refine.pdbx_overall_SU_R_free_Blow_DPI          ? 
_refine.pdbx_overall_SU_R_Blow_DPI               ? 
_refine.pdbx_TLS_residual_ADP_flag               ? 
_refine.pdbx_diffrn_id                           1 
_refine.overall_SU_B                             ? 
_refine.overall_SU_ML                            0.25 
_refine.overall_SU_R_Cruickshank_DPI             ? 
_refine.overall_SU_R_free                        ? 
_refine.overall_FOM_free_R_set                   ? 
_refine.overall_FOM_work_R_set                   ? 
_refine.pdbx_average_fsc_overall                 ? 
_refine.pdbx_average_fsc_work                    ? 
_refine.pdbx_average_fsc_free                    ? 
# 
_refine_hist.pdbx_refine_id                   'X-RAY DIFFRACTION' 
_refine_hist.cycle_id                         LAST 
_refine_hist.pdbx_number_atoms_protein        1445 
_refine_hist.pdbx_number_atoms_nucleic_acid   0 
_refine_hist.pdbx_number_atoms_ligand         12 
_refine_hist.number_atoms_solvent             22 
_refine_hist.number_atoms_total               1479 
_refine_hist.d_res_high                       2.245 
_refine_hist.d_res_low                        26.882 
# 
loop_
_refine_ls_restr.pdbx_refine_id 
_refine_ls_restr.criterion 
_refine_ls_restr.dev_ideal 
_refine_ls_restr.dev_ideal_target 
_refine_ls_restr.number 
_refine_ls_restr.rejects 
_refine_ls_restr.type 
_refine_ls_restr.weight 
_refine_ls_restr.pdbx_restraint_function 
'X-RAY DIFFRACTION' ? 0.009  ? 1474 ? f_bond_d           ? ? 
'X-RAY DIFFRACTION' ? 1.120  ? 1966 ? f_angle_d          ? ? 
'X-RAY DIFFRACTION' ? 21.672 ? 885  ? f_dihedral_angle_d ? ? 
'X-RAY DIFFRACTION' ? 0.058  ? 206  ? f_chiral_restr     ? ? 
'X-RAY DIFFRACTION' ? 0.006  ? 248  ? f_plane_restr      ? ? 
# 
loop_
_refine_ls_shell.pdbx_refine_id 
_refine_ls_shell.d_res_high 
_refine_ls_shell.d_res_low 
_refine_ls_shell.number_reflns_all 
_refine_ls_shell.number_reflns_obs 
_refine_ls_shell.number_reflns_R_free 
_refine_ls_shell.number_reflns_R_work 
_refine_ls_shell.percent_reflns_obs 
_refine_ls_shell.percent_reflns_R_free 
_refine_ls_shell.R_factor_all 
_refine_ls_shell.R_factor_obs 
_refine_ls_shell.R_factor_R_free 
_refine_ls_shell.R_factor_R_free_error 
_refine_ls_shell.R_factor_R_work 
_refine_ls_shell.redundancy_reflns_all 
_refine_ls_shell.redundancy_reflns_obs 
_refine_ls_shell.wR_factor_all 
_refine_ls_shell.wR_factor_obs 
_refine_ls_shell.wR_factor_R_free 
_refine_ls_shell.wR_factor_R_work 
_refine_ls_shell.pdbx_total_number_of_bins_used 
_refine_ls_shell.pdbx_phase_error 
_refine_ls_shell.pdbx_fsc_work 
_refine_ls_shell.pdbx_fsc_free 
'X-RAY DIFFRACTION' 2.2446 2.4704  . . 119 1872 80.00  . . . 0.2658 . 0.2076 . . . . . . . . . . 
'X-RAY DIFFRACTION' 2.4704 2.8275  . . 130 2335 98.00  . . . 0.2754 . 0.2048 . . . . . . . . . . 
'X-RAY DIFFRACTION' 2.8275 3.5611  . . 129 2416 100.00 . . . 0.2698 . 0.1919 . . . . . . . . . . 
'X-RAY DIFFRACTION' 3.5611 26.8840 . . 136 2513 100.00 . . . 0.2023 . 0.1669 . . . . . . . . . . 
# 
_struct.entry_id                     5Z28 
_struct.title                        'AtVAL2 PHD-Like domain' 
_struct.pdbx_model_details           ? 
_struct.pdbx_formula_weight          ? 
_struct.pdbx_formula_weight_method   ? 
_struct.pdbx_model_type_details      ? 
_struct.pdbx_CASP_flag               N 
# 
_struct_keywords.entry_id        5Z28 
_struct_keywords.text            'transcriptional factor, Val2, PHD-Like domain, FLC, plant, TRANSCRIPTION' 
_struct_keywords.pdbx_keywords   TRANSCRIPTION 
# 
loop_
_struct_asym.id 
_struct_asym.pdbx_blank_PDB_chainid_flag 
_struct_asym.pdbx_modified 
_struct_asym.entity_id 
_struct_asym.details 
A N N 1 ? 
B N N 1 ? 
C N N 2 ? 
D N N 2 ? 
E N N 2 ? 
F N N 3 ? 
G N N 2 ? 
H N N 2 ? 
I N N 2 ? 
J N N 4 ? 
K N N 4 ? 
# 
loop_
_struct_conf.conf_type_id 
_struct_conf.id 
_struct_conf.pdbx_PDB_helix_id 
_struct_conf.beg_label_comp_id 
_struct_conf.beg_label_asym_id 
_struct_conf.beg_label_seq_id 
_struct_conf.pdbx_beg_PDB_ins_code 
_struct_conf.end_label_comp_id 
_struct_conf.end_label_asym_id 
_struct_conf.end_label_seq_id 
_struct_conf.pdbx_end_PDB_ins_code 
_struct_conf.beg_auth_comp_id 
_struct_conf.beg_auth_asym_id 
_struct_conf.beg_auth_seq_id 
_struct_conf.end_auth_comp_id 
_struct_conf.end_auth_asym_id 
_struct_conf.end_auth_seq_id 
_struct_conf.pdbx_PDB_helix_class 
_struct_conf.details 
_struct_conf.pdbx_PDB_helix_length 
HELX_P HELX_P1 AA1 CYS A 34 ? GLN A 43 ? CYS A 36 GLN A 45 1 ? 10 
HELX_P HELX_P2 AA2 ILE A 45 ? HIS A 51 ? ILE A 47 HIS A 53 1 ? 7  
HELX_P HELX_P3 AA3 CYS A 71 ? PHE A 76 ? CYS A 73 PHE A 78 5 ? 6  
HELX_P HELX_P4 AA4 ILE A 89 ? GLY A 96 ? ILE A 91 GLY A 98 1 ? 8  
HELX_P HELX_P5 AA5 CYS B 34 ? GLN B 43 ? CYS B 36 GLN B 45 1 ? 10 
HELX_P HELX_P6 AA6 ILE B 45 ? HIS B 51 ? ILE B 47 HIS B 53 1 ? 7  
HELX_P HELX_P7 AA7 CYS B 71 ? PHE B 76 ? CYS B 73 PHE B 78 5 ? 6  
HELX_P HELX_P8 AA8 ILE B 89 ? GLY B 96 ? ILE B 91 GLY B 98 1 ? 8  
# 
_struct_conf_type.id          HELX_P 
_struct_conf_type.criteria    ? 
_struct_conf_type.reference   ? 
# 
loop_
_struct_conn.id 
_struct_conn.conn_type_id 
_struct_conn.pdbx_leaving_atom_flag 
_struct_conn.pdbx_PDB_id 
_struct_conn.ptnr1_label_asym_id 
_struct_conn.ptnr1_label_comp_id 
_struct_conn.ptnr1_label_seq_id 
_struct_conn.ptnr1_label_atom_id 
_struct_conn.pdbx_ptnr1_label_alt_id 
_struct_conn.pdbx_ptnr1_PDB_ins_code 
_struct_conn.pdbx_ptnr1_standard_comp_id 
_struct_conn.ptnr1_symmetry 
_struct_conn.ptnr2_label_asym_id 
_struct_conn.ptnr2_label_comp_id 
_struct_conn.ptnr2_label_seq_id 
_struct_conn.ptnr2_label_atom_id 
_struct_conn.pdbx_ptnr2_label_alt_id 
_struct_conn.pdbx_ptnr2_PDB_ins_code 
_struct_conn.ptnr1_auth_asym_id 
_struct_conn.ptnr1_auth_comp_id 
_struct_conn.ptnr1_auth_seq_id 
_struct_conn.ptnr2_auth_asym_id 
_struct_conn.ptnr2_auth_comp_id 
_struct_conn.ptnr2_auth_seq_id 
_struct_conn.ptnr2_symmetry 
_struct_conn.pdbx_ptnr3_label_atom_id 
_struct_conn.pdbx_ptnr3_label_seq_id 
_struct_conn.pdbx_ptnr3_label_comp_id 
_struct_conn.pdbx_ptnr3_label_asym_id 
_struct_conn.pdbx_ptnr3_label_alt_id 
_struct_conn.pdbx_ptnr3_PDB_ins_code 
_struct_conn.details 
_struct_conn.pdbx_dist_value 
_struct_conn.pdbx_value_order 
_struct_conn.pdbx_role 
metalc1  metalc ? ? A CYS 5  SG  ? ? ? 1_555 C ZN . ZN ? ? A CYS 7  A ZN 201 1_555 ? ? ? ? ? ? ? 2.375 ? ? 
metalc2  metalc ? ? A CYS 10 SG  ? ? ? 1_555 C ZN . ZN ? ? A CYS 12 A ZN 201 1_555 ? ? ? ? ? ? ? 2.351 ? ? 
metalc3  metalc ? ? A CYS 34 SG  ? ? ? 1_555 C ZN . ZN ? ? A CYS 36 A ZN 201 1_555 ? ? ? ? ? ? ? 2.269 ? ? 
metalc4  metalc ? ? A CYS 37 SG  ? ? ? 1_555 C ZN . ZN ? ? A CYS 39 A ZN 201 1_555 ? ? ? ? ? ? ? 2.422 ? ? 
metalc5  metalc ? ? A CYS 47 SG  ? ? ? 1_555 D ZN . ZN ? ? A CYS 49 A ZN 202 1_555 ? ? ? ? ? ? ? 2.310 ? ? 
metalc6  metalc ? ? A HIS 51 ND1 ? ? ? 1_555 D ZN . ZN ? ? A HIS 53 A ZN 202 1_555 ? ? ? ? ? ? ? 2.034 ? ? 
metalc7  metalc ? ? A CYS 60 SG  ? ? ? 1_555 E ZN . ZN ? ? A CYS 62 A ZN 203 1_555 ? ? ? ? ? ? ? 2.329 ? ? 
metalc8  metalc ? ? A CYS 63 SG  ? ? ? 1_555 E ZN . ZN ? ? A CYS 65 A ZN 203 1_555 ? ? ? ? ? ? ? 2.319 ? ? 
metalc9  metalc ? ? A HIS 68 ND1 ? ? ? 1_555 D ZN . ZN ? ? A HIS 70 A ZN 202 1_555 ? ? ? ? ? ? ? 2.038 ? ? 
metalc10 metalc ? ? A CYS 71 SG  ? ? ? 1_555 D ZN . ZN ? ? A CYS 73 A ZN 202 1_555 ? ? ? ? ? ? ? 2.278 ? ? 
metalc11 metalc ? ? A CYS 88 SG  ? ? ? 1_555 E ZN . ZN ? ? A CYS 90 A ZN 203 1_555 ? ? ? ? ? ? ? 2.358 ? ? 
metalc12 metalc ? ? A CYS 91 SG  ? ? ? 1_555 E ZN . ZN ? ? A CYS 93 A ZN 203 1_555 ? ? ? ? ? ? ? 2.331 ? ? 
metalc13 metalc ? ? B CYS 5  SG  ? ? ? 1_555 I ZN . ZN ? ? B CYS 7  B ZN 203 1_555 ? ? ? ? ? ? ? 2.332 ? ? 
metalc14 metalc ? ? B CYS 10 SG  ? ? ? 1_555 I ZN . ZN ? ? B CYS 12 B ZN 203 1_555 ? ? ? ? ? ? ? 2.326 ? ? 
metalc15 metalc ? ? B CYS 34 SG  ? ? ? 1_555 I ZN . ZN ? ? B CYS 36 B ZN 203 1_555 ? ? ? ? ? ? ? 2.359 ? ? 
metalc16 metalc ? ? B CYS 37 SG  ? ? ? 1_555 I ZN . ZN ? ? B CYS 39 B ZN 203 1_555 ? ? ? ? ? ? ? 2.365 ? ? 
metalc17 metalc ? ? B CYS 47 SG  ? ? ? 1_555 H ZN . ZN ? ? B CYS 49 B ZN 202 1_555 ? ? ? ? ? ? ? 2.388 ? ? 
metalc18 metalc ? ? B HIS 51 ND1 ? ? ? 1_555 H ZN . ZN ? ? B HIS 53 B ZN 202 1_555 ? ? ? ? ? ? ? 2.015 ? ? 
metalc19 metalc ? ? B CYS 60 SG  ? ? ? 1_555 G ZN . ZN ? ? B CYS 62 B ZN 201 1_555 ? ? ? ? ? ? ? 2.321 ? ? 
metalc20 metalc ? ? B CYS 63 SG  ? ? ? 1_555 G ZN . ZN ? ? B CYS 65 B ZN 201 1_555 ? ? ? ? ? ? ? 2.273 ? ? 
metalc21 metalc ? ? B HIS 68 ND1 ? ? ? 1_555 H ZN . ZN ? ? B HIS 70 B ZN 202 1_555 ? ? ? ? ? ? ? 2.137 ? ? 
metalc22 metalc ? ? B CYS 71 SG  ? ? ? 1_555 H ZN . ZN ? ? B CYS 73 B ZN 202 1_555 ? ? ? ? ? ? ? 2.305 ? ? 
metalc23 metalc ? ? B CYS 88 SG  ? ? ? 1_555 G ZN . ZN ? ? B CYS 90 B ZN 201 1_555 ? ? ? ? ? ? ? 2.382 ? ? 
metalc24 metalc ? ? B CYS 91 SG  ? ? ? 1_555 G ZN . ZN ? ? B CYS 93 B ZN 201 1_555 ? ? ? ? ? ? ? 2.442 ? ? 
# 
_struct_conn_type.id          metalc 
_struct_conn_type.criteria    ? 
_struct_conn_type.reference   ? 
# 
loop_
_struct_sheet.id 
_struct_sheet.type 
_struct_sheet.number_strands 
_struct_sheet.details 
AA1 ? 2 ? 
AA2 ? 2 ? 
AA3 ? 2 ? 
AA4 ? 2 ? 
AA5 ? 2 ? 
AA6 ? 2 ? 
# 
loop_
_struct_sheet_order.sheet_id 
_struct_sheet_order.range_id_1 
_struct_sheet_order.range_id_2 
_struct_sheet_order.offset 
_struct_sheet_order.sense 
AA1 1 2 ? anti-parallel 
AA2 1 2 ? anti-parallel 
AA3 1 2 ? anti-parallel 
AA4 1 2 ? anti-parallel 
AA5 1 2 ? anti-parallel 
AA6 1 2 ? anti-parallel 
# 
loop_
_struct_sheet_range.sheet_id 
_struct_sheet_range.id 
_struct_sheet_range.beg_label_comp_id 
_struct_sheet_range.beg_label_asym_id 
_struct_sheet_range.beg_label_seq_id 
_struct_sheet_range.pdbx_beg_PDB_ins_code 
_struct_sheet_range.end_label_comp_id 
_struct_sheet_range.end_label_asym_id 
_struct_sheet_range.end_label_seq_id 
_struct_sheet_range.pdbx_end_PDB_ins_code 
_struct_sheet_range.beg_auth_comp_id 
_struct_sheet_range.beg_auth_asym_id 
_struct_sheet_range.beg_auth_seq_id 
_struct_sheet_range.end_auth_comp_id 
_struct_sheet_range.end_auth_asym_id 
_struct_sheet_range.end_auth_seq_id 
AA1 1 LYS A 20 ? PRO A 24 ? LYS A 22 PRO A 26 
AA1 2 LEU A 30 ? LEU A 33 ? LEU A 32 LEU A 35 
AA2 1 TRP A 57 ? GLU A 59 ? TRP A 59 GLU A 61 
AA2 2 ARG A 66 ? HIS A 68 ? ARG A 68 HIS A 70 
AA3 1 MET A 78 ? LEU A 80 ? MET A 80 LEU A 82 
AA3 2 VAL A 86 ? CYS A 88 ? VAL A 88 CYS A 90 
AA4 1 LYS B 20 ? PRO B 24 ? LYS B 22 PRO B 26 
AA4 2 LEU B 30 ? LEU B 33 ? LEU B 32 LEU B 35 
AA5 1 TRP B 57 ? GLU B 59 ? TRP B 59 GLU B 61 
AA5 2 ARG B 66 ? HIS B 68 ? ARG B 68 HIS B 70 
AA6 1 MET B 78 ? LEU B 80 ? MET B 80 LEU B 82 
AA6 2 VAL B 86 ? CYS B 88 ? VAL B 88 CYS B 90 
# 
loop_
_pdbx_struct_sheet_hbond.sheet_id 
_pdbx_struct_sheet_hbond.range_id_1 
_pdbx_struct_sheet_hbond.range_id_2 
_pdbx_struct_sheet_hbond.range_1_label_atom_id 
_pdbx_struct_sheet_hbond.range_1_label_comp_id 
_pdbx_struct_sheet_hbond.range_1_label_asym_id 
_pdbx_struct_sheet_hbond.range_1_label_seq_id 
_pdbx_struct_sheet_hbond.range_1_PDB_ins_code 
_pdbx_struct_sheet_hbond.range_1_auth_atom_id 
_pdbx_struct_sheet_hbond.range_1_auth_comp_id 
_pdbx_struct_sheet_hbond.range_1_auth_asym_id 
_pdbx_struct_sheet_hbond.range_1_auth_seq_id 
_pdbx_struct_sheet_hbond.range_2_label_atom_id 
_pdbx_struct_sheet_hbond.range_2_label_comp_id 
_pdbx_struct_sheet_hbond.range_2_label_asym_id 
_pdbx_struct_sheet_hbond.range_2_label_seq_id 
_pdbx_struct_sheet_hbond.range_2_PDB_ins_code 
_pdbx_struct_sheet_hbond.range_2_auth_atom_id 
_pdbx_struct_sheet_hbond.range_2_auth_comp_id 
_pdbx_struct_sheet_hbond.range_2_auth_asym_id 
_pdbx_struct_sheet_hbond.range_2_auth_seq_id 
AA1 1 2 N LYS A 20 ? N LYS A 22 O LEU A 33 ? O LEU A 35 
AA2 1 2 N ARG A 58 ? N ARG A 60 O LEU A 67 ? O LEU A 69 
AA3 1 2 N GLU A 79 ? N GLU A 81 O THR A 87 ? O THR A 89 
AA4 1 2 N LYS B 20 ? N LYS B 22 O LEU B 33 ? O LEU B 35 
AA5 1 2 N ARG B 58 ? N ARG B 60 O LEU B 67 ? O LEU B 69 
AA6 1 2 N GLU B 79 ? N GLU B 81 O THR B 87 ? O THR B 89 
# 
loop_
_struct_site.id 
_struct_site.pdbx_evidence_code 
_struct_site.pdbx_auth_asym_id 
_struct_site.pdbx_auth_comp_id 
_struct_site.pdbx_auth_seq_id 
_struct_site.pdbx_auth_ins_code 
_struct_site.pdbx_num_residues 
_struct_site.details 
AC1 Software A ZN  201 ? 4 'binding site for residue ZN A 201'  
AC2 Software A ZN  202 ? 4 'binding site for residue ZN A 202'  
AC3 Software A ZN  203 ? 4 'binding site for residue ZN A 203'  
AC4 Software A GOL 204 ? 8 'binding site for residue GOL A 204' 
AC5 Software B ZN  201 ? 4 'binding site for residue ZN B 201'  
AC6 Software B ZN  202 ? 4 'binding site for residue ZN B 202'  
AC7 Software B ZN  203 ? 4 'binding site for residue ZN B 203'  
# 
loop_
_struct_site_gen.id 
_struct_site_gen.site_id 
_struct_site_gen.pdbx_num_res 
_struct_site_gen.label_comp_id 
_struct_site_gen.label_asym_id 
_struct_site_gen.label_seq_id 
_struct_site_gen.pdbx_auth_ins_code 
_struct_site_gen.auth_comp_id 
_struct_site_gen.auth_asym_id 
_struct_site_gen.auth_seq_id 
_struct_site_gen.label_atom_id 
_struct_site_gen.label_alt_id 
_struct_site_gen.symmetry 
_struct_site_gen.details 
1  AC1 4 CYS A 5  ? CYS A 7  . ? 1_555 ? 
2  AC1 4 CYS A 10 ? CYS A 12 . ? 1_555 ? 
3  AC1 4 CYS A 34 ? CYS A 36 . ? 1_555 ? 
4  AC1 4 CYS A 37 ? CYS A 39 . ? 1_555 ? 
5  AC2 4 CYS A 47 ? CYS A 49 . ? 1_555 ? 
6  AC2 4 HIS A 51 ? HIS A 53 . ? 1_555 ? 
7  AC2 4 HIS A 68 ? HIS A 70 . ? 1_555 ? 
8  AC2 4 CYS A 71 ? CYS A 73 . ? 1_555 ? 
9  AC3 4 CYS A 60 ? CYS A 62 . ? 1_555 ? 
10 AC3 4 CYS A 63 ? CYS A 65 . ? 1_555 ? 
11 AC3 4 CYS A 88 ? CYS A 90 . ? 1_555 ? 
12 AC3 4 CYS A 91 ? CYS A 93 . ? 1_555 ? 
13 AC4 8 TYR A 41 ? TYR A 43 . ? 1_555 ? 
14 AC4 8 SER A 44 ? SER A 46 . ? 1_555 ? 
15 AC4 8 ILE A 45 ? ILE A 47 . ? 1_555 ? 
16 AC4 8 PHE A 46 ? PHE A 48 . ? 1_555 ? 
17 AC4 8 CYS A 47 ? CYS A 49 . ? 1_555 ? 
18 AC4 8 GLU A 48 ? GLU A 50 . ? 1_555 ? 
19 AC4 8 SER A 74 ? SER A 76 . ? 1_555 ? 
20 AC4 8 MET A 77 ? MET A 79 . ? 1_555 ? 
21 AC5 4 CYS B 60 ? CYS B 62 . ? 1_555 ? 
22 AC5 4 CYS B 63 ? CYS B 65 . ? 1_555 ? 
23 AC5 4 CYS B 88 ? CYS B 90 . ? 1_555 ? 
24 AC5 4 CYS B 91 ? CYS B 93 . ? 1_555 ? 
25 AC6 4 CYS B 47 ? CYS B 49 . ? 1_555 ? 
26 AC6 4 HIS B 51 ? HIS B 53 . ? 1_555 ? 
27 AC6 4 HIS B 68 ? HIS B 70 . ? 1_555 ? 
28 AC6 4 CYS B 71 ? CYS B 73 . ? 1_555 ? 
29 AC7 4 CYS B 5  ? CYS B 7  . ? 1_555 ? 
30 AC7 4 CYS B 10 ? CYS B 12 . ? 1_555 ? 
31 AC7 4 CYS B 34 ? CYS B 36 . ? 1_555 ? 
32 AC7 4 CYS B 37 ? CYS B 39 . ? 1_555 ? 
# 
_atom_sites.entry_id                    5Z28 
_atom_sites.fract_transf_matrix[1][1]   0.00971400 
_atom_sites.fract_transf_matrix[1][2]   0.00863320 
_atom_sites.fract_transf_matrix[1][3]   0.00513875 
_atom_sites.fract_transf_matrix[2][1]   -0.00671874 
_atom_sites.fract_transf_matrix[2][2]   0.00084752 
_atom_sites.fract_transf_matrix[2][3]   0.01127687 
_atom_sites.fract_transf_matrix[3][1]   0.00665274 
_atom_sites.fract_transf_matrix[3][2]   -0.01030595 
_atom_sites.fract_transf_matrix[3][3]   0.00473824 
_atom_sites.fract_transf_vector[1]      0.198402 
_atom_sites.fract_transf_vector[2]      0.189679 
_atom_sites.fract_transf_vector[3]      0.112041 
# 
loop_
_atom_type.symbol 
C  
N  
O  
S  
ZN 
# 
loop_
_atom_site.group_PDB 
_atom_site.id 
_atom_site.type_symbol 
_atom_site.label_atom_id 
_atom_site.label_alt_id 
_atom_site.label_comp_id 
_atom_site.label_asym_id 
_atom_site.label_entity_id 
_atom_site.label_seq_id 
_atom_site.pdbx_PDB_ins_code 
_atom_site.Cartn_x 
_atom_site.Cartn_y 
_atom_site.Cartn_z 
_atom_site.occupancy 
_atom_site.B_iso_or_equiv 
_atom_site.pdbx_formal_charge 
_atom_site.auth_seq_id 
_atom_site.auth_comp_id 
_atom_site.auth_asym_id 
_atom_site.auth_atom_id 
_atom_site.pdbx_PDB_model_num 
ATOM   1    N  N   . ALA A 1 1  ? 19.148  2.394   -20.811 1.00 36.83 ? 3   ALA A N   1 
ATOM   2    C  CA  . ALA A 1 1  ? 19.057  3.140   -19.553 1.00 40.16 ? 3   ALA A CA  1 
ATOM   3    C  C   . ALA A 1 1  ? 20.306  2.948   -18.738 1.00 34.75 ? 3   ALA A C   1 
ATOM   4    O  O   . ALA A 1 1  ? 20.952  1.925   -18.846 1.00 43.67 ? 3   ALA A O   1 
ATOM   5    C  CB  . ALA A 1 1  ? 17.841  2.697   -18.728 1.00 38.31 ? 3   ALA A CB  1 
ATOM   6    N  N   . ILE A 1 2  ? 20.632  3.928   -17.901 1.00 37.24 ? 4   ILE A N   1 
ATOM   7    C  CA  . ILE A 1 2  ? 21.704  3.749   -16.932 1.00 38.67 ? 4   ILE A CA  1 
ATOM   8    C  C   . ILE A 1 2  ? 21.224  2.758   -15.875 1.00 40.05 ? 4   ILE A C   1 
ATOM   9    O  O   . ILE A 1 2  ? 20.096  2.858   -15.382 1.00 42.67 ? 4   ILE A O   1 
ATOM   10   C  CB  . ILE A 1 2  ? 22.101  5.091   -16.297 1.00 39.58 ? 4   ILE A CB  1 
ATOM   11   C  CG1 . ILE A 1 2  ? 22.389  6.138   -17.378 1.00 34.48 ? 4   ILE A CG1 1 
ATOM   12   C  CG2 . ILE A 1 2  ? 23.313  4.901   -15.391 1.00 35.72 ? 4   ILE A CG2 1 
ATOM   13   C  CD1 . ILE A 1 2  ? 21.864  7.551   -17.060 1.00 36.71 ? 4   ILE A CD1 1 
ATOM   14   N  N   . LYS A 1 3  ? 22.068  1.781   -15.558 1.00 37.25 ? 5   LYS A N   1 
ATOM   15   C  CA  . LYS A 1 3  ? 21.725  0.810   -14.531 1.00 36.53 ? 5   LYS A CA  1 
ATOM   16   C  C   . LYS A 1 3  ? 22.215  1.331   -13.183 1.00 37.74 ? 5   LYS A C   1 
ATOM   17   O  O   . LYS A 1 3  ? 23.402  1.633   -13.014 1.00 38.16 ? 5   LYS A O   1 
ATOM   18   C  CB  . LYS A 1 3  ? 22.337  -0.558  -14.848 1.00 33.30 ? 5   LYS A CB  1 
ATOM   19   C  CG  . LYS A 1 3  ? 21.755  -1.694  -14.018 1.00 35.39 ? 5   LYS A CG  1 
ATOM   20   C  CD  . LYS A 1 3  ? 21.980  -3.035  -14.681 1.00 37.79 ? 5   LYS A CD  1 
ATOM   21   C  CE  . LYS A 1 3  ? 21.386  -3.110  -16.070 1.00 39.43 ? 5   LYS A CE  1 
ATOM   22   N  NZ  . LYS A 1 3  ? 21.723  -4.438  -16.698 1.00 35.24 ? 5   LYS A NZ  1 
ATOM   23   N  N   . VAL A 1 4  ? 21.296  1.401   -12.222 1.00 36.60 ? 6   VAL A N   1 
ATOM   24   C  CA  . VAL A 1 4  ? 21.556  1.957   -10.900 1.00 35.59 ? 6   VAL A CA  1 
ATOM   25   C  C   . VAL A 1 4  ? 20.740  1.154   -9.893  1.00 33.71 ? 6   VAL A C   1 
ATOM   26   O  O   . VAL A 1 4  ? 19.705  0.576   -10.238 1.00 32.81 ? 6   VAL A O   1 
ATOM   27   C  CB  . VAL A 1 4  ? 21.198  3.462   -10.865 1.00 38.22 ? 6   VAL A CB  1 
ATOM   28   C  CG1 . VAL A 1 4  ? 19.697  3.664   -11.049 1.00 40.73 ? 6   VAL A CG1 1 
ATOM   29   C  CG2 . VAL A 1 4  ? 21.669  4.098   -9.593  1.00 38.60 ? 6   VAL A CG2 1 
ATOM   30   N  N   . CYS A 1 5  ? 21.212  1.097   -8.642  1.00 32.71 ? 7   CYS A N   1 
ATOM   31   C  CA  . CYS A 1 5  ? 20.459  0.377   -7.617  1.00 29.53 ? 7   CYS A CA  1 
ATOM   32   C  C   . CYS A 1 5  ? 19.079  0.995   -7.448  1.00 30.50 ? 7   CYS A C   1 
ATOM   33   O  O   . CYS A 1 5  ? 18.945  2.208   -7.263  1.00 31.41 ? 7   CYS A O   1 
ATOM   34   C  CB  . CYS A 1 5  ? 21.195  0.380   -6.278  1.00 28.36 ? 7   CYS A CB  1 
ATOM   35   S  SG  . CYS A 1 5  ? 20.298  -0.574  -4.989  1.00 29.45 ? 7   CYS A SG  1 
ATOM   36   N  N   . MET A 1 6  ? 18.051  0.157   -7.497  1.00 28.73 ? 8   MET A N   1 
ATOM   37   C  CA  . MET A 1 6  ? 16.678  0.647   -7.458  1.00 27.99 ? 8   MET A CA  1 
ATOM   38   C  C   . MET A 1 6  ? 16.185  0.948   -6.045  1.00 27.37 ? 8   MET A C   1 
ATOM   39   O  O   . MET A 1 6  ? 15.026  1.346   -5.884  1.00 28.29 ? 8   MET A O   1 
ATOM   40   C  CB  . MET A 1 6  ? 15.748  -0.362  -8.141  1.00 23.75 ? 8   MET A CB  1 
ATOM   41   C  CG  . MET A 1 6  ? 16.008  -0.498  -9.648  1.00 32.37 ? 8   MET A CG  1 
ATOM   42   S  SD  . MET A 1 6  ? 15.633  1.058   -10.460 1.00 45.59 ? 8   MET A SD  1 
ATOM   43   C  CE  . MET A 1 6  ? 13.908  1.240   -9.982  1.00 35.25 ? 8   MET A CE  1 
ATOM   44   N  N   . ASN A 1 7  ? 17.012  0.755   -5.024  1.00 24.08 ? 9   ASN A N   1 
ATOM   45   C  CA  . ASN A 1 7  ? 16.756  1.366   -3.720  1.00 26.53 ? 9   ASN A CA  1 
ATOM   46   C  C   . ASN A 1 7  ? 17.074  2.848   -3.884  1.00 28.36 ? 9   ASN A C   1 
ATOM   47   O  O   . ASN A 1 7  ? 18.246  3.241   -3.981  1.00 28.53 ? 9   ASN A O   1 
ATOM   48   C  CB  . ASN A 1 7  ? 17.609  0.689   -2.648  1.00 27.48 ? 9   ASN A CB  1 
ATOM   49   C  CG  . ASN A 1 7  ? 17.544  1.391   -1.286  1.00 28.85 ? 9   ASN A CG  1 
ATOM   50   O  OD1 . ASN A 1 7  ? 16.748  2.302   -1.064  1.00 27.90 ? 9   ASN A OD1 1 
ATOM   51   N  ND2 . ASN A 1 7  ? 18.370  0.935   -0.364  1.00 26.42 ? 9   ASN A ND2 1 
ATOM   52   N  N   . ALA A 1 8  ? 16.018  3.668   -3.971  1.00 24.06 ? 10  ALA A N   1 
ATOM   53   C  CA  . ALA A 1 8  ? 16.192  5.087   -4.249  1.00 28.49 ? 10  ALA A CA  1 
ATOM   54   C  C   . ALA A 1 8  ? 17.005  5.784   -3.161  1.00 31.55 ? 10  ALA A C   1 
ATOM   55   O  O   . ALA A 1 8  ? 17.678  6.782   -3.440  1.00 30.61 ? 10  ALA A O   1 
ATOM   56   C  CB  . ALA A 1 8  ? 14.827  5.770   -4.412  1.00 32.96 ? 10  ALA A CB  1 
ATOM   57   N  N   . LEU A 1 9  ? 17.016  5.252   -1.939  1.00 27.18 ? 11  LEU A N   1 
ATOM   58   C  CA  . LEU A 1 9  ? 17.841  5.837   -0.889  1.00 32.16 ? 11  LEU A CA  1 
ATOM   59   C  C   . LEU A 1 9  ? 19.274  5.335   -0.936  1.00 31.34 ? 11  LEU A C   1 
ATOM   60   O  O   . LEU A 1 9  ? 20.081  5.699   -0.072  1.00 34.34 ? 11  LEU A O   1 
ATOM   61   C  CB  . LEU A 1 9  ? 17.238  5.561   0.500   1.00 31.59 ? 11  LEU A CB  1 
ATOM   62   C  CG  . LEU A 1 9  ? 15.730  5.789   0.653   1.00 32.27 ? 11  LEU A CG  1 
ATOM   63   C  CD1 . LEU A 1 9  ? 15.199  5.170   1.951   1.00 32.09 ? 11  LEU A CD1 1 
ATOM   64   C  CD2 . LEU A 1 9  ? 15.442  7.291   0.572   1.00 28.50 ? 11  LEU A CD2 1 
ATOM   65   N  N   . CYS A 1 10 ? 19.614  4.559   -1.962  1.00 30.11 ? 12  CYS A N   1 
ATOM   66   C  CA  . CYS A 1 10 ? 20.986  4.111   -2.208  1.00 32.97 ? 12  CYS A CA  1 
ATOM   67   C  C   . CYS A 1 10 ? 21.469  4.672   -3.536  1.00 30.43 ? 12  CYS A C   1 
ATOM   68   O  O   . CYS A 1 10 ? 22.396  5.491   -3.561  1.00 28.03 ? 12  CYS A O   1 
ATOM   69   C  CB  . CYS A 1 10 ? 21.039  2.579   -2.161  1.00 30.47 ? 12  CYS A CB  1 
ATOM   70   S  SG  . CYS A 1 10 ? 22.572  1.824   -2.785  1.00 30.27 ? 12  CYS A SG  1 
ATOM   71   N  N   . GLY A 1 11 ? 20.859  4.268   -4.650  1.00 31.82 ? 13  GLY A N   1 
ATOM   72   C  CA  . GLY A 1 11 ? 21.216  4.797   -5.946  1.00 31.04 ? 13  GLY A CA  1 
ATOM   73   C  C   . GLY A 1 11 ? 22.654  4.574   -6.329  1.00 35.15 ? 13  GLY A C   1 
ATOM   74   O  O   . GLY A 1 11 ? 23.180  5.331   -7.150  1.00 36.33 ? 13  GLY A O   1 
ATOM   75   N  N   . ALA A 1 12 ? 23.305  3.553   -5.763  1.00 28.06 ? 14  ALA A N   1 
ATOM   76   C  CA  . ALA A 1 12 ? 24.662  3.227   -6.178  1.00 31.41 ? 14  ALA A CA  1 
ATOM   77   C  C   . ALA A 1 12 ? 24.691  2.947   -7.670  1.00 35.34 ? 14  ALA A C   1 
ATOM   78   O  O   . ALA A 1 12 ? 23.775  2.324   -8.225  1.00 36.20 ? 14  ALA A O   1 
ATOM   79   C  CB  . ALA A 1 12 ? 25.187  2.014   -5.413  1.00 27.15 ? 14  ALA A CB  1 
ATOM   80   N  N   . ALA A 1 13 ? 25.744  3.437   -8.323  1.00 35.78 ? 15  ALA A N   1 
ATOM   81   C  CA  . ALA A 1 13 ? 25.893  3.291   -9.763  1.00 37.87 ? 15  ALA A CA  1 
ATOM   82   C  C   . ALA A 1 13 ? 26.815  2.149   -10.154 1.00 34.91 ? 15  ALA A C   1 
ATOM   83   O  O   . ALA A 1 13 ? 26.992  1.896   -11.350 1.00 36.14 ? 15  ALA A O   1 
ATOM   84   C  CB  . ALA A 1 13 ? 26.409  4.601   -10.372 1.00 37.74 ? 15  ALA A CB  1 
ATOM   85   N  N   . SER A 1 14 ? 27.365  1.428   -9.177  1.00 34.09 ? 16  SER A N   1 
ATOM   86   C  CA  . SER A 1 14 ? 28.239  0.292   -9.424  1.00 34.59 ? 16  SER A CA  1 
ATOM   87   C  C   . SER A 1 14 ? 27.963  -0.778  -8.377  1.00 32.84 ? 16  SER A C   1 
ATOM   88   O  O   . SER A 1 14 ? 27.312  -0.527  -7.362  1.00 36.02 ? 16  SER A O   1 
ATOM   89   C  CB  . SER A 1 14 ? 29.715  0.708   -9.387  1.00 36.34 ? 16  SER A CB  1 
ATOM   90   O  OG  . SER A 1 14 ? 30.091  1.090   -8.070  1.00 41.94 ? 16  SER A OG  1 
ATOM   91   N  N   . THR A 1 15 ? 28.475  -1.979  -8.615  1.00 32.36 ? 17  THR A N   1 
ATOM   92   C  CA  . THR A 1 15 ? 28.249  -3.064  -7.669  1.00 36.75 ? 17  THR A CA  1 
ATOM   93   C  C   . THR A 1 15 ? 29.326  -4.123  -7.858  1.00 33.70 ? 17  THR A C   1 
ATOM   94   O  O   . THR A 1 15 ? 29.949  -4.212  -8.918  1.00 38.56 ? 17  THR A O   1 
ATOM   95   C  CB  . THR A 1 15 ? 26.842  -3.677  -7.820  1.00 34.04 ? 17  THR A CB  1 
ATOM   96   O  OG1 . THR A 1 15 ? 26.566  -4.526  -6.699  1.00 34.04 ? 17  THR A OG1 1 
ATOM   97   C  CG2 . THR A 1 15 ? 26.720  -4.482  -9.121  1.00 32.22 ? 17  THR A CG2 1 
ATOM   98   N  N   . SER A 1 16 ? 29.502  -4.947  -6.826  1.00 32.87 ? 18  SER A N   1 
ATOM   99   C  CA  . SER A 1 16 ? 30.430  -6.071  -6.860  1.00 40.31 ? 18  SER A CA  1 
ATOM   100  C  C   . SER A 1 16 ? 29.695  -7.306  -7.358  1.00 40.43 ? 18  SER A C   1 
ATOM   101  O  O   . SER A 1 16 ? 28.644  -7.670  -6.824  1.00 43.01 ? 18  SER A O   1 
ATOM   102  C  CB  . SER A 1 16 ? 31.023  -6.352  -5.477  1.00 41.80 ? 18  SER A CB  1 
ATOM   103  O  OG  . SER A 1 16 ? 32.049  -5.429  -5.165  1.00 52.34 ? 18  SER A OG  1 
ATOM   104  N  N   . GLY A 1 17 ? 30.272  -7.966  -8.352  1.00 34.67 ? 19  GLY A N   1 
ATOM   105  C  CA  . GLY A 1 17 ? 29.612  -9.084  -8.972  1.00 36.01 ? 19  GLY A CA  1 
ATOM   106  C  C   . GLY A 1 17 ? 28.579  -8.577  -9.963  1.00 35.44 ? 19  GLY A C   1 
ATOM   107  O  O   . GLY A 1 17 ? 28.657  -7.447  -10.475 1.00 36.95 ? 19  GLY A O   1 
ATOM   108  N  N   . GLU A 1 18 ? 27.614  -9.428  -10.266 1.00 34.39 ? 20  GLU A N   1 
ATOM   109  C  CA  . GLU A 1 18 ? 26.537  -8.924  -11.103 1.00 38.51 ? 20  GLU A CA  1 
ATOM   110  C  C   . GLU A 1 18 ? 25.465  -8.277  -10.223 1.00 35.86 ? 20  GLU A C   1 
ATOM   111  O  O   . GLU A 1 18 ? 25.375  -8.549  -9.022  1.00 35.03 ? 20  GLU A O   1 
ATOM   112  C  CB  . GLU A 1 18 ? 25.947  -10.042 -11.973 1.00 38.50 ? 20  GLU A CB  1 
ATOM   113  C  CG  . GLU A 1 18 ? 25.648  -11.331 -11.249 1.00 36.82 ? 20  GLU A CG  1 
ATOM   114  C  CD  . GLU A 1 18 ? 24.982  -12.360 -12.154 1.00 38.47 ? 20  GLU A CD  1 
ATOM   115  O  OE1 . GLU A 1 18 ? 23.950  -12.937 -11.733 1.00 43.07 ? 20  GLU A OE1 1 
ATOM   116  O  OE2 . GLU A 1 18 ? 25.480  -12.581 -13.282 1.00 31.19 ? 20  GLU A OE2 1 
ATOM   117  N  N   . TRP A 1 19 ? 24.688  -7.372  -10.831 1.00 30.63 ? 21  TRP A N   1 
ATOM   118  C  CA  . TRP A 1 19 ? 23.491  -6.827  -10.198 1.00 32.58 ? 21  TRP A CA  1 
ATOM   119  C  C   . TRP A 1 19 ? 22.574  -7.948  -9.711  1.00 29.85 ? 21  TRP A C   1 
ATOM   120  O  O   . TRP A 1 19 ? 22.492  -9.009  -10.333 1.00 31.21 ? 21  TRP A O   1 
ATOM   121  C  CB  . TRP A 1 19 ? 22.751  -5.904  -11.177 1.00 32.76 ? 21  TRP A CB  1 
ATOM   122  C  CG  . TRP A 1 19 ? 23.489  -4.648  -11.405 1.00 33.97 ? 21  TRP A CG  1 
ATOM   123  C  CD1 . TRP A 1 19 ? 24.303  -4.352  -12.461 1.00 31.56 ? 21  TRP A CD1 1 
ATOM   124  C  CD2 . TRP A 1 19 ? 23.525  -3.503  -10.533 1.00 33.66 ? 21  TRP A CD2 1 
ATOM   125  N  NE1 . TRP A 1 19 ? 24.843  -3.095  -12.303 1.00 32.94 ? 21  TRP A NE1 1 
ATOM   126  C  CE2 . TRP A 1 19 ? 24.388  -2.555  -11.127 1.00 32.65 ? 21  TRP A CE2 1 
ATOM   127  C  CE3 . TRP A 1 19 ? 22.921  -3.194  -9.307  1.00 34.06 ? 21  TRP A CE3 1 
ATOM   128  C  CZ2 . TRP A 1 19 ? 24.655  -1.309  -10.543 1.00 32.80 ? 21  TRP A CZ2 1 
ATOM   129  C  CZ3 . TRP A 1 19 ? 23.182  -1.937  -8.724  1.00 33.38 ? 21  TRP A CZ3 1 
ATOM   130  C  CH2 . TRP A 1 19 ? 24.044  -1.017  -9.348  1.00 34.67 ? 21  TRP A CH2 1 
ATOM   131  N  N   . LYS A 1 20 ? 21.915  -7.734  -8.565  1.00 31.38 ? 22  LYS A N   1 
ATOM   132  C  CA  . LYS A 1 20 ? 21.071  -8.756  -7.941  1.00 30.65 ? 22  LYS A CA  1 
ATOM   133  C  C   . LYS A 1 20 ? 19.597  -8.562  -8.298  1.00 30.59 ? 22  LYS A C   1 
ATOM   134  O  O   . LYS A 1 20 ? 19.158  -7.465  -8.643  1.00 30.86 ? 22  LYS A O   1 
ATOM   135  C  CB  . LYS A 1 20 ? 21.241  -8.744  -6.423  1.00 29.04 ? 22  LYS A CB  1 
ATOM   136  C  CG  . LYS A 1 20 ? 22.654  -9.083  -5.960  1.00 32.88 ? 22  LYS A CG  1 
ATOM   137  C  CD  . LYS A 1 20 ? 22.675  -9.582  -4.519  1.00 40.08 ? 22  LYS A CD  1 
ATOM   138  C  CE  . LYS A 1 20 ? 23.890  -10.468 -4.234  1.00 42.45 ? 22  LYS A CE  1 
ATOM   139  N  NZ  . LYS A 1 20 ? 23.616  -11.454 -3.147  1.00 44.27 ? 22  LYS A NZ  1 
ATOM   140  N  N   . LYS A 1 21 ? 18.819  -9.640  -8.194  1.00 31.75 ? 23  LYS A N   1 
ATOM   141  C  CA  . LYS A 1 21 ? 17.410  -9.552  -8.551  1.00 28.19 ? 23  LYS A CA  1 
ATOM   142  C  C   . LYS A 1 21 ? 16.597  -8.948  -7.418  1.00 32.59 ? 23  LYS A C   1 
ATOM   143  O  O   . LYS A 1 21 ? 16.569  -9.492  -6.305  1.00 30.38 ? 23  LYS A O   1 
ATOM   144  C  CB  . LYS A 1 21 ? 16.834  -10.936 -8.834  1.00 33.94 ? 23  LYS A CB  1 
ATOM   145  C  CG  . LYS A 1 21 ? 17.591  -11.810 -9.812  1.00 43.83 ? 23  LYS A CG  1 
ATOM   146  C  CD  . LYS A 1 21 ? 17.027  -11.661 -11.247 1.00 49.47 ? 23  LYS A CD  1 
ATOM   147  C  CE  . LYS A 1 21 ? 17.802  -12.644 -12.184 1.00 55.30 ? 23  LYS A CE  1 
ATOM   148  N  NZ  . LYS A 1 21 ? 16.876  -13.303 -13.169 1.00 62.83 ? 23  LYS A NZ  1 
ATOM   149  N  N   . GLY A 1 22 ? 15.807  -7.929  -7.751  1.00 30.95 ? 24  GLY A N   1 
ATOM   150  C  CA  . GLY A 1 22 ? 14.995  -7.328  -6.718  1.00 22.82 ? 24  GLY A CA  1 
ATOM   151  C  C   . GLY A 1 22 ? 13.528  -7.674  -6.836  1.00 25.41 ? 24  GLY A C   1 
ATOM   152  O  O   . GLY A 1 22 ? 13.148  -8.728  -7.360  1.00 25.22 ? 24  GLY A O   1 
ATOM   153  N  N   . TRP A 1 23 ? 12.691  -6.758  -6.383  1.00 25.62 ? 25  TRP A N   1 
ATOM   154  C  CA  . TRP A 1 23 ? 11.254  -6.917  -6.412  1.00 25.93 ? 25  TRP A CA  1 
ATOM   155  C  C   . TRP A 1 23 ? 10.719  -6.604  -7.800  1.00 25.50 ? 25  TRP A C   1 
ATOM   156  O  O   . TRP A 1 23 ? 11.370  -5.897  -8.573  1.00 25.39 ? 25  TRP A O   1 
ATOM   157  C  CB  . TRP A 1 23 ? 10.603  -5.976  -5.407  1.00 25.65 ? 25  TRP A CB  1 
ATOM   158  C  CG  . TRP A 1 23 ? 11.085  -4.570  -5.616  1.00 24.82 ? 25  TRP A CG  1 
ATOM   159  C  CD1 . TRP A 1 23 ? 10.629  -3.665  -6.541  1.00 21.32 ? 25  TRP A CD1 1 
ATOM   160  C  CD2 . TRP A 1 23 ? 12.106  -3.909  -4.879  1.00 22.59 ? 25  TRP A CD2 1 
ATOM   161  N  NE1 . TRP A 1 23 ? 11.317  -2.490  -6.427  1.00 23.71 ? 25  TRP A NE1 1 
ATOM   162  C  CE2 . TRP A 1 23 ? 12.226  -2.604  -5.407  1.00 24.29 ? 25  TRP A CE2 1 
ATOM   163  C  CE3 . TRP A 1 23 ? 12.923  -4.285  -3.812  1.00 20.30 ? 25  TRP A CE3 1 
ATOM   164  C  CZ2 . TRP A 1 23 ? 13.139  -1.673  -4.903  1.00 21.00 ? 25  TRP A CZ2 1 
ATOM   165  C  CZ3 . TRP A 1 23 ? 13.835  -3.353  -3.310  1.00 18.49 ? 25  TRP A CZ3 1 
ATOM   166  C  CH2 . TRP A 1 23 ? 13.933  -2.072  -3.856  1.00 20.45 ? 25  TRP A CH2 1 
ATOM   167  N  N   . PRO A 1 24 ? 9.531   -7.109  -8.137  1.00 28.14 ? 26  PRO A N   1 
ATOM   168  C  CA  . PRO A 1 24 ? 8.862   -6.669  -9.368  1.00 26.14 ? 26  PRO A CA  1 
ATOM   169  C  C   . PRO A 1 24 ? 8.515   -5.186  -9.325  1.00 31.13 ? 26  PRO A C   1 
ATOM   170  O  O   . PRO A 1 24 ? 7.933   -4.688  -8.351  1.00 26.76 ? 26  PRO A O   1 
ATOM   171  C  CB  . PRO A 1 24 ? 7.595   -7.530  -9.419  1.00 24.01 ? 26  PRO A CB  1 
ATOM   172  C  CG  . PRO A 1 24 ? 7.842   -8.666  -8.510  1.00 30.27 ? 26  PRO A CG  1 
ATOM   173  C  CD  . PRO A 1 24 ? 8.770   -8.167  -7.440  1.00 29.06 ? 26  PRO A CD  1 
ATOM   174  N  N   . MET A 1 25 ? 8.912   -4.473  -10.379 1.00 29.48 ? 27  MET A N   1 
ATOM   175  C  CA  . MET A 1 25 ? 8.523   -3.085  -10.567 1.00 32.25 ? 27  MET A CA  1 
ATOM   176  C  C   . MET A 1 25 ? 7.136   -3.016  -11.208 1.00 31.49 ? 27  MET A C   1 
ATOM   177  O  O   . MET A 1 25 ? 6.574   -4.026  -11.633 1.00 28.64 ? 27  MET A O   1 
ATOM   178  C  CB  . MET A 1 25 ? 9.559   -2.354  -11.425 1.00 30.96 ? 27  MET A CB  1 
ATOM   179  C  CG  . MET A 1 25 ? 10.985  -2.499  -10.889 1.00 31.87 ? 27  MET A CG  1 
ATOM   180  S  SD  . MET A 1 25 ? 12.271  -1.532  -11.737 1.00 38.87 ? 27  MET A SD  1 
ATOM   181  C  CE  . MET A 1 25 ? 12.153  -2.168  -13.411 1.00 34.52 ? 27  MET A CE  1 
ATOM   182  N  N   . ARG A 1 26 ? 6.597   -1.795  -11.310 1.00 34.35 ? 28  ARG A N   1 
ATOM   183  C  CA  . ARG A 1 26 ? 5.262   -1.600  -11.887 1.00 31.67 ? 28  ARG A CA  1 
ATOM   184  C  C   . ARG A 1 26 ? 5.156   -2.206  -13.284 1.00 32.54 ? 28  ARG A C   1 
ATOM   185  O  O   . ARG A 1 26 ? 4.094   -2.713  -13.671 1.00 31.64 ? 28  ARG A O   1 
ATOM   186  C  CB  . ARG A 1 26 ? 4.947   -0.101  -11.918 1.00 29.90 ? 28  ARG A CB  1 
ATOM   187  C  CG  . ARG A 1 26 ? 4.578   0.495   -10.546 1.00 33.73 ? 28  ARG A CG  1 
ATOM   188  C  CD  . ARG A 1 26 ? 4.635   2.037   -10.557 1.00 37.19 ? 28  ARG A CD  1 
ATOM   189  N  NE  . ARG A 1 26 ? 3.758   2.705   -11.523 1.00 39.52 ? 28  ARG A NE  1 
ATOM   190  C  CZ  . ARG A 1 26 ? 2.518   3.110   -11.263 1.00 41.86 ? 28  ARG A CZ  1 
ATOM   191  N  NH1 . ARG A 1 26 ? 1.804   3.706   -12.207 1.00 39.58 ? 28  ARG A NH1 1 
ATOM   192  N  NH2 . ARG A 1 26 ? 1.990   2.926   -10.053 1.00 42.22 ? 28  ARG A NH2 1 
ATOM   193  N  N   . SER A 1 27 ? 6.240   -2.169  -14.058 1.00 30.43 ? 29  SER A N   1 
ATOM   194  C  CA  . SER A 1 27 ? 6.243   -2.777  -15.379 1.00 31.50 ? 29  SER A CA  1 
ATOM   195  C  C   . SER A 1 27 ? 6.311   -4.303  -15.345 1.00 36.21 ? 29  SER A C   1 
ATOM   196  O  O   . SER A 1 27 ? 6.166   -4.936  -16.399 1.00 31.88 ? 29  SER A O   1 
ATOM   197  C  CB  . SER A 1 27 ? 7.427   -2.236  -16.171 1.00 30.02 ? 29  SER A CB  1 
ATOM   198  O  OG  . SER A 1 27 ? 8.615   -2.803  -15.663 1.00 34.60 ? 29  SER A OG  1 
ATOM   199  N  N   . GLY A 1 28 ? 6.565   -4.913  -14.186 1.00 35.55 ? 30  GLY A N   1 
ATOM   200  C  CA  . GLY A 1 28 ? 6.725   -6.347  -14.088 1.00 31.59 ? 30  GLY A CA  1 
ATOM   201  C  C   . GLY A 1 28 ? 8.170   -6.823  -14.105 1.00 32.67 ? 30  GLY A C   1 
ATOM   202  O  O   . GLY A 1 28 ? 8.448   -7.923  -13.614 1.00 33.76 ? 30  GLY A O   1 
ATOM   203  N  N   . ASP A 1 29 ? 9.094   -6.036  -14.664 1.00 31.73 ? 31  ASP A N   1 
ATOM   204  C  CA  . ASP A 1 29 ? 10.489  -6.447  -14.629 1.00 33.55 ? 31  ASP A CA  1 
ATOM   205  C  C   . ASP A 1 29 ? 11.021  -6.391  -13.200 1.00 32.73 ? 31  ASP A C   1 
ATOM   206  O  O   . ASP A 1 29 ? 10.543  -5.623  -12.359 1.00 29.85 ? 31  ASP A O   1 
ATOM   207  C  CB  . ASP A 1 29 ? 11.365  -5.554  -15.513 1.00 38.56 ? 31  ASP A CB  1 
ATOM   208  C  CG  . ASP A 1 29 ? 10.971  -5.593  -16.983 1.00 45.32 ? 31  ASP A CG  1 
ATOM   209  O  OD1 . ASP A 1 29 ? 11.325  -4.645  -17.705 1.00 50.29 ? 31  ASP A OD1 1 
ATOM   210  O  OD2 . ASP A 1 29 ? 10.356  -6.582  -17.434 1.00 51.70 ? 31  ASP A OD2 1 
ATOM   211  N  N   . LEU A 1 30 ? 12.060  -7.184  -12.944 1.00 28.77 ? 32  LEU A N   1 
ATOM   212  C  CA  . LEU A 1 30 ? 12.657  -7.224  -11.616 1.00 30.56 ? 32  LEU A CA  1 
ATOM   213  C  C   . LEU A 1 30 ? 13.649  -6.087  -11.434 1.00 28.51 ? 32  LEU A C   1 
ATOM   214  O  O   . LEU A 1 30 ? 14.434  -5.775  -12.331 1.00 25.32 ? 32  LEU A O   1 
ATOM   215  C  CB  . LEU A 1 30 ? 13.353  -8.566  -11.359 1.00 25.85 ? 32  LEU A CB  1 
ATOM   216  C  CG  . LEU A 1 30 ? 12.511  -9.781  -10.943 1.00 33.96 ? 32  LEU A CG  1 
ATOM   217  C  CD1 . LEU A 1 30 ? 11.155  -9.861  -11.600 1.00 32.32 ? 32  LEU A CD1 1 
ATOM   218  C  CD2 . LEU A 1 30 ? 13.302  -11.070 -11.167 1.00 36.08 ? 32  LEU A CD2 1 
ATOM   219  N  N   . ALA A 1 31 ? 13.634  -5.499  -10.245 1.00 26.59 ? 33  ALA A N   1 
ATOM   220  C  CA  . ALA A 1 31 ? 14.517  -4.384  -9.940  1.00 30.02 ? 33  ALA A CA  1 
ATOM   221  C  C   . ALA A 1 31 ? 15.969  -4.845  -9.885  1.00 30.87 ? 33  ALA A C   1 
ATOM   222  O  O   . ALA A 1 31 ? 16.267  -5.982  -9.506  1.00 26.55 ? 33  ALA A O   1 
ATOM   223  C  CB  . ALA A 1 31 ? 14.133  -3.760  -8.598  1.00 22.15 ? 33  ALA A CB  1 
ATOM   224  N  N   . SER A 1 32 ? 16.878  -3.934  -10.241 1.00 23.93 ? 34  SER A N   1 
ATOM   225  C  CA  . SER A 1 32 ? 18.313  -4.148  -10.071 1.00 27.66 ? 34  SER A CA  1 
ATOM   226  C  C   . SER A 1 32 ? 18.739  -3.654  -8.696  1.00 26.75 ? 34  SER A C   1 
ATOM   227  O  O   . SER A 1 32 ? 18.505  -2.492  -8.359  1.00 29.91 ? 34  SER A O   1 
ATOM   228  C  CB  . SER A 1 32 ? 19.123  -3.417  -11.146 1.00 29.69 ? 34  SER A CB  1 
ATOM   229  O  OG  . SER A 1 32 ? 19.147  -4.138  -12.362 1.00 40.25 ? 34  SER A OG  1 
ATOM   230  N  N   . LEU A 1 33 ? 19.354  -4.528  -7.899  1.00 28.39 ? 35  LEU A N   1 
ATOM   231  C  CA  . LEU A 1 33 ? 19.839  -4.144  -6.583  1.00 25.25 ? 35  LEU A CA  1 
ATOM   232  C  C   . LEU A 1 33 ? 21.339  -4.382  -6.477  1.00 27.99 ? 35  LEU A C   1 
ATOM   233  O  O   . LEU A 1 33 ? 21.856  -5.395  -6.963  1.00 24.68 ? 35  LEU A O   1 
ATOM   234  C  CB  . LEU A 1 33 ? 19.101  -4.902  -5.479  1.00 25.68 ? 35  LEU A CB  1 
ATOM   235  C  CG  . LEU A 1 33 ? 17.596  -4.614  -5.407  1.00 26.21 ? 35  LEU A CG  1 
ATOM   236  C  CD1 . LEU A 1 33 ? 16.906  -5.391  -4.251  1.00 22.39 ? 35  LEU A CD1 1 
ATOM   237  C  CD2 . LEU A 1 33 ? 17.343  -3.104  -5.282  1.00 23.51 ? 35  LEU A CD2 1 
ATOM   238  N  N   . CYS A 1 34 ? 22.027  -3.451  -5.804  1.00 26.39 ? 36  CYS A N   1 
ATOM   239  C  CA  . CYS A 1 34 ? 23.452  -3.590  -5.512  1.00 30.98 ? 36  CYS A CA  1 
ATOM   240  C  C   . CYS A 1 34 ? 23.684  -4.771  -4.583  1.00 31.04 ? 36  CYS A C   1 
ATOM   241  O  O   . CYS A 1 34 ? 22.732  -5.457  -4.197  1.00 31.27 ? 36  CYS A O   1 
ATOM   242  C  CB  . CYS A 1 34 ? 24.035  -2.293  -4.915  1.00 30.05 ? 36  CYS A CB  1 
ATOM   243  S  SG  . CYS A 1 34 ? 23.514  -1.855  -3.209  1.00 28.44 ? 36  CYS A SG  1 
ATOM   244  N  N   . ASP A 1 35 ? 24.948  -5.034  -4.238  1.00 32.47 ? 37  ASP A N   1 
ATOM   245  C  CA  . ASP A 1 35 ? 25.258  -6.204  -3.421  1.00 34.39 ? 37  ASP A CA  1 
ATOM   246  C  C   . ASP A 1 35 ? 24.650  -6.099  -2.019  1.00 35.98 ? 37  ASP A C   1 
ATOM   247  O  O   . ASP A 1 35 ? 24.158  -7.099  -1.471  1.00 36.01 ? 37  ASP A O   1 
ATOM   248  C  CB  . ASP A 1 35 ? 26.780  -6.408  -3.382  1.00 38.88 ? 37  ASP A CB  1 
ATOM   249  C  CG  . ASP A 1 35 ? 27.559  -5.123  -3.030  1.00 44.11 ? 37  ASP A CG  1 
ATOM   250  O  OD1 . ASP A 1 35 ? 27.769  -4.269  -3.931  1.00 46.13 ? 37  ASP A OD1 1 
ATOM   251  O  OD2 . ASP A 1 35 ? 27.951  -4.956  -1.852  1.00 49.16 ? 37  ASP A OD2 1 
ATOM   252  N  N   . LYS A 1 36 ? 24.593  -4.884  -1.459  1.00 38.36 ? 38  LYS A N   1 
ATOM   253  C  CA  . LYS A 1 36 ? 24.049  -4.691  -0.113  1.00 35.50 ? 38  LYS A CA  1 
ATOM   254  C  C   . LYS A 1 36 ? 22.536  -4.869  -0.111  1.00 31.95 ? 38  LYS A C   1 
ATOM   255  O  O   . LYS A 1 36 ? 21.979  -5.735  0.587   1.00 33.16 ? 38  LYS A O   1 
ATOM   256  C  CB  . LYS A 1 36 ? 24.401  -3.286  0.389   1.00 40.82 ? 38  LYS A CB  1 
ATOM   257  C  CG  . LYS A 1 36 ? 25.876  -2.903  0.291   1.00 45.04 ? 38  LYS A CG  1 
ATOM   258  C  CD  . LYS A 1 36 ? 26.718  -3.457  1.415   1.00 51.19 ? 38  LYS A CD  1 
ATOM   259  C  CE  . LYS A 1 36 ? 28.125  -2.943  1.339   1.00 50.47 ? 38  LYS A CE  1 
ATOM   260  N  NZ  . LYS A 1 36 ? 28.119  -1.448  1.177   1.00 49.58 ? 38  LYS A NZ  1 
ATOM   261  N  N   . CYS A 1 37 ? 21.854  -4.028  -0.888  1.00 30.96 ? 39  CYS A N   1 
ATOM   262  C  CA  . CYS A 1 37 ? 20.401  -4.045  -0.917  1.00 31.80 ? 39  CYS A CA  1 
ATOM   263  C  C   . CYS A 1 37 ? 19.882  -5.404  -1.368  1.00 29.00 ? 39  CYS A C   1 
ATOM   264  O  O   . CYS A 1 37 ? 18.897  -5.919  -0.815  1.00 25.83 ? 39  CYS A O   1 
ATOM   265  C  CB  . CYS A 1 37 ? 19.901  -2.928  -1.835  1.00 29.41 ? 39  CYS A CB  1 
ATOM   266  S  SG  . CYS A 1 37 ? 20.456  -1.247  -1.356  1.00 30.86 ? 39  CYS A SG  1 
ATOM   267  N  N   . GLY A 1 38 ? 20.561  -6.012  -2.345  1.00 27.62 ? 40  GLY A N   1 
ATOM   268  C  CA  . GLY A 1 38 ? 20.142  -7.312  -2.836  1.00 26.91 ? 40  GLY A CA  1 
ATOM   269  C  C   . GLY A 1 38 ? 20.322  -8.392  -1.793  1.00 28.68 ? 40  GLY A C   1 
ATOM   270  O  O   . GLY A 1 38 ? 19.509  -9.316  -1.700  1.00 28.88 ? 40  GLY A O   1 
ATOM   271  N  N   . CYS A 1 39 ? 21.392  -8.291  -0.999  1.00 29.48 ? 41  CYS A N   1 
ATOM   272  C  CA  . CYS A 1 39 ? 21.586  -9.227  0.104   1.00 31.03 ? 41  CYS A CA  1 
ATOM   273  C  C   . CYS A 1 39 ? 20.443  -9.144  1.118   1.00 31.94 ? 41  CYS A C   1 
ATOM   274  O  O   . CYS A 1 39 ? 19.887  -10.175 1.522   1.00 32.21 ? 41  CYS A O   1 
ATOM   275  C  CB  . CYS A 1 39 ? 22.942  -8.946  0.771   1.00 36.87 ? 41  CYS A CB  1 
ATOM   276  S  SG  . CYS A 1 39 ? 23.266  -9.836  2.322   1.00 48.63 ? 41  CYS A SG  1 
ATOM   277  N  N   . ALA A 1 40 ? 20.057  -7.924  1.530   1.00 29.15 ? 42  ALA A N   1 
ATOM   278  C  CA  . ALA A 1 40 ? 18.917  -7.811  2.445   1.00 27.75 ? 42  ALA A CA  1 
ATOM   279  C  C   . ALA A 1 40 ? 17.638  -8.358  1.818   1.00 29.09 ? 42  ALA A C   1 
ATOM   280  O  O   . ALA A 1 40 ? 16.828  -9.008  2.491   1.00 27.96 ? 42  ALA A O   1 
ATOM   281  C  CB  . ALA A 1 40 ? 18.718  -6.359  2.879   1.00 23.64 ? 42  ALA A CB  1 
ATOM   282  N  N   . TYR A 1 41 ? 17.439  -8.100  0.528   1.00 29.14 ? 43  TYR A N   1 
ATOM   283  C  CA  . TYR A 1 41 ? 16.218  -8.538  -0.142  1.00 28.11 ? 43  TYR A CA  1 
ATOM   284  C  C   . TYR A 1 41 ? 16.144  -10.058 -0.221  1.00 29.50 ? 43  TYR A C   1 
ATOM   285  O  O   . TYR A 1 41 ? 15.072  -10.643 -0.017  1.00 26.24 ? 43  TYR A O   1 
ATOM   286  C  CB  . TYR A 1 41 ? 16.128  -7.900  -1.537  1.00 25.58 ? 43  TYR A CB  1 
ATOM   287  C  CG  . TYR A 1 41 ? 14.845  -8.244  -2.241  1.00 26.95 ? 43  TYR A CG  1 
ATOM   288  C  CD1 . TYR A 1 41 ? 13.658  -7.584  -1.925  1.00 26.33 ? 43  TYR A CD1 1 
ATOM   289  C  CD2 . TYR A 1 41 ? 14.807  -9.256  -3.189  1.00 27.81 ? 43  TYR A CD2 1 
ATOM   290  C  CE1 . TYR A 1 41 ? 12.469  -7.914  -2.543  1.00 26.27 ? 43  TYR A CE1 1 
ATOM   291  C  CE2 . TYR A 1 41 ? 13.624  -9.596  -3.823  1.00 31.17 ? 43  TYR A CE2 1 
ATOM   292  C  CZ  . TYR A 1 41 ? 12.456  -8.922  -3.498  1.00 27.85 ? 43  TYR A CZ  1 
ATOM   293  O  OH  . TYR A 1 41 ? 11.287  -9.271  -4.126  1.00 24.69 ? 43  TYR A OH  1 
ATOM   294  N  N   . GLU A 1 42 ? 17.276  -10.711 -0.522  1.00 33.38 ? 44  GLU A N   1 
ATOM   295  C  CA  . GLU A 1 42 ? 17.310  -12.171 -0.581  1.00 34.39 ? 44  GLU A CA  1 
ATOM   296  C  C   . GLU A 1 42 ? 16.901  -12.783 0.750   1.00 33.12 ? 44  GLU A C   1 
ATOM   297  O  O   . GLU A 1 42 ? 16.196  -13.797 0.781   1.00 34.91 ? 44  GLU A O   1 
ATOM   298  C  CB  . GLU A 1 42 ? 18.711  -12.664 -0.953  1.00 33.72 ? 44  GLU A CB  1 
ATOM   299  C  CG  . GLU A 1 42 ? 19.058  -12.510 -2.427  1.00 39.92 ? 44  GLU A CG  1 
ATOM   300  C  CD  . GLU A 1 42 ? 20.570  -12.623 -2.697  1.00 51.22 ? 44  GLU A CD  1 
ATOM   301  O  OE1 . GLU A 1 42 ? 20.963  -12.443 -3.875  1.00 50.68 ? 44  GLU A OE1 1 
ATOM   302  O  OE2 . GLU A 1 42 ? 21.339  -12.872 -1.735  1.00 52.02 ? 44  GLU A OE2 1 
ATOM   303  N  N   . GLN A 1 43 ? 17.348  -12.188 1.865   1.00 33.35 ? 45  GLN A N   1 
ATOM   304  C  CA  . GLN A 1 43 ? 17.014  -12.639 3.217   1.00 30.16 ? 45  GLN A CA  1 
ATOM   305  C  C   . GLN A 1 43 ? 15.633  -12.187 3.668   1.00 30.42 ? 45  GLN A C   1 
ATOM   306  O  O   . GLN A 1 43 ? 15.299  -12.380 4.841   1.00 29.42 ? 45  GLN A O   1 
ATOM   307  C  CB  . GLN A 1 43 ? 18.062  -12.139 4.226   1.00 31.14 ? 45  GLN A CB  1 
ATOM   308  C  CG  . GLN A 1 43 ? 19.524  -12.477 3.838   1.00 39.46 ? 45  GLN A CG  1 
ATOM   309  C  CD  . GLN A 1 43 ? 20.579  -11.720 4.661   1.00 41.22 ? 45  GLN A CD  1 
ATOM   310  O  OE1 . GLN A 1 43 ? 20.382  -10.566 5.039   1.00 47.39 ? 45  GLN A OE1 1 
ATOM   311  N  NE2 . GLN A 1 43 ? 21.710  -12.371 4.922   1.00 39.20 ? 45  GLN A NE2 1 
ATOM   312  N  N   . SER A 1 44 ? 14.854  -11.548 2.786   1.00 27.05 ? 46  SER A N   1 
ATOM   313  C  CA  . SER A 1 44 ? 13.489  -11.101 3.084   1.00 27.74 ? 46  SER A CA  1 
ATOM   314  C  C   . SER A 1 44 ? 13.423  -10.031 4.173   1.00 28.60 ? 46  SER A C   1 
ATOM   315  O  O   . SER A 1 44 ? 12.406  -9.903  4.850   1.00 33.92 ? 46  SER A O   1 
ATOM   316  C  CB  . SER A 1 44 ? 12.585  -12.276 3.469   1.00 28.35 ? 46  SER A CB  1 
ATOM   317  O  OG  . SER A 1 44 ? 12.323  -13.089 2.345   1.00 32.20 ? 46  SER A OG  1 
ATOM   318  N  N   . ILE A 1 45 ? 14.474  -9.230  4.352   1.00 31.94 ? 47  ILE A N   1 
ATOM   319  C  CA  . ILE A 1 45 ? 14.428  -8.145  5.331   1.00 27.73 ? 47  ILE A CA  1 
ATOM   320  C  C   . ILE A 1 45 ? 14.781  -6.780  4.741   1.00 29.23 ? 47  ILE A C   1 
ATOM   321  O  O   . ILE A 1 45 ? 15.264  -5.903  5.472   1.00 24.54 ? 47  ILE A O   1 
ATOM   322  C  CB  . ILE A 1 45 ? 15.336  -8.456  6.536   1.00 28.59 ? 47  ILE A CB  1 
ATOM   323  C  CG1 . ILE A 1 45 ? 16.775  -8.712  6.071   1.00 26.35 ? 47  ILE A CG1 1 
ATOM   324  C  CG2 . ILE A 1 45 ? 14.743  -9.609  7.392   1.00 30.16 ? 47  ILE A CG2 1 
ATOM   325  C  CD1 . ILE A 1 45 ? 17.777  -8.740  7.211   1.00 28.49 ? 47  ILE A CD1 1 
ATOM   326  N  N   . PHE A 1 46 ? 14.572  -6.581  3.431   1.00 26.91 ? 48  PHE A N   1 
ATOM   327  C  CA  . PHE A 1 46 ? 14.987  -5.314  2.816   1.00 25.58 ? 48  PHE A CA  1 
ATOM   328  C  C   . PHE A 1 46 ? 14.397  -4.109  3.543   1.00 26.71 ? 48  PHE A C   1 
ATOM   329  O  O   . PHE A 1 46 ? 15.119  -3.180  3.920   1.00 22.94 ? 48  PHE A O   1 
ATOM   330  C  CB  . PHE A 1 46 ? 14.601  -5.239  1.335   1.00 22.17 ? 48  PHE A CB  1 
ATOM   331  C  CG  . PHE A 1 46 ? 14.931  -3.886  0.699   1.00 24.90 ? 48  PHE A CG  1 
ATOM   332  C  CD1 . PHE A 1 46 ? 16.207  -3.627  0.190   1.00 23.61 ? 48  PHE A CD1 1 
ATOM   333  C  CD2 . PHE A 1 46 ? 13.986  -2.857  0.656   1.00 23.55 ? 48  PHE A CD2 1 
ATOM   334  C  CE1 . PHE A 1 46 ? 16.529  -2.395  -0.369  1.00 19.60 ? 48  PHE A CE1 1 
ATOM   335  C  CE2 . PHE A 1 46 ? 14.297  -1.606  0.089   1.00 23.12 ? 48  PHE A CE2 1 
ATOM   336  C  CZ  . PHE A 1 46 ? 15.573  -1.378  -0.428  1.00 21.08 ? 48  PHE A CZ  1 
ATOM   337  N  N   . CYS A 1 47 ? 13.081  -4.097  3.741   1.00 23.95 ? 49  CYS A N   1 
ATOM   338  C  CA  . CYS A 1 47 ? 12.482  -2.921  4.351   1.00 28.26 ? 49  CYS A CA  1 
ATOM   339  C  C   . CYS A 1 47 ? 12.902  -2.754  5.807   1.00 24.65 ? 49  CYS A C   1 
ATOM   340  O  O   . CYS A 1 47 ? 13.085  -1.621  6.263   1.00 24.65 ? 49  CYS A O   1 
ATOM   341  C  CB  . CYS A 1 47 ? 10.952  -2.988  4.228   1.00 28.92 ? 49  CYS A CB  1 
ATOM   342  S  SG  . CYS A 1 47 ? 10.365  -2.808  2.516   1.00 28.28 ? 49  CYS A SG  1 
ATOM   343  N  N   . GLU A 1 48 ? 13.093  -3.852  6.544   1.00 25.00 ? 50  GLU A N   1 
ATOM   344  C  CA  . GLU A 1 48 ? 13.505  -3.705  7.939   1.00 29.06 ? 50  GLU A CA  1 
ATOM   345  C  C   . GLU A 1 48 ? 14.898  -3.106  8.034   1.00 27.27 ? 50  GLU A C   1 
ATOM   346  O  O   . GLU A 1 48 ? 15.190  -2.363  8.975   1.00 26.59 ? 50  GLU A O   1 
ATOM   347  C  CB  . GLU A 1 48 ? 13.478  -5.053  8.658   1.00 27.11 ? 50  GLU A CB  1 
ATOM   348  C  CG  . GLU A 1 48 ? 12.086  -5.603  8.905   1.00 28.33 ? 50  GLU A CG  1 
ATOM   349  C  CD  . GLU A 1 48 ? 11.614  -6.506  7.769   1.00 33.88 ? 50  GLU A CD  1 
ATOM   350  O  OE1 . GLU A 1 48 ? 12.126  -6.369  6.624   1.00 32.11 ? 50  GLU A OE1 1 
ATOM   351  O  OE2 . GLU A 1 48 ? 10.725  -7.348  8.012   1.00 37.61 ? 50  GLU A OE2 1 
ATOM   352  N  N   . VAL A 1 49 ? 15.754  -3.398  7.056   1.00 23.07 ? 51  VAL A N   1 
ATOM   353  C  CA  . VAL A 1 49 ? 17.117  -2.886  7.079   1.00 26.23 ? 51  VAL A CA  1 
ATOM   354  C  C   . VAL A 1 49 ? 17.169  -1.457  6.547   1.00 26.56 ? 51  VAL A C   1 
ATOM   355  O  O   . VAL A 1 49 ? 17.776  -0.583  7.170   1.00 24.70 ? 51  VAL A O   1 
ATOM   356  C  CB  . VAL A 1 49 ? 18.046  -3.823  6.283   1.00 23.90 ? 51  VAL A CB  1 
ATOM   357  C  CG1 . VAL A 1 49 ? 19.434  -3.186  6.080   1.00 23.60 ? 51  VAL A CG1 1 
ATOM   358  C  CG2 . VAL A 1 49 ? 18.161  -5.149  6.993   1.00 25.15 ? 51  VAL A CG2 1 
ATOM   359  N  N   . PHE A 1 50 ? 16.497  -1.189  5.411   1.00 23.70 ? 52  PHE A N   1 
ATOM   360  C  CA  . PHE A 1 50 ? 16.663  0.066   4.687   1.00 27.29 ? 52  PHE A CA  1 
ATOM   361  C  C   . PHE A 1 50 ? 15.488  1.035   4.782   1.00 29.42 ? 52  PHE A C   1 
ATOM   362  O  O   . PHE A 1 50 ? 15.669  2.215   4.453   1.00 29.57 ? 52  PHE A O   1 
ATOM   363  C  CB  . PHE A 1 50 ? 16.975  -0.214  3.207   1.00 27.24 ? 52  PHE A CB  1 
ATOM   364  C  CG  . PHE A 1 50 ? 18.317  -0.863  3.005   1.00 26.79 ? 52  PHE A CG  1 
ATOM   365  C  CD1 . PHE A 1 50 ? 19.483  -0.114  3.165   1.00 21.99 ? 52  PHE A CD1 1 
ATOM   366  C  CD2 . PHE A 1 50 ? 18.417  -2.205  2.656   1.00 24.27 ? 52  PHE A CD2 1 
ATOM   367  C  CE1 . PHE A 1 50 ? 20.734  -0.690  2.995   1.00 22.98 ? 52  PHE A CE1 1 
ATOM   368  C  CE2 . PHE A 1 50 ? 19.670  -2.793  2.471   1.00 27.86 ? 52  PHE A CE2 1 
ATOM   369  C  CZ  . PHE A 1 50 ? 20.831  -2.030  2.648   1.00 28.26 ? 52  PHE A CZ  1 
ATOM   370  N  N   . HIS A 1 51 ? 14.300  0.584   5.211   1.00 25.84 ? 53  HIS A N   1 
ATOM   371  C  CA  . HIS A 1 51 ? 13.150  1.471   5.356   1.00 26.02 ? 53  HIS A CA  1 
ATOM   372  C  C   . HIS A 1 51 ? 12.732  1.630   6.808   1.00 26.69 ? 53  HIS A C   1 
ATOM   373  O  O   . HIS A 1 51 ? 11.591  2.012   7.082   1.00 29.19 ? 53  HIS A O   1 
ATOM   374  C  CB  . HIS A 1 51 ? 11.982  0.986   4.502   1.00 25.91 ? 53  HIS A CB  1 
ATOM   375  C  CG  . HIS A 1 51 ? 12.191  1.210   3.037   1.00 23.61 ? 53  HIS A CG  1 
ATOM   376  N  ND1 . HIS A 1 51 ? 11.343  0.704   2.073   1.00 25.24 ? 53  HIS A ND1 1 
ATOM   377  C  CD2 . HIS A 1 51 ? 13.145  1.907   2.372   1.00 21.41 ? 53  HIS A CD2 1 
ATOM   378  C  CE1 . HIS A 1 51 ? 11.777  1.064   0.875   1.00 25.07 ? 53  HIS A CE1 1 
ATOM   379  N  NE2 . HIS A 1 51 ? 12.863  1.803   1.029   1.00 26.20 ? 53  HIS A NE2 1 
ATOM   380  N  N   . ALA A 1 52 ? 13.651  1.366   7.741   1.00 27.27 ? 54  ALA A N   1 
ATOM   381  C  CA  . ALA A 1 52 ? 13.305  1.339   9.158   1.00 30.15 ? 54  ALA A CA  1 
ATOM   382  C  C   . ALA A 1 52 ? 12.793  2.686   9.644   1.00 30.94 ? 54  ALA A C   1 
ATOM   383  O  O   . ALA A 1 52 ? 12.018  2.740   10.602  1.00 29.90 ? 54  ALA A O   1 
ATOM   384  C  CB  . ALA A 1 52 ? 14.513  0.898   9.985   1.00 27.12 ? 54  ALA A CB  1 
ATOM   385  N  N   . LYS A 1 53 ? 13.219  3.780   9.011   1.00 35.88 ? 55  LYS A N   1 
ATOM   386  C  CA  . LYS A 1 53 ? 12.824  5.124   9.431   1.00 38.18 ? 55  LYS A CA  1 
ATOM   387  C  C   . LYS A 1 53 ? 11.691  5.704   8.590   1.00 33.14 ? 55  LYS A C   1 
ATOM   388  O  O   . LYS A 1 53 ? 11.268  6.837   8.838   1.00 34.27 ? 55  LYS A O   1 
ATOM   389  C  CB  . LYS A 1 53 ? 14.037  6.071   9.385   1.00 38.47 ? 55  LYS A CB  1 
ATOM   390  C  CG  . LYS A 1 53 ? 15.084  5.840   10.491  1.00 44.71 ? 55  LYS A CG  1 
ATOM   391  C  CD  . LYS A 1 53 ? 16.272  6.787   10.312  1.00 47.66 ? 55  LYS A CD  1 
ATOM   392  C  CE  . LYS A 1 53 ? 17.261  6.724   11.473  1.00 50.97 ? 55  LYS A CE  1 
ATOM   393  N  NZ  . LYS A 1 53 ? 16.604  6.833   12.813  1.00 53.32 ? 55  LYS A NZ  1 
ATOM   394  N  N   . GLU A 1 54 ? 11.192  4.963   7.609   1.00 33.37 ? 56  GLU A N   1 
ATOM   395  C  CA  . GLU A 1 54 ? 10.115  5.464   6.772   1.00 31.76 ? 56  GLU A CA  1 
ATOM   396  C  C   . GLU A 1 54 ? 8.779   5.316   7.489   1.00 28.93 ? 56  GLU A C   1 
ATOM   397  O  O   . GLU A 1 54 ? 8.620   4.498   8.397   1.00 30.24 ? 56  GLU A O   1 
ATOM   398  C  CB  . GLU A 1 54 ? 10.068  4.706   5.441   1.00 30.87 ? 56  GLU A CB  1 
ATOM   399  C  CG  . GLU A 1 54 ? 11.416  4.616   4.723   1.00 33.28 ? 56  GLU A CG  1 
ATOM   400  C  CD  . GLU A 1 54 ? 11.914  5.954   4.229   1.00 40.60 ? 56  GLU A CD  1 
ATOM   401  O  OE1 . GLU A 1 54 ? 11.183  6.595   3.443   1.00 51.20 ? 56  GLU A OE1 1 
ATOM   402  O  OE2 . GLU A 1 54 ? 13.033  6.369   4.618   1.00 49.47 ? 56  GLU A OE2 1 
ATOM   403  N  N   . SER A 1 55 ? 7.806   6.115   7.061   1.00 28.41 ? 57  SER A N   1 
ATOM   404  C  CA  . SER A 1 55 ? 6.441   5.926   7.512   1.00 26.33 ? 57  SER A CA  1 
ATOM   405  C  C   . SER A 1 55 ? 5.829   4.694   6.832   1.00 24.21 ? 57  SER A C   1 
ATOM   406  O  O   . SER A 1 55 ? 6.404   4.102   5.911   1.00 25.02 ? 57  SER A O   1 
ATOM   407  C  CB  . SER A 1 55 ? 5.610   7.168   7.203   1.00 28.04 ? 57  SER A CB  1 
ATOM   408  O  OG  . SER A 1 55 ? 5.560   7.366   5.799   1.00 27.43 ? 57  SER A OG  1 
ATOM   409  N  N   . GLY A 1 56 ? 4.645   4.305   7.292   1.00 23.38 ? 58  GLY A N   1 
ATOM   410  C  CA  . GLY A 1 56 ? 3.884   3.261   6.634   1.00 26.54 ? 58  GLY A CA  1 
ATOM   411  C  C   . GLY A 1 56 ? 3.965   1.883   7.243   1.00 25.62 ? 58  GLY A C   1 
ATOM   412  O  O   . GLY A 1 56 ? 3.397   0.945   6.677   1.00 25.31 ? 58  GLY A O   1 
ATOM   413  N  N   . TRP A 1 57 ? 4.635   1.726   8.374   1.00 25.60 ? 59  TRP A N   1 
ATOM   414  C  CA  . TRP A 1 57 ? 4.750   0.409   8.978   1.00 28.41 ? 59  TRP A CA  1 
ATOM   415  C  C   . TRP A 1 57 ? 3.464   0.005   9.687   1.00 26.41 ? 59  TRP A C   1 
ATOM   416  O  O   . TRP A 1 57 ? 2.846   0.803   10.403  1.00 26.24 ? 59  TRP A O   1 
ATOM   417  C  CB  . TRP A 1 57 ? 5.912   0.388   9.961   1.00 26.42 ? 59  TRP A CB  1 
ATOM   418  C  CG  . TRP A 1 57 ? 7.240   0.315   9.296   1.00 27.29 ? 59  TRP A CG  1 
ATOM   419  C  CD1 . TRP A 1 57 ? 8.075   1.359   8.995   1.00 24.14 ? 59  TRP A CD1 1 
ATOM   420  C  CD2 . TRP A 1 57 ? 7.916   -0.876  8.874   1.00 24.37 ? 59  TRP A CD2 1 
ATOM   421  N  NE1 . TRP A 1 57 ? 9.224   0.888   8.393   1.00 24.84 ? 59  TRP A NE1 1 
ATOM   422  C  CE2 . TRP A 1 57 ? 9.153   -0.480  8.312   1.00 27.39 ? 59  TRP A CE2 1 
ATOM   423  C  CE3 . TRP A 1 57 ? 7.590   -2.234  8.907   1.00 24.32 ? 59  TRP A CE3 1 
ATOM   424  C  CZ2 . TRP A 1 57 ? 10.071  -1.402  7.797   1.00 26.41 ? 59  TRP A CZ2 1 
ATOM   425  C  CZ3 . TRP A 1 57 ? 8.495   -3.149  8.390   1.00 26.28 ? 59  TRP A CZ3 1 
ATOM   426  C  CH2 . TRP A 1 57 ? 9.724   -2.727  7.839   1.00 29.32 ? 59  TRP A CH2 1 
ATOM   427  N  N   . ARG A 1 58 ? 3.064   -1.247  9.485   1.00 23.65 ? 60  ARG A N   1 
ATOM   428  C  CA  . ARG A 1 58 ? 1.968   -1.863  10.225  1.00 27.28 ? 60  ARG A CA  1 
ATOM   429  C  C   . ARG A 1 58 ? 2.468   -3.205  10.730  1.00 27.53 ? 60  ARG A C   1 
ATOM   430  O  O   . ARG A 1 58 ? 3.624   -3.568  10.520  1.00 28.36 ? 60  ARG A O   1 
ATOM   431  C  CB  . ARG A 1 58 ? 0.720   -2.037  9.353   1.00 21.97 ? 60  ARG A CB  1 
ATOM   432  C  CG  . ARG A 1 58 ? 0.417   -0.814  8.526   1.00 23.33 ? 60  ARG A CG  1 
ATOM   433  C  CD  . ARG A 1 58 ? -0.984  -0.863  7.946   1.00 25.63 ? 60  ARG A CD  1 
ATOM   434  N  NE  . ARG A 1 58 ? -1.991  -0.707  8.990   1.00 25.33 ? 60  ARG A NE  1 
ATOM   435  C  CZ  . ARG A 1 58 ? -3.295  -0.619  8.749   1.00 27.85 ? 60  ARG A CZ  1 
ATOM   436  N  NH1 . ARG A 1 58 ? -3.739  -0.683  7.498   1.00 24.17 ? 60  ARG A NH1 1 
ATOM   437  N  NH2 . ARG A 1 58 ? -4.155  -0.441  9.753   1.00 27.39 ? 60  ARG A NH2 1 
ATOM   438  N  N   . GLU A 1 59 ? 1.601   -3.971  11.372  1.00 26.54 ? 61  GLU A N   1 
ATOM   439  C  CA  . GLU A 1 59 ? 1.948   -5.345  11.688  1.00 29.54 ? 61  GLU A CA  1 
ATOM   440  C  C   . GLU A 1 59 ? 0.927   -6.293  11.085  1.00 29.35 ? 61  GLU A C   1 
ATOM   441  O  O   . GLU A 1 59 ? -0.231  -5.925  10.861  1.00 25.91 ? 61  GLU A O   1 
ATOM   442  C  CB  . GLU A 1 59 ? 2.037   -5.620  13.204  1.00 30.18 ? 61  GLU A CB  1 
ATOM   443  C  CG  . GLU A 1 59 ? 3.145   -4.862  13.921  1.00 40.80 ? 61  GLU A CG  1 
ATOM   444  C  CD  . GLU A 1 59 ? 3.374   -5.352  15.354  1.00 47.84 ? 61  GLU A CD  1 
ATOM   445  O  OE1 . GLU A 1 59 ? 4.399   -4.950  15.953  1.00 57.21 ? 61  GLU A OE1 1 
ATOM   446  O  OE2 . GLU A 1 59 ? 2.579   -6.173  15.865  1.00 48.89 ? 61  GLU A OE2 1 
ATOM   447  N  N   . CYS A 1 60 ? 1.380   -7.519  10.836  1.00 25.43 ? 62  CYS A N   1 
ATOM   448  C  CA  . CYS A 1 60 ? 0.515   -8.558  10.303  1.00 25.73 ? 62  CYS A CA  1 
ATOM   449  C  C   . CYS A 1 60 ? -0.610  -8.830  11.295  1.00 26.81 ? 62  CYS A C   1 
ATOM   450  O  O   . CYS A 1 60 ? -0.406  -8.759  12.507  1.00 28.51 ? 62  CYS A O   1 
ATOM   451  C  CB  . CYS A 1 60 ? 1.338   -9.835  10.048  1.00 25.58 ? 62  CYS A CB  1 
ATOM   452  S  SG  . CYS A 1 60 ? 0.386   -11.324 9.584   1.00 27.80 ? 62  CYS A SG  1 
ATOM   453  N  N   . ASN A 1 61 ? -1.825  -9.060  10.781  1.00 23.16 ? 63  ASN A N   1 
ATOM   454  C  CA  . ASN A 1 61 ? -2.948  -9.360  11.663  1.00 27.77 ? 63  ASN A CA  1 
ATOM   455  C  C   . ASN A 1 61 ? -2.878  -10.762 12.268  1.00 29.56 ? 63  ASN A C   1 
ATOM   456  O  O   . ASN A 1 61 ? -3.686  -11.068 13.151  1.00 29.69 ? 63  ASN A O   1 
ATOM   457  C  CB  . ASN A 1 61 ? -4.291  -9.152  10.961  1.00 26.55 ? 63  ASN A CB  1 
ATOM   458  C  CG  . ASN A 1 61 ? -4.970  -7.843  11.391  1.00 32.67 ? 63  ASN A CG  1 
ATOM   459  O  OD1 . ASN A 1 61 ? -4.308  -6.809  11.571  1.00 26.98 ? 63  ASN A OD1 1 
ATOM   460  N  ND2 . ASN A 1 61 ? -6.292  -7.891  11.576  1.00 35.49 ? 63  ASN A ND2 1 
ATOM   461  N  N   . SER A 1 62 ? -1.988  -11.636 11.792  1.00 29.21 ? 64  SER A N   1 
ATOM   462  C  CA  . SER A 1 62 ? -1.952  -13.007 12.285  1.00 30.72 ? 64  SER A CA  1 
ATOM   463  C  C   . SER A 1 62 ? -0.619  -13.396 12.915  1.00 34.27 ? 64  SER A C   1 
ATOM   464  O  O   . SER A 1 62 ? -0.509  -14.516 13.432  1.00 35.22 ? 64  SER A O   1 
ATOM   465  C  CB  . SER A 1 62 ? -2.239  -14.000 11.142  1.00 29.44 ? 64  SER A CB  1 
ATOM   466  O  OG  . SER A 1 62 ? -3.385  -13.641 10.384  1.00 37.01 ? 64  SER A OG  1 
ATOM   467  N  N   . CYS A 1 63 ? 0.369   -12.500 12.944  1.00 30.62 ? 65  CYS A N   1 
ATOM   468  C  CA  . CYS A 1 63 ? 1.647   -12.778 13.593  1.00 31.18 ? 65  CYS A CA  1 
ATOM   469  C  C   . CYS A 1 63 ? 2.322   -11.443 13.893  1.00 32.37 ? 65  CYS A C   1 
ATOM   470  O  O   . CYS A 1 63 ? 1.770   -10.372 13.623  1.00 31.43 ? 65  CYS A O   1 
ATOM   471  C  CB  . CYS A 1 63 ? 2.535   -13.696 12.738  1.00 27.08 ? 65  CYS A CB  1 
ATOM   472  S  SG  . CYS A 1 63 ? 3.407   -12.873 11.383  1.00 28.39 ? 65  CYS A SG  1 
ATOM   473  N  N   . ASP A 1 64 ? 3.531   -11.514 14.456  1.00 34.76 ? 66  ASP A N   1 
ATOM   474  C  CA  . ASP A 1 64 ? 4.239   -10.331 14.948  1.00 36.33 ? 66  ASP A CA  1 
ATOM   475  C  C   . ASP A 1 64 ? 5.025   -9.618  13.873  1.00 31.53 ? 66  ASP A C   1 
ATOM   476  O  O   . ASP A 1 64 ? 5.694   -8.624  14.161  1.00 33.13 ? 66  ASP A O   1 
ATOM   477  C  CB  . ASP A 1 64 ? 5.221   -10.728 16.052  1.00 35.02 ? 66  ASP A CB  1 
ATOM   478  C  CG  . ASP A 1 64 ? 4.526   -11.131 17.333  1.00 47.36 ? 66  ASP A CG  1 
ATOM   479  O  OD1 . ASP A 1 64 ? 5.246   -11.305 18.337  1.00 52.22 ? 66  ASP A OD1 1 
ATOM   480  O  OD2 . ASP A 1 64 ? 3.271   -11.253 17.340  1.00 52.59 ? 66  ASP A OD2 1 
ATOM   481  N  N   . LYS A 1 65 ? 4.980   -10.105 12.655  1.00 27.56 ? 67  LYS A N   1 
ATOM   482  C  CA  . LYS A 1 65 ? 5.806   -9.527  11.614  1.00 28.27 ? 67  LYS A CA  1 
ATOM   483  C  C   . LYS A 1 65 ? 5.364   -8.122  11.232  1.00 28.55 ? 67  LYS A C   1 
ATOM   484  O  O   . LYS A 1 65 ? 4.186   -7.864  10.994  1.00 31.89 ? 67  LYS A O   1 
ATOM   485  C  CB  . LYS A 1 65 ? 5.901   -10.532 10.462  1.00 30.96 ? 67  LYS A CB  1 
ATOM   486  C  CG  . LYS A 1 65 ? 6.627   -10.125 9.212   1.00 32.54 ? 67  LYS A CG  1 
ATOM   487  C  CD  . LYS A 1 65 ? 7.898   -10.920 8.928   1.00 46.33 ? 67  LYS A CD  1 
ATOM   488  C  CE  . LYS A 1 65 ? 8.576   -10.108 7.758   1.00 51.14 ? 67  LYS A CE  1 
ATOM   489  N  NZ  . LYS A 1 65 ? 8.613   -8.557  7.872   1.00 56.69 ? 67  LYS A NZ  1 
ATOM   490  N  N   . ARG A 1 66 ? 6.308   -7.189  11.331  1.00 31.45 ? 68  ARG A N   1 
ATOM   491  C  CA  . ARG A 1 66 ? 6.112   -5.825  10.876  1.00 30.21 ? 68  ARG A CA  1 
ATOM   492  C  C   . ARG A 1 66 ? 6.169   -5.797  9.356   1.00 28.07 ? 68  ARG A C   1 
ATOM   493  O  O   . ARG A 1 66 ? 6.980   -6.495  8.740   1.00 29.04 ? 68  ARG A O   1 
ATOM   494  C  CB  . ARG A 1 66 ? 7.180   -4.898  11.470  1.00 31.74 ? 68  ARG A CB  1 
ATOM   495  C  CG  . ARG A 1 66 ? 7.331   -4.984  13.007  1.00 37.00 ? 68  ARG A CG  1 
ATOM   496  C  CD  . ARG A 1 66 ? 7.612   -3.616  13.654  1.00 47.17 ? 68  ARG A CD  1 
ATOM   497  N  NE  . ARG A 1 66 ? 6.420   -2.753  13.700  1.00 52.35 ? 68  ARG A NE  1 
ATOM   498  C  CZ  . ARG A 1 66 ? 6.426   -1.419  13.549  1.00 55.44 ? 68  ARG A CZ  1 
ATOM   499  N  NH1 . ARG A 1 66 ? 7.567   -0.763  13.313  1.00 47.12 ? 68  ARG A NH1 1 
ATOM   500  N  NH2 . ARG A 1 66 ? 5.281   -0.730  13.613  1.00 48.75 ? 68  ARG A NH2 1 
ATOM   501  N  N   . LEU A 1 67 ? 5.312   -4.981  8.751   1.00 25.33 ? 69  LEU A N   1 
ATOM   502  C  CA  . LEU A 1 67 ? 5.141   -4.948  7.300   1.00 24.52 ? 69  LEU A CA  1 
ATOM   503  C  C   . LEU A 1 67 ? 5.185   -3.495  6.841   1.00 28.60 ? 69  LEU A C   1 
ATOM   504  O  O   . LEU A 1 67 ? 4.410   -2.663  7.328   1.00 24.80 ? 69  LEU A O   1 
ATOM   505  C  CB  . LEU A 1 67 ? 3.816   -5.609  6.877   1.00 22.59 ? 69  LEU A CB  1 
ATOM   506  C  CG  . LEU A 1 67 ? 3.584   -7.119  7.091   1.00 26.17 ? 69  LEU A CG  1 
ATOM   507  C  CD1 . LEU A 1 67 ? 2.103   -7.512  7.059   1.00 20.06 ? 69  LEU A CD1 1 
ATOM   508  C  CD2 . LEU A 1 67 ? 4.328   -7.910  6.028   1.00 25.79 ? 69  LEU A CD2 1 
ATOM   509  N  N   . HIS A 1 68 ? 6.079   -3.188  5.905   1.00 22.65 ? 70  HIS A N   1 
ATOM   510  C  CA  . HIS A 1 68 ? 6.210   -1.828  5.399   1.00 27.46 ? 70  HIS A CA  1 
ATOM   511  C  C   . HIS A 1 68 ? 5.201   -1.636  4.272   1.00 26.69 ? 70  HIS A C   1 
ATOM   512  O  O   . HIS A 1 68 ? 5.372   -2.183  3.178   1.00 25.95 ? 70  HIS A O   1 
ATOM   513  C  CB  . HIS A 1 68 ? 7.628   -1.538  4.916   1.00 22.35 ? 70  HIS A CB  1 
ATOM   514  C  CG  . HIS A 1 68 ? 7.859   -0.096  4.648   1.00 22.98 ? 70  HIS A CG  1 
ATOM   515  N  ND1 . HIS A 1 68 ? 8.667   0.357   3.633   1.00 22.41 ? 70  HIS A ND1 1 
ATOM   516  C  CD2 . HIS A 1 68 ? 7.358   1.007   5.253   1.00 24.61 ? 70  HIS A CD2 1 
ATOM   517  C  CE1 . HIS A 1 68 ? 8.657   1.679   3.621   1.00 24.46 ? 70  HIS A CE1 1 
ATOM   518  N  NE2 . HIS A 1 68 ? 7.876   2.098   4.600   1.00 25.26 ? 70  HIS A NE2 1 
ATOM   519  N  N   . CYS A 1 69 ? 4.161   -0.844  4.536   1.00 26.99 ? 71  CYS A N   1 
ATOM   520  C  CA  . CYS A 1 69 ? 3.072   -0.635  3.592   1.00 27.53 ? 71  CYS A CA  1 
ATOM   521  C  C   . CYS A 1 69 ? 3.299   0.619   2.761   1.00 23.85 ? 71  CYS A C   1 
ATOM   522  O  O   . CYS A 1 69 ? 4.116   1.478   3.101   1.00 26.12 ? 71  CYS A O   1 
ATOM   523  C  CB  . CYS A 1 69 ? 1.731   -0.547  4.328   1.00 27.53 ? 71  CYS A CB  1 
ATOM   524  S  SG  . CYS A 1 69 ? 1.363   -2.067  5.270   1.00 28.15 ? 71  CYS A SG  1 
ATOM   525  N  N   . GLY A 1 70 ? 2.549   0.715   1.666   1.00 28.49 ? 72  GLY A N   1 
ATOM   526  C  CA  . GLY A 1 70 ? 2.791   1.751   0.673   1.00 26.55 ? 72  GLY A CA  1 
ATOM   527  C  C   . GLY A 1 70 ? 4.173   1.679   0.065   1.00 30.96 ? 72  GLY A C   1 
ATOM   528  O  O   . GLY A 1 70 ? 4.744   2.718   -0.306  1.00 26.20 ? 72  GLY A O   1 
ATOM   529  N  N   . CYS A 1 71 ? 4.721   0.473   -0.084  1.00 23.91 ? 73  CYS A N   1 
ATOM   530  C  CA  . CYS A 1 71 ? 6.109   0.322   -0.507  1.00 27.73 ? 73  CYS A CA  1 
ATOM   531  C  C   . CYS A 1 71 ? 6.198   -0.736  -1.592  1.00 25.68 ? 73  CYS A C   1 
ATOM   532  O  O   . CYS A 1 71 ? 5.781   -1.880  -1.380  1.00 23.33 ? 73  CYS A O   1 
ATOM   533  C  CB  . CYS A 1 71 ? 7.014   -0.047  0.673   1.00 25.99 ? 73  CYS A CB  1 
ATOM   534  S  SG  . CYS A 1 71 ? 8.751   -0.344  0.202   1.00 25.75 ? 73  CYS A SG  1 
ATOM   535  N  N   . ILE A 1 72 ? 6.741   -0.352  -2.755  1.00 25.74 ? 74  ILE A N   1 
ATOM   536  C  CA  . ILE A 1 72 ? 6.847   -1.307  -3.857  1.00 22.64 ? 74  ILE A CA  1 
ATOM   537  C  C   . ILE A 1 72 ? 7.683   -2.531  -3.462  1.00 26.60 ? 74  ILE A C   1 
ATOM   538  O  O   . ILE A 1 72 ? 7.328   -3.670  -3.818  1.00 26.94 ? 74  ILE A O   1 
ATOM   539  C  CB  . ILE A 1 72 ? 7.401   -0.599  -5.110  1.00 27.49 ? 74  ILE A CB  1 
ATOM   540  C  CG1 . ILE A 1 72 ? 7.320   -1.542  -6.319  1.00 26.22 ? 74  ILE A CG1 1 
ATOM   541  C  CG2 . ILE A 1 72 ? 8.823   -0.057  -4.860  1.00 25.43 ? 74  ILE A CG2 1 
ATOM   542  C  CD1 . ILE A 1 72 ? 7.321   -0.846  -7.627  1.00 36.65 ? 74  ILE A CD1 1 
ATOM   543  N  N   . ALA A 1 73 ? 8.721   -2.340  -2.622  1.00 20.39 ? 75  ALA A N   1 
ATOM   544  C  CA  . ALA A 1 73 ? 9.612   -3.445  -2.279  1.00 22.55 ? 75  ALA A CA  1 
ATOM   545  C  C   . ALA A 1 73 ? 8.899   -4.534  -1.492  1.00 26.76 ? 75  ALA A C   1 
ATOM   546  O  O   . ALA A 1 73 ? 9.300   -5.697  -1.563  1.00 27.02 ? 75  ALA A O   1 
ATOM   547  C  CB  . ALA A 1 73 ? 10.820  -2.944  -1.481  1.00 20.98 ? 75  ALA A CB  1 
ATOM   548  N  N   . SER A 1 74 ? 7.863   -4.195  -0.724  1.00 26.62 ? 76  SER A N   1 
ATOM   549  C  CA  . SER A 1 74 ? 7.160   -5.196  0.075   1.00 28.57 ? 76  SER A CA  1 
ATOM   550  C  C   . SER A 1 74 ? 5.782   -5.516  -0.488  1.00 27.27 ? 76  SER A C   1 
ATOM   551  O  O   . SER A 1 74 ? 4.986   -6.194  0.176   1.00 27.93 ? 76  SER A O   1 
ATOM   552  C  CB  . SER A 1 74 ? 7.041   -4.740  1.535   1.00 26.98 ? 76  SER A CB  1 
ATOM   553  O  OG  . SER A 1 74 ? 8.255   -4.980  2.228   1.00 28.99 ? 76  SER A OG  1 
ATOM   554  N  N   . ARG A 1 75 ? 5.513   -5.100  -1.720  1.00 28.00 ? 77  ARG A N   1 
ATOM   555  C  CA  . ARG A 1 75 ? 4.135   -5.044  -2.188  1.00 30.29 ? 77  ARG A CA  1 
ATOM   556  C  C   . ARG A 1 75 ? 3.515   -6.431  -2.356  1.00 33.79 ? 77  ARG A C   1 
ATOM   557  O  O   . ARG A 1 75 ? 2.325   -6.621  -2.070  1.00 32.19 ? 77  ARG A O   1 
ATOM   558  C  CB  . ARG A 1 75 ? 4.156   -4.241  -3.488  1.00 33.52 ? 77  ARG A CB  1 
ATOM   559  C  CG  . ARG A 1 75 ? 3.150   -4.465  -4.594  1.00 36.92 ? 77  ARG A CG  1 
ATOM   560  C  CD  . ARG A 1 75 ? 3.905   -4.041  -5.869  1.00 34.32 ? 77  ARG A CD  1 
ATOM   561  N  NE  . ARG A 1 75 ? 3.093   -3.938  -7.074  1.00 42.61 ? 77  ARG A NE  1 
ATOM   562  C  CZ  . ARG A 1 75 ? 3.590   -3.978  -8.310  1.00 36.92 ? 77  ARG A CZ  1 
ATOM   563  N  NH1 . ARG A 1 75 ? 2.784   -3.848  -9.354  1.00 40.61 ? 77  ARG A NH1 1 
ATOM   564  N  NH2 . ARG A 1 75 ? 4.893   -4.146  -8.506  1.00 35.36 ? 77  ARG A NH2 1 
ATOM   565  N  N   . PHE A 1 76 ? 4.301   -7.429  -2.732  1.00 31.26 ? 78  PHE A N   1 
ATOM   566  C  CA  . PHE A 1 76 ? 3.767   -8.774  -2.858  1.00 30.92 ? 78  PHE A CA  1 
ATOM   567  C  C   . PHE A 1 76 ? 4.118   -9.644  -1.662  1.00 34.18 ? 78  PHE A C   1 
ATOM   568  O  O   . PHE A 1 76 ? 3.931   -10.868 -1.718  1.00 33.25 ? 78  PHE A O   1 
ATOM   569  C  CB  . PHE A 1 76 ? 4.248   -9.392  -4.174  1.00 31.20 ? 78  PHE A CB  1 
ATOM   570  C  CG  . PHE A 1 76 ? 3.673   -8.700  -5.383  1.00 39.84 ? 78  PHE A CG  1 
ATOM   571  C  CD1 . PHE A 1 76 ? 2.292   -8.602  -5.552  1.00 39.04 ? 78  PHE A CD1 1 
ATOM   572  C  CD2 . PHE A 1 76 ? 4.499   -8.094  -6.318  1.00 35.73 ? 78  PHE A CD2 1 
ATOM   573  C  CE1 . PHE A 1 76 ? 1.759   -7.933  -6.635  1.00 35.19 ? 78  PHE A CE1 1 
ATOM   574  C  CE2 . PHE A 1 76 ? 3.969   -7.436  -7.410  1.00 34.51 ? 78  PHE A CE2 1 
ATOM   575  C  CZ  . PHE A 1 76 ? 2.602   -7.352  -7.568  1.00 39.41 ? 78  PHE A CZ  1 
ATOM   576  N  N   . MET A 1 77 ? 4.567   -9.031  -0.563  1.00 29.61 ? 79  MET A N   1 
ATOM   577  C  CA  . MET A 1 77 ? 4.829   -9.741  0.678   1.00 29.59 ? 79  MET A CA  1 
ATOM   578  C  C   . MET A 1 77 ? 3.673   -9.670  1.670   1.00 28.78 ? 79  MET A C   1 
ATOM   579  O  O   . MET A 1 77 ? 3.833   -10.086 2.817   1.00 30.20 ? 79  MET A O   1 
ATOM   580  C  CB  . MET A 1 77 ? 6.107   -9.209  1.300   1.00 28.30 ? 79  MET A CB  1 
ATOM   581  C  CG  . MET A 1 77 ? 7.282   -9.373  0.327   1.00 41.28 ? 79  MET A CG  1 
ATOM   582  S  SD  . MET A 1 77 ? 7.982   -11.045 0.272   1.00 50.83 ? 79  MET A SD  1 
ATOM   583  C  CE  . MET A 1 77 ? 7.096   -11.785 -1.101  1.00 45.32 ? 79  MET A CE  1 
ATOM   584  N  N   . MET A 1 78 ? 2.517   -9.156  1.261   1.00 26.65 ? 80  MET A N   1 
ATOM   585  C  CA  . MET A 1 78 ? 1.383   -9.062  2.161   1.00 28.12 ? 80  MET A CA  1 
ATOM   586  C  C   . MET A 1 78 ? 0.102   -9.094  1.341   1.00 29.63 ? 80  MET A C   1 
ATOM   587  O  O   . MET A 1 78 ? 0.120   -8.991  0.113   1.00 27.73 ? 80  MET A O   1 
ATOM   588  C  CB  . MET A 1 78 ? 1.458   -7.793  3.021   1.00 25.89 ? 80  MET A CB  1 
ATOM   589  C  CG  . MET A 1 78 ? 1.369   -6.501  2.215   1.00 26.68 ? 80  MET A CG  1 
ATOM   590  S  SD  . MET A 1 78 ? 1.724   -5.004  3.186   1.00 28.64 ? 80  MET A SD  1 
ATOM   591  C  CE  . MET A 1 78 ? 3.525   -4.923  3.042   1.00 22.50 ? 80  MET A CE  1 
ATOM   592  N  N   . GLU A 1 79 ? -1.015  -9.259  2.044   1.00 29.35 ? 81  GLU A N   1 
ATOM   593  C  CA  . GLU A 1 79 ? -2.349  -9.160  1.476   1.00 29.68 ? 81  GLU A CA  1 
ATOM   594  C  C   . GLU A 1 79 ? -3.169  -8.162  2.277   1.00 27.52 ? 81  GLU A C   1 
ATOM   595  O  O   . GLU A 1 79 ? -3.063  -8.093  3.511   1.00 27.97 ? 81  GLU A O   1 
ATOM   596  C  CB  . GLU A 1 79 ? -3.060  -10.523 1.441   1.00 34.21 ? 81  GLU A CB  1 
ATOM   597  C  CG  . GLU A 1 79 ? -2.566  -11.433 0.341   1.00 38.08 ? 81  GLU A CG  1 
ATOM   598  C  CD  . GLU A 1 79 ? -3.425  -11.287 -0.918  1.00 45.83 ? 81  GLU A CD  1 
ATOM   599  O  OE1 . GLU A 1 79 ? -3.527  -12.252 -1.702  1.00 50.43 ? 81  GLU A OE1 1 
ATOM   600  O  OE2 . GLU A 1 79 ? -4.039  -10.210 -1.096  1.00 47.97 ? 81  GLU A OE2 1 
ATOM   601  N  N   . LEU A 1 80 ? -3.967  -7.382  1.550   1.00 26.13 ? 82  LEU A N   1 
ATOM   602  C  CA  . LEU A 1 80 ? -4.905  -6.433  2.133   1.00 25.35 ? 82  LEU A CA  1 
ATOM   603  C  C   . LEU A 1 80 ? -6.133  -7.190  2.594   1.00 30.82 ? 82  LEU A C   1 
ATOM   604  O  O   . LEU A 1 80 ? -6.798  -7.842  1.781   1.00 32.86 ? 82  LEU A O   1 
ATOM   605  C  CB  . LEU A 1 80 ? -5.307  -5.383  1.104   1.00 26.18 ? 82  LEU A CB  1 
ATOM   606  C  CG  . LEU A 1 80 ? -4.193  -4.434  0.719   1.00 28.55 ? 82  LEU A CG  1 
ATOM   607  C  CD1 . LEU A 1 80 ? -4.693  -3.511  -0.371  1.00 32.62 ? 82  LEU A CD1 1 
ATOM   608  C  CD2 . LEU A 1 80 ? -3.821  -3.659  1.949   1.00 27.39 ? 82  LEU A CD2 1 
ATOM   609  N  N   . LEU A 1 81 ? -6.480  -7.038  3.866   1.00 26.80 ? 83  LEU A N   1 
ATOM   610  C  CA  . LEU A 1 81 ? -7.630  -7.745  4.417   1.00 29.56 ? 83  LEU A CA  1 
ATOM   611  C  C   . LEU A 1 81 ? -8.911  -6.977  4.133   1.00 29.66 ? 83  LEU A C   1 
ATOM   612  O  O   . LEU A 1 81 ? -8.927  -5.741  4.152   1.00 28.71 ? 83  LEU A O   1 
ATOM   613  C  CB  . LEU A 1 81 ? -7.465  -7.941  5.931   1.00 26.04 ? 83  LEU A CB  1 
ATOM   614  C  CG  . LEU A 1 81 ? -6.254  -8.782  6.350   1.00 27.19 ? 83  LEU A CG  1 
ATOM   615  C  CD1 . LEU A 1 81 ? -6.109  -8.804  7.868   1.00 27.77 ? 83  LEU A CD1 1 
ATOM   616  C  CD2 . LEU A 1 81 ? -6.427  -10.196 5.790   1.00 32.39 ? 83  LEU A CD2 1 
ATOM   617  N  N   . GLU A 1 82 ? -9.999  -7.718  3.889   1.00 29.92 ? 84  GLU A N   1 
ATOM   618  C  CA  . GLU A 1 82 ? -11.263 -7.072  3.547   1.00 32.28 ? 84  GLU A CA  1 
ATOM   619  C  C   . GLU A 1 82 ? -11.762 -6.156  4.667   1.00 31.69 ? 84  GLU A C   1 
ATOM   620  O  O   . GLU A 1 82 ? -12.369 -5.118  4.386   1.00 32.32 ? 84  GLU A O   1 
ATOM   621  C  CB  . GLU A 1 82 ? -12.316 -8.127  3.193   1.00 34.03 ? 84  GLU A CB  1 
ATOM   622  C  CG  . GLU A 1 82 ? -12.911 -7.948  1.786   1.00 39.80 ? 84  GLU A CG  1 
ATOM   623  C  CD  . GLU A 1 82 ? -13.594 -9.203  1.263   1.00 44.42 ? 84  GLU A CD  1 
ATOM   624  O  OE1 . GLU A 1 82 ? -14.309 -9.879  2.040   1.00 51.40 ? 84  GLU A OE1 1 
ATOM   625  O  OE2 . GLU A 1 82 ? -13.411 -9.521  0.067   1.00 46.91 ? 84  GLU A OE2 1 
ATOM   626  N  N   . ASN A 1 83 ? -11.504 -6.497  5.931   1.00 30.87 ? 85  ASN A N   1 
ATOM   627  C  CA  . ASN A 1 83 ? -11.965 -5.688  7.056   1.00 34.17 ? 85  ASN A CA  1 
ATOM   628  C  C   . ASN A 1 83 ? -10.881 -4.766  7.614   1.00 33.54 ? 85  ASN A C   1 
ATOM   629  O  O   . ASN A 1 83 ? -11.030 -4.244  8.726   1.00 31.73 ? 85  ASN A O   1 
ATOM   630  C  CB  . ASN A 1 83 ? -12.512 -6.581  8.171   1.00 36.86 ? 85  ASN A CB  1 
ATOM   631  C  CG  . ASN A 1 83 ? -13.801 -7.277  7.779   1.00 45.01 ? 85  ASN A CG  1 
ATOM   632  O  OD1 . ASN A 1 83 ? -14.649 -6.700  7.094   1.00 49.94 ? 85  ASN A OD1 1 
ATOM   633  N  ND2 . ASN A 1 83 ? -13.956 -8.525  8.211   1.00 51.64 ? 85  ASN A ND2 1 
ATOM   634  N  N   . GLY A 1 84 ? -9.814  -4.539  6.872   1.00 28.95 ? 86  GLY A N   1 
ATOM   635  C  CA  . GLY A 1 84 ? -8.822  -3.598  7.345   1.00 26.72 ? 86  GLY A CA  1 
ATOM   636  C  C   . GLY A 1 84 ? -7.512  -4.284  7.692   1.00 27.97 ? 86  GLY A C   1 
ATOM   637  O  O   . GLY A 1 84 ? -7.465  -5.477  8.032   1.00 28.19 ? 86  GLY A O   1 
ATOM   638  N  N   . GLY A 1 85 ? -6.429  -3.527  7.597   1.00 26.97 ? 87  GLY A N   1 
ATOM   639  C  CA  . GLY A 1 85 ? -5.123  -4.073  7.918   1.00 27.37 ? 87  GLY A CA  1 
ATOM   640  C  C   . GLY A 1 85 ? -4.612  -5.037  6.851   1.00 27.47 ? 87  GLY A C   1 
ATOM   641  O  O   . GLY A 1 85 ? -5.189  -5.211  5.764   1.00 26.38 ? 87  GLY A O   1 
ATOM   642  N  N   . VAL A 1 86 ? -3.500  -5.683  7.200   1.00 25.72 ? 88  VAL A N   1 
ATOM   643  C  CA  . VAL A 1 86 ? -2.749  -6.542  6.293   1.00 24.35 ? 88  VAL A CA  1 
ATOM   644  C  C   . VAL A 1 86 ? -2.331  -7.818  7.008   1.00 26.32 ? 88  VAL A C   1 
ATOM   645  O  O   . VAL A 1 86 ? -2.203  -7.856  8.236   1.00 25.21 ? 88  VAL A O   1 
ATOM   646  C  CB  . VAL A 1 86 ? -1.492  -5.820  5.775   1.00 22.92 ? 88  VAL A CB  1 
ATOM   647  C  CG1 . VAL A 1 86 ? -1.856  -4.796  4.691   1.00 23.92 ? 88  VAL A CG1 1 
ATOM   648  C  CG2 . VAL A 1 86 ? -0.805  -5.136  6.943   1.00 22.80 ? 88  VAL A CG2 1 
ATOM   649  N  N   . THR A 1 87 ? -2.109  -8.876  6.226   1.00 24.83 ? 89  THR A N   1 
ATOM   650  C  CA  . THR A 1 87 ? -1.421  -10.051 6.748   1.00 29.16 ? 89  THR A CA  1 
ATOM   651  C  C   . THR A 1 87 ? -0.243  -10.350 5.844   1.00 25.21 ? 89  THR A C   1 
ATOM   652  O  O   . THR A 1 87 ? -0.295  -10.107 4.639   1.00 23.85 ? 89  THR A O   1 
ATOM   653  C  CB  . THR A 1 87 ? -2.301  -11.322 6.870   1.00 32.09 ? 89  THR A CB  1 
ATOM   654  O  OG1 . THR A 1 87 ? -2.819  -11.686 5.588   1.00 37.12 ? 89  THR A OG1 1 
ATOM   655  C  CG2 . THR A 1 87 ? -3.453  -11.092 7.864   1.00 32.04 ? 89  THR A CG2 1 
ATOM   656  N  N   . CYS A 1 88 ? 0.822   -10.880 6.440   1.00 24.69 ? 90  CYS A N   1 
ATOM   657  C  CA  . CYS A 1 88 ? 1.989   -11.248 5.657   1.00 30.26 ? 90  CYS A CA  1 
ATOM   658  C  C   . CYS A 1 88 ? 1.673   -12.459 4.769   1.00 35.21 ? 90  CYS A C   1 
ATOM   659  O  O   . CYS A 1 88 ? 0.629   -13.122 4.887   1.00 28.76 ? 90  CYS A O   1 
ATOM   660  C  CB  . CYS A 1 88 ? 3.180   -11.541 6.571   1.00 25.30 ? 90  CYS A CB  1 
ATOM   661  S  SG  . CYS A 1 88 ? 3.098   -13.120 7.470   1.00 25.44 ? 90  CYS A SG  1 
ATOM   662  N  N   . ILE A 1 89 ? 2.614   -12.751 3.876   1.00 32.65 ? 91  ILE A N   1 
ATOM   663  C  CA  . ILE A 1 89 ? 2.368   -13.732 2.826   1.00 36.25 ? 91  ILE A CA  1 
ATOM   664  C  C   . ILE A 1 89 ? 2.333   -15.163 3.389   1.00 36.31 ? 91  ILE A C   1 
ATOM   665  O  O   . ILE A 1 89 ? 1.567   -16.013 2.899   1.00 36.14 ? 91  ILE A O   1 
ATOM   666  C  CB  . ILE A 1 89 ? 3.424   -13.528 1.717   1.00 32.83 ? 91  ILE A CB  1 
ATOM   667  C  CG1 . ILE A 1 89 ? 3.021   -14.224 0.420   1.00 43.59 ? 91  ILE A CG1 1 
ATOM   668  C  CG2 . ILE A 1 89 ? 4.799   -13.985 2.156   1.00 29.31 ? 91  ILE A CG2 1 
ATOM   669  C  CD1 . ILE A 1 89 ? 4.010   -13.957 -0.730  1.00 46.00 ? 91  ILE A CD1 1 
ATOM   670  N  N   . SER A 1 90 ? 3.122   -15.449 4.435   1.00 32.56 ? 92  SER A N   1 
ATOM   671  C  CA  . SER A 1 90 ? 3.087   -16.772 5.075   1.00 35.40 ? 92  SER A CA  1 
ATOM   672  C  C   . SER A 1 90 ? 1.729   -17.043 5.729   1.00 35.80 ? 92  SER A C   1 
ATOM   673  O  O   . SER A 1 90 ? 1.115   -18.103 5.525   1.00 36.86 ? 92  SER A O   1 
ATOM   674  C  CB  . SER A 1 90 ? 4.203   -16.868 6.113   1.00 31.18 ? 92  SER A CB  1 
ATOM   675  O  OG  . SER A 1 90 ? 5.351   -16.171 5.659   1.00 40.67 ? 92  SER A OG  1 
ATOM   676  N  N   . CYS A 1 91 ? 1.265   -16.099 6.552   1.00 34.31 ? 93  CYS A N   1 
ATOM   677  C  CA  . CYS A 1 91 ? -0.049  -16.225 7.175   1.00 36.90 ? 93  CYS A CA  1 
ATOM   678  C  C   . CYS A 1 91 ? -1.160  -16.281 6.128   1.00 38.10 ? 93  CYS A C   1 
ATOM   679  O  O   . CYS A 1 91 ? -2.169  -16.973 6.315   1.00 41.34 ? 93  CYS A O   1 
ATOM   680  C  CB  . CYS A 1 91 ? -0.263  -15.062 8.139   1.00 30.36 ? 93  CYS A CB  1 
ATOM   681  S  SG  . CYS A 1 91 ? 0.894   -15.066 9.529   1.00 30.30 ? 93  CYS A SG  1 
ATOM   682  N  N   . ALA A 1 92 ? -0.998  -15.541 5.023   1.00 37.02 ? 94  ALA A N   1 
ATOM   683  C  CA  . ALA A 1 92 ? -1.985  -15.579 3.948   1.00 41.29 ? 94  ALA A CA  1 
ATOM   684  C  C   . ALA A 1 92 ? -2.056  -16.963 3.307   1.00 42.65 ? 94  ALA A C   1 
ATOM   685  O  O   . ALA A 1 92 ? -3.149  -17.459 3.002   1.00 40.19 ? 94  ALA A O   1 
ATOM   686  C  CB  . ALA A 1 92 ? -1.673  -14.506 2.902   1.00 35.45 ? 94  ALA A CB  1 
ATOM   687  N  N   . LYS A 1 93 ? -0.904  -17.602 3.082   1.00 45.63 ? 95  LYS A N   1 
ATOM   688  C  CA  . LYS A 1 93 ? -0.934  -18.981 2.591   1.00 45.14 ? 95  LYS A CA  1 
ATOM   689  C  C   . LYS A 1 93 ? -1.608  -19.908 3.605   1.00 46.84 ? 95  LYS A C   1 
ATOM   690  O  O   . LYS A 1 93 ? -2.325  -20.840 3.218   1.00 45.76 ? 95  LYS A O   1 
ATOM   691  C  CB  . LYS A 1 93 ? 0.484   -19.464 2.252   1.00 44.02 ? 95  LYS A CB  1 
ATOM   692  C  CG  . LYS A 1 93 ? 0.558   -20.756 1.390   1.00 47.65 ? 95  LYS A CG  1 
ATOM   693  C  CD  . LYS A 1 93 ? -0.161  -20.596 0.035   1.00 53.66 ? 95  LYS A CD  1 
ATOM   694  C  CE  . LYS A 1 93 ? -0.048  -21.843 -0.849  1.00 50.88 ? 95  LYS A CE  1 
ATOM   695  N  NZ  . LYS A 1 93 ? -0.931  -21.733 -2.050  1.00 44.67 ? 95  LYS A NZ  1 
ATOM   696  N  N   . LYS A 1 94 ? -1.425  -19.652 4.913   1.00 46.65 ? 96  LYS A N   1 
ATOM   697  C  CA  . LYS A 1 94 ? -2.074  -20.499 5.918   1.00 44.94 ? 96  LYS A CA  1 
ATOM   698  C  C   . LYS A 1 94 ? -3.585  -20.277 6.025   1.00 48.50 ? 96  LYS A C   1 
ATOM   699  O  O   . LYS A 1 94 ? -4.296  -21.181 6.478   1.00 47.88 ? 96  LYS A O   1 
ATOM   700  C  CB  . LYS A 1 94 ? -1.464  -20.278 7.309   1.00 45.27 ? 96  LYS A CB  1 
ATOM   701  C  CG  . LYS A 1 94 ? -0.021  -20.712 7.485   1.00 43.08 ? 96  LYS A CG  1 
ATOM   702  C  CD  . LYS A 1 94 ? 0.515   -20.195 8.813   1.00 43.61 ? 96  LYS A CD  1 
ATOM   703  C  CE  . LYS A 1 94 ? 2.033   -20.369 8.932   1.00 45.90 ? 96  LYS A CE  1 
ATOM   704  N  NZ  . LYS A 1 94 ? 2.518   -19.874 10.257  1.00 46.62 ? 96  LYS A NZ  1 
ATOM   705  N  N   . SER A 1 95 ? -4.106  -19.116 5.620   1.00 50.81 ? 97  SER A N   1 
ATOM   706  C  CA  . SER A 1 95 ? -5.529  -18.835 5.804   1.00 53.13 ? 97  SER A CA  1 
ATOM   707  C  C   . SER A 1 95 ? -6.361  -19.026 4.533   1.00 55.41 ? 97  SER A C   1 
ATOM   708  O  O   . SER A 1 95 ? -7.587  -18.845 4.579   1.00 53.81 ? 97  SER A O   1 
ATOM   709  C  CB  . SER A 1 95 ? -5.727  -17.406 6.330   1.00 48.24 ? 97  SER A CB  1 
ATOM   710  O  OG  . SER A 1 95 ? -6.016  -16.516 5.264   1.00 52.13 ? 97  SER A OG  1 
ATOM   711  N  N   . GLY A 1 96 ? -5.735  -19.392 3.412   1.00 51.10 ? 98  GLY A N   1 
ATOM   712  C  CA  . GLY A 1 96 ? -6.442  -19.572 2.154   1.00 51.47 ? 98  GLY A CA  1 
ATOM   713  C  C   . GLY A 1 96 ? -6.642  -18.277 1.388   1.00 47.92 ? 98  GLY A C   1 
ATOM   714  O  O   . GLY A 1 96 ? -5.972  -18.026 0.389   1.00 48.09 ? 98  GLY A O   1 
ATOM   715  N  N   . ILE B 1 2  ? -30.007 -9.223  5.144   1.00 43.05 ? 4   ILE B N   1 
ATOM   716  C  CA  . ILE B 1 2  ? -30.000 -7.841  5.624   1.00 45.39 ? 4   ILE B CA  1 
ATOM   717  C  C   . ILE B 1 2  ? -28.849 -7.042  5.003   1.00 44.25 ? 4   ILE B C   1 
ATOM   718  O  O   . ILE B 1 2  ? -27.679 -7.403  5.165   1.00 46.88 ? 4   ILE B O   1 
ATOM   719  C  CB  . ILE B 1 2  ? -29.925 -7.787  7.183   1.00 45.92 ? 4   ILE B CB  1 
ATOM   720  C  CG1 . ILE B 1 2  ? -30.083 -6.346  7.711   1.00 42.88 ? 4   ILE B CG1 1 
ATOM   721  C  CG2 . ILE B 1 2  ? -28.621 -8.412  7.696   1.00 51.81 ? 4   ILE B CG2 1 
ATOM   722  C  CD1 . ILE B 1 2  ? -31.171 -5.521  7.039   1.00 45.91 ? 4   ILE B CD1 1 
ATOM   723  N  N   . LYS B 1 3  ? -29.183 -5.946  4.315   1.00 36.07 ? 5   LYS B N   1 
ATOM   724  C  CA  . LYS B 1 3  ? -28.161 -5.074  3.739   1.00 39.87 ? 5   LYS B CA  1 
ATOM   725  C  C   . LYS B 1 3  ? -27.617 -4.104  4.781   1.00 38.01 ? 5   LYS B C   1 
ATOM   726  O  O   . LYS B 1 3  ? -28.375 -3.421  5.477   1.00 37.21 ? 5   LYS B O   1 
ATOM   727  C  CB  . LYS B 1 3  ? -28.696 -4.286  2.546   1.00 37.47 ? 5   LYS B CB  1 
ATOM   728  C  CG  . LYS B 1 3  ? -27.599 -3.627  1.731   1.00 34.33 ? 5   LYS B CG  1 
ATOM   729  C  CD  . LYS B 1 3  ? -28.082 -3.371  0.313   1.00 33.26 ? 5   LYS B CD  1 
ATOM   730  C  CE  . LYS B 1 3  ? -26.914 -3.083  -0.586  1.00 34.81 ? 5   LYS B CE  1 
ATOM   731  N  NZ  . LYS B 1 3  ? -26.588 -1.660  -0.471  1.00 43.50 ? 5   LYS B NZ  1 
ATOM   732  N  N   . VAL B 1 4  ? -26.297 -4.034  4.863   1.00 32.35 ? 6   VAL B N   1 
ATOM   733  C  CA  . VAL B 1 4  ? -25.612 -3.271  5.893   1.00 31.74 ? 6   VAL B CA  1 
ATOM   734  C  C   . VAL B 1 4  ? -24.426 -2.542  5.265   1.00 33.22 ? 6   VAL B C   1 
ATOM   735  O  O   . VAL B 1 4  ? -23.825 -3.015  4.297   1.00 29.84 ? 6   VAL B O   1 
ATOM   736  C  CB  . VAL B 1 4  ? -25.200 -4.235  7.037   1.00 35.47 ? 6   VAL B CB  1 
ATOM   737  C  CG1 . VAL B 1 4  ? -23.713 -4.180  7.320   1.00 31.88 ? 6   VAL B CG1 1 
ATOM   738  C  CG2 . VAL B 1 4  ? -26.084 -4.019  8.295   1.00 30.61 ? 6   VAL B CG2 1 
ATOM   739  N  N   . CYS B 1 5  ? -24.123 -1.354  5.796   1.00 34.81 ? 7   CYS B N   1 
ATOM   740  C  CA  . CYS B 1 5  ? -22.949 -0.605  5.354   1.00 36.93 ? 7   CYS B CA  1 
ATOM   741  C  C   . CYS B 1 5  ? -21.687 -1.443  5.552   1.00 33.79 ? 7   CYS B C   1 
ATOM   742  O  O   . CYS B 1 5  ? -21.459 -1.998  6.631   1.00 31.86 ? 7   CYS B O   1 
ATOM   743  C  CB  . CYS B 1 5  ? -22.839 0.717   6.128   1.00 34.14 ? 7   CYS B CB  1 
ATOM   744  S  SG  . CYS B 1 5  ? -21.446 1.807   5.613   1.00 31.97 ? 7   CYS B SG  1 
ATOM   745  N  N   . MET B 1 6  ? -20.877 -1.551  4.496   1.00 33.50 ? 8   MET B N   1 
ATOM   746  C  CA  . MET B 1 6  ? -19.692 -2.408  4.495   1.00 33.30 ? 8   MET B CA  1 
ATOM   747  C  C   . MET B 1 6  ? -18.457 -1.757  5.135   1.00 40.63 ? 8   MET B C   1 
ATOM   748  O  O   . MET B 1 6  ? -17.387 -2.376  5.142   1.00 38.10 ? 8   MET B O   1 
ATOM   749  C  CB  . MET B 1 6  ? -19.398 -2.869  3.063   1.00 37.54 ? 8   MET B CB  1 
ATOM   750  C  CG  . MET B 1 6  ? -20.508 -3.789  2.483   1.00 37.19 ? 8   MET B CG  1 
ATOM   751  S  SD  . MET B 1 6  ? -20.241 -4.379  0.780   1.00 42.19 ? 8   MET B SD  1 
ATOM   752  C  CE  . MET B 1 6  ? -21.880 -4.961  0.339   1.00 41.08 ? 8   MET B CE  1 
ATOM   753  N  N   . ASN B 1 7  ? -18.564 -0.529  5.645   1.00 34.45 ? 9   ASN B N   1 
ATOM   754  C  CA  . ASN B 1 7  ? -17.602 -0.004  6.610   1.00 36.82 ? 9   ASN B CA  1 
ATOM   755  C  C   . ASN B 1 7  ? -17.862 -0.672  7.956   1.00 43.12 ? 9   ASN B C   1 
ATOM   756  O  O   . ASN B 1 7  ? -18.875 -0.385  8.613   1.00 40.03 ? 9   ASN B O   1 
ATOM   757  C  CB  . ASN B 1 7  ? -17.731 1.516   6.724   1.00 36.65 ? 9   ASN B CB  1 
ATOM   758  C  CG  . ASN B 1 7  ? -16.897 2.106   7.870   1.00 36.45 ? 9   ASN B CG  1 
ATOM   759  O  OD1 . ASN B 1 7  ? -16.057 1.433   8.457   1.00 37.30 ? 9   ASN B OD1 1 
ATOM   760  N  ND2 . ASN B 1 7  ? -17.165 3.369   8.210   1.00 35.23 ? 9   ASN B ND2 1 
ATOM   761  N  N   . ALA B 1 8  ? -16.948 -1.554  8.374   1.00 41.79 ? 10  ALA B N   1 
ATOM   762  C  CA  . ALA B 1 8  ? -17.154 -2.355  9.582   1.00 42.50 ? 10  ALA B CA  1 
ATOM   763  C  C   . ALA B 1 8  ? -17.324 -1.512  10.840  1.00 46.21 ? 10  ALA B C   1 
ATOM   764  O  O   . ALA B 1 8  ? -17.920 -1.985  11.815  1.00 44.90 ? 10  ALA B O   1 
ATOM   765  C  CB  . ALA B 1 8  ? -15.988 -3.327  9.773   1.00 45.50 ? 10  ALA B CB  1 
ATOM   766  N  N   . LEU B 1 9  ? -16.815 -0.285  10.858  1.00 48.36 ? 11  LEU B N   1 
ATOM   767  C  CA  . LEU B 1 9  ? -17.023 0.594   12.002  1.00 45.40 ? 11  LEU B CA  1 
ATOM   768  C  C   . LEU B 1 9  ? -18.318 1.383   11.906  1.00 43.87 ? 11  LEU B C   1 
ATOM   769  O  O   . LEU B 1 9  ? -18.549 2.281   12.727  1.00 44.12 ? 11  LEU B O   1 
ATOM   770  C  CB  . LEU B 1 9  ? -15.835 1.545   12.153  1.00 46.02 ? 11  LEU B CB  1 
ATOM   771  C  CG  . LEU B 1 9  ? -14.522 0.781   11.997  1.00 49.27 ? 11  LEU B CG  1 
ATOM   772  C  CD1 . LEU B 1 9  ? -13.347 1.723   11.774  1.00 44.68 ? 11  LEU B CD1 1 
ATOM   773  C  CD2 . LEU B 1 9  ? -14.308 -0.075  13.236  1.00 44.81 ? 11  LEU B CD2 1 
ATOM   774  N  N   . CYS B 1 10 ? -19.160 1.076   10.915  1.00 42.85 ? 12  CYS B N   1 
ATOM   775  C  CA  . CYS B 1 10 ? -20.483 1.681   10.814  1.00 40.48 ? 12  CYS B CA  1 
ATOM   776  C  C   . CYS B 1 10 ? -21.581 0.601   10.860  1.00 36.63 ? 12  CYS B C   1 
ATOM   777  O  O   . CYS B 1 10 ? -22.283 0.508   11.866  1.00 38.03 ? 12  CYS B O   1 
ATOM   778  C  CB  . CYS B 1 10 ? -20.576 2.512   9.533   1.00 38.12 ? 12  CYS B CB  1 
ATOM   779  S  SG  . CYS B 1 10 ? -22.228 3.097   9.125   1.00 34.60 ? 12  CYS B SG  1 
ATOM   780  N  N   . GLY B 1 11 ? -21.699 -0.220  9.823   1.00 34.58 ? 13  GLY B N   1 
ATOM   781  C  CA  . GLY B 1 11 ? -22.699 -1.276  9.790   1.00 35.40 ? 13  GLY B CA  1 
ATOM   782  C  C   . GLY B 1 11 ? -24.139 -0.816  9.903   1.00 34.43 ? 13  GLY B C   1 
ATOM   783  O  O   . GLY B 1 11 ? -24.997 -1.605  10.318  1.00 34.50 ? 13  GLY B O   1 
ATOM   784  N  N   . ALA B 1 12 ? -24.435 0.434   9.542   1.00 31.37 ? 14  ALA B N   1 
ATOM   785  C  CA  . ALA B 1 12 ? -25.818 0.895   9.511   1.00 36.53 ? 14  ALA B CA  1 
ATOM   786  C  C   . ALA B 1 12 ? -26.651 0.054   8.544   1.00 37.41 ? 14  ALA B C   1 
ATOM   787  O  O   . ALA B 1 12 ? -26.184 -0.345  7.471   1.00 32.96 ? 14  ALA B O   1 
ATOM   788  C  CB  . ALA B 1 12 ? -25.883 2.368   9.114   1.00 35.57 ? 14  ALA B CB  1 
ATOM   789  N  N   . ALA B 1 13 ? -27.896 -0.217  8.930   1.00 36.15 ? 15  ALA B N   1 
ATOM   790  C  CA  . ALA B 1 13 ? -28.804 -1.033  8.131   1.00 37.65 ? 15  ALA B CA  1 
ATOM   791  C  C   . ALA B 1 13 ? -29.731 -0.187  7.265   1.00 38.65 ? 15  ALA B C   1 
ATOM   792  O  O   . ALA B 1 13 ? -30.672 -0.722  6.665   1.00 35.14 ? 15  ALA B O   1 
ATOM   793  C  CB  . ALA B 1 13 ? -29.623 -1.965  9.029   1.00 34.33 ? 15  ALA B CB  1 
ATOM   794  N  N   . SER B 1 14 ? -29.522 1.127   7.232   1.00 32.83 ? 16  SER B N   1 
ATOM   795  C  CA  . SER B 1 14 ? -30.323 2.008   6.401   1.00 37.74 ? 16  SER B CA  1 
ATOM   796  C  C   . SER B 1 14 ? -29.424 3.078   5.796   1.00 34.65 ? 16  SER B C   1 
ATOM   797  O  O   . SER B 1 14 ? -28.254 3.232   6.173   1.00 33.10 ? 16  SER B O   1 
ATOM   798  C  CB  . SER B 1 14 ? -31.466 2.643   7.202   1.00 31.47 ? 16  SER B CB  1 
ATOM   799  O  OG  . SER B 1 14 ? -30.943 3.541   8.164   1.00 37.48 ? 16  SER B OG  1 
ATOM   800  N  N   . THR B 1 15 ? -29.989 3.816   4.843   1.00 34.04 ? 17  THR B N   1 
ATOM   801  C  CA  . THR B 1 15 ? -29.276 4.874   4.144   1.00 32.70 ? 17  THR B CA  1 
ATOM   802  C  C   . THR B 1 15 ? -30.296 5.901   3.682   1.00 33.39 ? 17  THR B C   1 
ATOM   803  O  O   . THR B 1 15 ? -31.489 5.602   3.543   1.00 32.15 ? 17  THR B O   1 
ATOM   804  C  CB  . THR B 1 15 ? -28.479 4.340   2.934   1.00 35.42 ? 17  THR B CB  1 
ATOM   805  O  OG1 . THR B 1 15 ? -27.566 5.341   2.466   1.00 31.23 ? 17  THR B OG1 1 
ATOM   806  C  CG2 . THR B 1 15 ? -29.420 3.978   1.782   1.00 30.19 ? 17  THR B CG2 1 
ATOM   807  N  N   . SER B 1 16 ? -29.812 7.131   3.497   1.00 32.22 ? 18  SER B N   1 
ATOM   808  C  CA  . SER B 1 16 ? -30.595 8.242   2.970   1.00 34.16 ? 18  SER B CA  1 
ATOM   809  C  C   . SER B 1 16 ? -30.297 8.436   1.489   1.00 34.35 ? 18  SER B C   1 
ATOM   810  O  O   . SER B 1 16 ? -29.134 8.623   1.104   1.00 31.21 ? 18  SER B O   1 
ATOM   811  C  CB  . SER B 1 16 ? -30.293 9.533   3.729   1.00 38.20 ? 18  SER B CB  1 
ATOM   812  O  OG  . SER B 1 16 ? -30.932 9.526   4.993   1.00 46.89 ? 18  SER B OG  1 
ATOM   813  N  N   . GLY B 1 17 ? -31.340 8.411   0.670   1.00 29.21 ? 19  GLY B N   1 
ATOM   814  C  CA  . GLY B 1 17 ? -31.174 8.656   -0.744  1.00 30.92 ? 19  GLY B CA  1 
ATOM   815  C  C   . GLY B 1 17 ? -30.564 7.523   -1.540  1.00 33.76 ? 19  GLY B C   1 
ATOM   816  O  O   . GLY B 1 17 ? -31.141 7.082   -2.536  1.00 34.30 ? 19  GLY B O   1 
ATOM   817  N  N   . GLU B 1 18 ? -29.394 7.046   -1.119  1.00 31.41 ? 20  GLU B N   1 
ATOM   818  C  CA  . GLU B 1 18 ? -28.581 6.206   -1.979  1.00 32.82 ? 20  GLU B CA  1 
ATOM   819  C  C   . GLU B 1 18 ? -27.668 5.329   -1.136  1.00 34.79 ? 20  GLU B C   1 
ATOM   820  O  O   . GLU B 1 18 ? -27.178 5.760   -0.087  1.00 33.38 ? 20  GLU B O   1 
ATOM   821  C  CB  . GLU B 1 18 ? -27.745 7.084   -2.924  1.00 33.56 ? 20  GLU B CB  1 
ATOM   822  C  CG  . GLU B 1 18 ? -27.095 6.380   -4.091  1.00 41.37 ? 20  GLU B CG  1 
ATOM   823  C  CD  . GLU B 1 18 ? -26.083 7.285   -4.821  1.00 50.04 ? 20  GLU B CD  1 
ATOM   824  O  OE1 . GLU B 1 18 ? -26.059 8.517   -4.542  1.00 47.40 ? 20  GLU B OE1 1 
ATOM   825  O  OE2 . GLU B 1 18 ? -25.319 6.760   -5.673  1.00 48.86 ? 20  GLU B OE2 1 
ATOM   826  N  N   . TRP B 1 19 ? -27.445 4.102   -1.594  1.00 33.99 ? 21  TRP B N   1 
ATOM   827  C  CA  . TRP B 1 19 ? -26.262 3.363   -1.202  1.00 31.30 ? 21  TRP B CA  1 
ATOM   828  C  C   . TRP B 1 19 ? -25.164 3.799   -2.156  1.00 35.34 ? 21  TRP B C   1 
ATOM   829  O  O   . TRP B 1 19 ? -25.359 3.818   -3.379  1.00 36.81 ? 21  TRP B O   1 
ATOM   830  C  CB  . TRP B 1 19 ? -26.492 1.851   -1.287  1.00 29.77 ? 21  TRP B CB  1 
ATOM   831  C  CG  . TRP B 1 19 ? -27.467 1.335   -0.255  1.00 33.30 ? 21  TRP B CG  1 
ATOM   832  C  CD1 . TRP B 1 19 ? -28.797 1.059   -0.450  1.00 32.75 ? 21  TRP B CD1 1 
ATOM   833  C  CD2 . TRP B 1 19 ? -27.203 1.063   1.134   1.00 30.50 ? 21  TRP B CD2 1 
ATOM   834  N  NE1 . TRP B 1 19 ? -29.368 0.624   0.725   1.00 30.98 ? 21  TRP B NE1 1 
ATOM   835  C  CE2 . TRP B 1 19 ? -28.414 0.619   1.713   1.00 31.87 ? 21  TRP B CE2 1 
ATOM   836  C  CE3 . TRP B 1 19 ? -26.068 1.161   1.946   1.00 31.83 ? 21  TRP B CE3 1 
ATOM   837  C  CZ2 . TRP B 1 19 ? -28.517 0.266   3.061   1.00 30.76 ? 21  TRP B CZ2 1 
ATOM   838  C  CZ3 . TRP B 1 19 ? -26.172 0.810   3.290   1.00 30.32 ? 21  TRP B CZ3 1 
ATOM   839  C  CH2 . TRP B 1 19 ? -27.389 0.364   3.829   1.00 31.07 ? 21  TRP B CH2 1 
ATOM   840  N  N   . LYS B 1 20 ? -24.020 4.160   -1.611  1.00 32.98 ? 22  LYS B N   1 
ATOM   841  C  CA  . LYS B 1 20 ? -22.968 4.696   -2.451  1.00 32.09 ? 22  LYS B CA  1 
ATOM   842  C  C   . LYS B 1 20 ? -21.917 3.633   -2.733  1.00 31.58 ? 22  LYS B C   1 
ATOM   843  O  O   . LYS B 1 20 ? -21.739 2.683   -1.966  1.00 33.72 ? 22  LYS B O   1 
ATOM   844  C  CB  . LYS B 1 20 ? -22.352 5.936   -1.809  1.00 36.20 ? 22  LYS B CB  1 
ATOM   845  C  CG  . LYS B 1 20 ? -23.380 7.049   -1.659  1.00 38.08 ? 22  LYS B CG  1 
ATOM   846  C  CD  . LYS B 1 20 ? -22.732 8.407   -1.698  1.00 38.62 ? 22  LYS B CD  1 
ATOM   847  C  CE  . LYS B 1 20 ? -23.722 9.452   -2.165  1.00 43.24 ? 22  LYS B CE  1 
ATOM   848  N  NZ  . LYS B 1 20 ? -23.020 10.557  -2.890  1.00 51.99 ? 22  LYS B NZ  1 
ATOM   849  N  N   . LYS B 1 21 ? -21.231 3.800   -3.855  1.00 29.14 ? 23  LYS B N   1 
ATOM   850  C  CA  . LYS B 1 21 ? -20.181 2.878   -4.251  1.00 31.14 ? 23  LYS B CA  1 
ATOM   851  C  C   . LYS B 1 21 ? -18.917 3.247   -3.485  1.00 29.94 ? 23  LYS B C   1 
ATOM   852  O  O   . LYS B 1 21 ? -18.531 4.421   -3.437  1.00 28.51 ? 23  LYS B O   1 
ATOM   853  C  CB  . LYS B 1 21 ? -19.930 2.969   -5.755  1.00 27.48 ? 23  LYS B CB  1 
ATOM   854  C  CG  . LYS B 1 21 ? -21.088 2.513   -6.639  1.00 37.61 ? 23  LYS B CG  1 
ATOM   855  C  CD  . LYS B 1 21 ? -20.736 2.688   -8.138  1.00 45.04 ? 23  LYS B CD  1 
ATOM   856  C  CE  . LYS B 1 21 ? -21.926 2.413   -9.056  1.00 45.86 ? 23  LYS B CE  1 
ATOM   857  N  NZ  . LYS B 1 21 ? -22.431 1.010   -8.923  1.00 51.02 ? 23  LYS B NZ  1 
ATOM   858  N  N   . GLY B 1 22 ? -18.285 2.250   -2.884  1.00 29.44 ? 24  GLY B N   1 
ATOM   859  C  CA  . GLY B 1 22 ? -17.070 2.396   -2.099  1.00 29.84 ? 24  GLY B CA  1 
ATOM   860  C  C   . GLY B 1 22 ? -15.847 1.895   -2.843  1.00 31.71 ? 24  GLY B C   1 
ATOM   861  O  O   . GLY B 1 22 ? -15.738 2.024   -4.068  1.00 28.56 ? 24  GLY B O   1 
ATOM   862  N  N   . TRP B 1 23 ? -14.902 1.311   -2.077  1.00 30.74 ? 25  TRP B N   1 
ATOM   863  C  CA  . TRP B 1 23 ? -13.652 0.816   -2.639  1.00 28.51 ? 25  TRP B CA  1 
ATOM   864  C  C   . TRP B 1 23 ? -13.861 -0.552  -3.289  1.00 33.30 ? 25  TRP B C   1 
ATOM   865  O  O   . TRP B 1 23 ? -14.771 -1.293  -2.902  1.00 28.32 ? 25  TRP B O   1 
ATOM   866  C  CB  . TRP B 1 23 ? -12.599 0.709   -1.544  1.00 24.55 ? 25  TRP B CB  1 
ATOM   867  C  CG  . TRP B 1 23 ? -13.080 -0.111  -0.394  1.00 24.73 ? 25  TRP B CG  1 
ATOM   868  C  CD1 . TRP B 1 23 ? -12.999 -1.474  -0.263  1.00 25.42 ? 25  TRP B CD1 1 
ATOM   869  C  CD2 . TRP B 1 23 ? -13.815 0.358   0.743   1.00 22.29 ? 25  TRP B CD2 1 
ATOM   870  N  NE1 . TRP B 1 23 ? -13.585 -1.864  0.918   1.00 26.33 ? 25  TRP B NE1 1 
ATOM   871  C  CE2 . TRP B 1 23 ? -14.090 -0.760  1.554   1.00 25.06 ? 25  TRP B CE2 1 
ATOM   872  C  CE3 . TRP B 1 23 ? -14.221 1.624   1.179   1.00 22.99 ? 25  TRP B CE3 1 
ATOM   873  C  CZ2 . TRP B 1 23 ? -14.781 -0.656  2.770   1.00 24.63 ? 25  TRP B CZ2 1 
ATOM   874  C  CZ3 . TRP B 1 23 ? -14.897 1.725   2.390   1.00 26.22 ? 25  TRP B CZ3 1 
ATOM   875  C  CH2 . TRP B 1 23 ? -15.169 0.591   3.170   1.00 24.97 ? 25  TRP B CH2 1 
ATOM   876  N  N   . PRO B 1 24 ? -13.024 -0.908  -4.271  1.00 31.86 ? 26  PRO B N   1 
ATOM   877  C  CA  . PRO B 1 24 ? -13.041 -2.284  -4.792  1.00 30.94 ? 26  PRO B CA  1 
ATOM   878  C  C   . PRO B 1 24 ? -12.626 -3.270  -3.711  1.00 30.61 ? 26  PRO B C   1 
ATOM   879  O  O   . PRO B 1 24 ? -11.547 -3.157  -3.116  1.00 29.25 ? 26  PRO B O   1 
ATOM   880  C  CB  . PRO B 1 24 ? -12.022 -2.250  -5.940  1.00 36.14 ? 26  PRO B CB  1 
ATOM   881  C  CG  . PRO B 1 24 ? -11.849 -0.797  -6.273  1.00 37.39 ? 26  PRO B CG  1 
ATOM   882  C  CD  . PRO B 1 24 ? -12.083 -0.040  -4.997  1.00 33.05 ? 26  PRO B CD  1 
ATOM   883  N  N   . MET B 1 25 ? -13.475 -4.264  -3.491  1.00 34.22 ? 27  MET B N   1 
ATOM   884  C  CA  . MET B 1 25 ? -13.192 -5.311  -2.525  1.00 34.75 ? 27  MET B CA  1 
ATOM   885  C  C   . MET B 1 25 ? -12.250 -6.330  -3.138  1.00 37.43 ? 27  MET B C   1 
ATOM   886  O  O   . MET B 1 25 ? -11.874 -6.230  -4.309  1.00 34.99 ? 27  MET B O   1 
ATOM   887  C  CB  . MET B 1 25 ? -14.490 -5.945  -2.054  1.00 35.18 ? 27  MET B CB  1 
ATOM   888  C  CG  . MET B 1 25 ? -15.426 -4.885  -1.540  1.00 35.73 ? 27  MET B CG  1 
ATOM   889  S  SD  . MET B 1 25 ? -16.901 -5.561  -0.832  1.00 57.34 ? 27  MET B SD  1 
ATOM   890  C  CE  . MET B 1 25 ? -16.763 -4.927  0.837   1.00 51.38 ? 27  MET B CE  1 
ATOM   891  N  N   . ARG B 1 26 ? -11.837 -7.307  -2.324  1.00 37.09 ? 28  ARG B N   1 
ATOM   892  C  CA  . ARG B 1 26 ? -10.892 -8.299  -2.812  1.00 37.29 ? 28  ARG B CA  1 
ATOM   893  C  C   . ARG B 1 26 ? -11.424 -9.037  -4.036  1.00 39.36 ? 28  ARG B C   1 
ATOM   894  O  O   . ARG B 1 26 ? -10.657 -9.352  -4.951  1.00 41.96 ? 28  ARG B O   1 
ATOM   895  C  CB  . ARG B 1 26 ? -10.519 -9.280  -1.708  1.00 38.90 ? 28  ARG B CB  1 
ATOM   896  C  CG  . ARG B 1 26 ? -9.601  -8.652  -0.688  1.00 40.68 ? 28  ARG B CG  1 
ATOM   897  C  CD  . ARG B 1 26 ? -9.167  -9.640  0.346   1.00 39.62 ? 28  ARG B CD  1 
ATOM   898  N  NE  . ARG B 1 26 ? -8.424  -10.720 -0.304  1.00 36.80 ? 28  ARG B NE  1 
ATOM   899  C  CZ  . ARG B 1 26 ? -7.112  -10.684 -0.534  1.00 40.52 ? 28  ARG B CZ  1 
ATOM   900  N  NH1 . ARG B 1 26 ? -6.508  -11.708 -1.121  1.00 45.02 ? 28  ARG B NH1 1 
ATOM   901  N  NH2 . ARG B 1 26 ? -6.401  -9.608  -0.205  1.00 38.64 ? 28  ARG B NH2 1 
ATOM   902  N  N   . SER B 1 27 ? -12.738 -9.288  -4.091  1.00 39.97 ? 29  SER B N   1 
ATOM   903  C  CA  . SER B 1 27 ? -13.323 -9.952  -5.256  1.00 39.91 ? 29  SER B CA  1 
ATOM   904  C  C   . SER B 1 27 ? -13.384 -9.049  -6.481  1.00 44.00 ? 29  SER B C   1 
ATOM   905  O  O   . SER B 1 27 ? -13.727 -9.528  -7.566  1.00 46.29 ? 29  SER B O   1 
ATOM   906  C  CB  . SER B 1 27 ? -14.739 -10.439 -4.946  1.00 42.79 ? 29  SER B CB  1 
ATOM   907  O  OG  . SER B 1 27 ? -15.634 -9.339  -4.948  1.00 42.00 ? 29  SER B OG  1 
ATOM   908  N  N   . GLY B 1 28 ? -13.079 -7.760  -6.336  1.00 42.81 ? 30  GLY B N   1 
ATOM   909  C  CA  . GLY B 1 28 ? -13.182 -6.791  -7.402  1.00 38.92 ? 30  GLY B CA  1 
ATOM   910  C  C   . GLY B 1 28 ? -14.436 -5.932  -7.357  1.00 44.31 ? 30  GLY B C   1 
ATOM   911  O  O   . GLY B 1 28 ? -14.427 -4.825  -7.918  1.00 41.42 ? 30  GLY B O   1 
ATOM   912  N  N   . ASP B 1 29 ? -15.510 -6.404  -6.706  1.00 40.30 ? 31  ASP B N   1 
ATOM   913  C  CA  . ASP B 1 29 ? -16.731 -5.612  -6.615  1.00 40.56 ? 31  ASP B CA  1 
ATOM   914  C  C   . ASP B 1 29 ? -16.538 -4.394  -5.718  1.00 37.25 ? 31  ASP B C   1 
ATOM   915  O  O   . ASP B 1 29 ? -15.662 -4.347  -4.847  1.00 34.64 ? 31  ASP B O   1 
ATOM   916  C  CB  . ASP B 1 29 ? -17.895 -6.443  -6.082  1.00 42.17 ? 31  ASP B CB  1 
ATOM   917  C  CG  . ASP B 1 29 ? -18.202 -7.633  -6.963  1.00 56.72 ? 31  ASP B CG  1 
ATOM   918  O  OD1 . ASP B 1 29 ? -17.862 -7.575  -8.175  1.00 56.15 ? 31  ASP B OD1 1 
ATOM   919  O  OD2 . ASP B 1 29 ? -18.817 -8.609  -6.462  1.00 56.30 ? 31  ASP B OD2 1 
ATOM   920  N  N   . LEU B 1 30 ? -17.394 -3.407  -5.930  1.00 33.38 ? 32  LEU B N   1 
ATOM   921  C  CA  . LEU B 1 30 ? -17.354 -2.174  -5.167  1.00 32.33 ? 32  LEU B CA  1 
ATOM   922  C  C   . LEU B 1 30 ? -18.145 -2.371  -3.876  1.00 31.25 ? 32  LEU B C   1 
ATOM   923  O  O   . LEU B 1 30 ? -19.171 -3.055  -3.860  1.00 31.45 ? 32  LEU B O   1 
ATOM   924  C  CB  . LEU B 1 30 ? -17.932 -1.029  -6.008  1.00 32.98 ? 32  LEU B CB  1 
ATOM   925  C  CG  . LEU B 1 30 ? -17.054 -0.577  -7.186  1.00 35.85 ? 32  LEU B CG  1 
ATOM   926  C  CD1 . LEU B 1 30 ? -17.272 0.894   -7.565  1.00 34.41 ? 32  LEU B CD1 1 
ATOM   927  C  CD2 . LEU B 1 30 ? -15.589 -0.811  -6.934  1.00 29.25 ? 32  LEU B CD2 1 
ATOM   928  N  N   . ALA B 1 31 ? -17.641 -1.816  -2.782  1.00 32.65 ? 33  ALA B N   1 
ATOM   929  C  CA  . ALA B 1 31 ? -18.334 -1.928  -1.504  1.00 33.33 ? 33  ALA B CA  1 
ATOM   930  C  C   . ALA B 1 31 ? -19.595 -1.061  -1.493  1.00 33.59 ? 33  ALA B C   1 
ATOM   931  O  O   . ALA B 1 31 ? -19.663 -0.022  -2.159  1.00 35.56 ? 33  ALA B O   1 
ATOM   932  C  CB  . ALA B 1 31 ? -17.407 -1.518  -0.366  1.00 33.15 ? 33  ALA B CB  1 
ATOM   933  N  N   . SER B 1 32 ? -20.602 -1.507  -0.743  1.00 33.51 ? 34  SER B N   1 
ATOM   934  C  CA  . SER B 1 32 ? -21.811 -0.724  -0.484  1.00 35.56 ? 34  SER B CA  1 
ATOM   935  C  C   . SER B 1 32 ? -21.629 0.091   0.787   1.00 31.71 ? 34  SER B C   1 
ATOM   936  O  O   . SER B 1 32 ? -21.461 -0.471  1.873   1.00 33.41 ? 34  SER B O   1 
ATOM   937  C  CB  . SER B 1 32 ? -23.037 -1.621  -0.331  1.00 38.62 ? 34  SER B CB  1 
ATOM   938  O  OG  . SER B 1 32 ? -23.536 -2.009  -1.587  1.00 41.19 ? 34  SER B OG  1 
ATOM   939  N  N   . LEU B 1 33 ? -21.727 1.401   0.667   1.00 28.66 ? 35  LEU B N   1 
ATOM   940  C  CA  . LEU B 1 33 ? -21.581 2.297   1.801   1.00 29.97 ? 35  LEU B CA  1 
ATOM   941  C  C   . LEU B 1 33 ? -22.875 3.078   2.000   1.00 33.24 ? 35  LEU B C   1 
ATOM   942  O  O   . LEU B 1 33 ? -23.568 3.406   1.028   1.00 30.21 ? 35  LEU B O   1 
ATOM   943  C  CB  . LEU B 1 33 ? -20.402 3.248   1.572   1.00 26.69 ? 35  LEU B CB  1 
ATOM   944  C  CG  . LEU B 1 33 ? -19.026 2.578   1.442   1.00 30.87 ? 35  LEU B CG  1 
ATOM   945  C  CD1 . LEU B 1 33 ? -17.971 3.614   1.145   1.00 24.48 ? 35  LEU B CD1 1 
ATOM   946  C  CD2 . LEU B 1 33 ? -18.650 1.773   2.707   1.00 27.24 ? 35  LEU B CD2 1 
ATOM   947  N  N   . CYS B 1 34 ? -23.222 3.350   3.265   1.00 29.89 ? 36  CYS B N   1 
ATOM   948  C  CA  . CYS B 1 34 ? -24.336 4.254   3.538   1.00 28.63 ? 36  CYS B CA  1 
ATOM   949  C  C   . CYS B 1 34 ? -23.988 5.648   3.020   1.00 30.00 ? 36  CYS B C   1 
ATOM   950  O  O   . CYS B 1 34 ? -22.865 5.880   2.555   1.00 30.76 ? 36  CYS B O   1 
ATOM   951  C  CB  . CYS B 1 34 ? -24.661 4.302   5.032   1.00 30.71 ? 36  CYS B CB  1 
ATOM   952  S  SG  . CYS B 1 34 ? -23.414 5.146   6.029   1.00 31.03 ? 36  CYS B SG  1 
ATOM   953  N  N   . ASP B 1 35 ? -24.918 6.600   3.116   1.00 28.50 ? 37  ASP B N   1 
ATOM   954  C  CA  . ASP B 1 35 ? -24.661 7.905   2.511   1.00 29.68 ? 37  ASP B CA  1 
ATOM   955  C  C   . ASP B 1 35 ? -23.534 8.653   3.241   1.00 31.33 ? 37  ASP B C   1 
ATOM   956  O  O   . ASP B 1 35 ? -22.783 9.400   2.599   1.00 31.94 ? 37  ASP B O   1 
ATOM   957  C  CB  . ASP B 1 35 ? -25.951 8.739   2.466   1.00 30.71 ? 37  ASP B CB  1 
ATOM   958  C  CG  . ASP B 1 35 ? -26.555 8.963   3.847   1.00 37.93 ? 37  ASP B CG  1 
ATOM   959  O  OD1 . ASP B 1 35 ? -27.161 8.018   4.420   1.00 37.01 ? 37  ASP B OD1 1 
ATOM   960  O  OD2 . ASP B 1 35 ? -26.461 10.117  4.341   1.00 42.60 ? 37  ASP B OD2 1 
ATOM   961  N  N   . LYS B 1 36 ? -23.402 8.477   4.571   1.00 32.80 ? 38  LYS B N   1 
ATOM   962  C  CA  . LYS B 1 36 ? -22.332 9.130   5.338   1.00 33.78 ? 38  LYS B CA  1 
ATOM   963  C  C   . LYS B 1 36 ? -20.982 8.641   4.854   1.00 32.71 ? 38  LYS B C   1 
ATOM   964  O  O   . LYS B 1 36 ? -20.152 9.402   4.339   1.00 33.15 ? 38  LYS B O   1 
ATOM   965  C  CB  . LYS B 1 36 ? -22.378 8.741   6.819   1.00 36.85 ? 38  LYS B CB  1 
ATOM   966  C  CG  . LYS B 1 36 ? -23.636 8.848   7.714   1.00 47.83 ? 38  LYS B CG  1 
ATOM   967  C  CD  . LYS B 1 36 ? -24.035 10.203  8.398   1.00 49.88 ? 38  LYS B CD  1 
ATOM   968  C  CE  . LYS B 1 36 ? -25.474 10.707  8.068   1.00 51.24 ? 38  LYS B CE  1 
ATOM   969  N  NZ  . LYS B 1 36 ? -25.750 12.050  8.733   1.00 50.29 ? 38  LYS B NZ  1 
ATOM   970  N  N   . CYS B 1 37 ? -20.717 7.367   5.143   1.00 27.25 ? 39  CYS B N   1 
ATOM   971  C  CA  . CYS B 1 37 ? -19.470 6.724   4.773   1.00 27.11 ? 39  CYS B CA  1 
ATOM   972  C  C   . CYS B 1 37 ? -19.193 6.866   3.279   1.00 29.53 ? 39  CYS B C   1 
ATOM   973  O  O   . CYS B 1 37 ? -18.057 7.134   2.878   1.00 27.10 ? 39  CYS B O   1 
ATOM   974  C  CB  . CYS B 1 37 ? -19.532 5.252   5.212   1.00 28.00 ? 39  CYS B CB  1 
ATOM   975  S  SG  . CYS B 1 37 ? -19.797 4.994   7.039   1.00 32.56 ? 39  CYS B SG  1 
ATOM   976  N  N   . GLY B 1 38 ? -20.231 6.749   2.443   1.00 26.80 ? 40  GLY B N   1 
ATOM   977  C  CA  . GLY B 1 38 ? -20.014 6.869   1.009   1.00 26.28 ? 40  GLY B CA  1 
ATOM   978  C  C   . GLY B 1 38 ? -19.627 8.276   0.585   1.00 30.84 ? 40  GLY B C   1 
ATOM   979  O  O   . GLY B 1 38 ? -18.787 8.458   -0.304  1.00 28.63 ? 40  GLY B O   1 
ATOM   980  N  N   . CYS B 1 39 ? -20.242 9.292   1.202   1.00 28.84 ? 41  CYS B N   1 
ATOM   981  C  CA  . CYS B 1 39 ? -19.843 10.675  0.947   1.00 28.88 ? 41  CYS B CA  1 
ATOM   982  C  C   . CYS B 1 39 ? -18.404 10.916  1.384   1.00 28.11 ? 41  CYS B C   1 
ATOM   983  O  O   . CYS B 1 39 ? -17.621 11.573  0.677   1.00 25.84 ? 41  CYS B O   1 
ATOM   984  C  CB  . CYS B 1 39 ? -20.807 11.634  1.651   1.00 30.58 ? 41  CYS B CB  1 
ATOM   985  S  SG  . CYS B 1 39 ? -22.362 11.860  0.714   1.00 35.06 ? 41  CYS B SG  1 
ATOM   986  N  N   . ALA B 1 40 ? -18.042 10.394  2.554   1.00 26.69 ? 42  ALA B N   1 
ATOM   987  C  CA  . ALA B 1 40 ? -16.650 10.470  2.992   1.00 29.40 ? 42  ALA B CA  1 
ATOM   988  C  C   . ALA B 1 40 ? -15.720 9.800   1.979   1.00 25.59 ? 42  ALA B C   1 
ATOM   989  O  O   . ALA B 1 40 ? -14.641 10.323  1.661   1.00 25.59 ? 42  ALA B O   1 
ATOM   990  C  CB  . ALA B 1 40 ? -16.522 9.827   4.378   1.00 25.28 ? 42  ALA B CB  1 
ATOM   991  N  N   . TYR B 1 41 ? -16.140 8.665   1.421   1.00 25.91 ? 43  TYR B N   1 
ATOM   992  C  CA  . TYR B 1 41 ? -15.301 7.964   0.454   1.00 25.65 ? 43  TYR B CA  1 
ATOM   993  C  C   . TYR B 1 41 ? -15.132 8.769   -0.835  1.00 30.18 ? 43  TYR B C   1 
ATOM   994  O  O   . TYR B 1 41 ? -14.019 8.885   -1.366  1.00 25.81 ? 43  TYR B O   1 
ATOM   995  C  CB  . TYR B 1 41 ? -15.898 6.601   0.119   1.00 26.64 ? 43  TYR B CB  1 
ATOM   996  C  CG  . TYR B 1 41 ? -14.982 5.845   -0.823  1.00 28.04 ? 43  TYR B CG  1 
ATOM   997  C  CD1 . TYR B 1 41 ? -13.856 5.184   -0.327  1.00 24.73 ? 43  TYR B CD1 1 
ATOM   998  C  CD2 . TYR B 1 41 ? -15.201 5.843   -2.212  1.00 25.81 ? 43  TYR B CD2 1 
ATOM   999  C  CE1 . TYR B 1 41 ? -12.979 4.521   -1.175  1.00 27.90 ? 43  TYR B CE1 1 
ATOM   1000 C  CE2 . TYR B 1 41 ? -14.328 5.169   -3.082  1.00 27.28 ? 43  TYR B CE2 1 
ATOM   1001 C  CZ  . TYR B 1 41 ? -13.219 4.505   -2.545  1.00 29.57 ? 43  TYR B CZ  1 
ATOM   1002 O  OH  . TYR B 1 41 ? -12.331 3.827   -3.344  1.00 27.84 ? 43  TYR B OH  1 
ATOM   1003 N  N   . GLU B 1 42 ? -16.238 9.308   -1.364  1.00 26.95 ? 44  GLU B N   1 
ATOM   1004 C  CA  . GLU B 1 42 ? -16.215 10.060  -2.620  1.00 29.52 ? 44  GLU B CA  1 
ATOM   1005 C  C   . GLU B 1 42 ? -15.375 11.336  -2.529  1.00 32.56 ? 44  GLU B C   1 
ATOM   1006 O  O   . GLU B 1 42 ? -14.846 11.811  -3.548  1.00 24.93 ? 44  GLU B O   1 
ATOM   1007 C  CB  . GLU B 1 42 ? -17.650 10.391  -3.048  1.00 24.66 ? 44  GLU B CB  1 
ATOM   1008 C  CG  . GLU B 1 42 ? -18.386 9.210   -3.686  1.00 32.86 ? 44  GLU B CG  1 
ATOM   1009 C  CD  . GLU B 1 42 ? -19.900 9.393   -3.710  1.00 45.32 ? 44  GLU B CD  1 
ATOM   1010 O  OE1 . GLU B 1 42 ? -20.614 8.466   -4.167  1.00 43.76 ? 44  GLU B OE1 1 
ATOM   1011 O  OE2 . GLU B 1 42 ? -20.377 10.471  -3.279  1.00 48.26 ? 44  GLU B OE2 1 
ATOM   1012 N  N   . GLN B 1 43 ? -15.260 11.922  -1.343  1.00 27.87 ? 45  GLN B N   1 
ATOM   1013 C  CA  . GLN B 1 43 ? -14.420 13.102  -1.189  1.00 29.14 ? 45  GLN B CA  1 
ATOM   1014 C  C   . GLN B 1 43 ? -12.987 12.750  -0.824  1.00 29.58 ? 45  GLN B C   1 
ATOM   1015 O  O   . GLN B 1 43 ? -12.241 13.633  -0.394  1.00 28.82 ? 45  GLN B O   1 
ATOM   1016 C  CB  . GLN B 1 43 ? -15.016 14.060  -0.150  1.00 25.81 ? 45  GLN B CB  1 
ATOM   1017 C  CG  . GLN B 1 43 ? -16.379 14.627  -0.562  1.00 28.07 ? 45  GLN B CG  1 
ATOM   1018 C  CD  . GLN B 1 43 ? -16.451 15.007  -2.051  1.00 34.16 ? 45  GLN B CD  1 
ATOM   1019 O  OE1 . GLN B 1 43 ? -15.581 15.721  -2.577  1.00 29.06 ? 45  GLN B OE1 1 
ATOM   1020 N  NE2 . GLN B 1 43 ? -17.493 14.523  -2.734  1.00 28.43 ? 45  GLN B NE2 1 
ATOM   1021 N  N   . SER B 1 44 ? -12.595 11.480  -0.983  1.00 25.57 ? 46  SER B N   1 
ATOM   1022 C  CA  . SER B 1 44 ? -11.258 11.008  -0.646  1.00 28.61 ? 46  SER B CA  1 
ATOM   1023 C  C   . SER B 1 44 ? -10.894 11.234  0.822   1.00 24.38 ? 46  SER B C   1 
ATOM   1024 O  O   . SER B 1 44 ? -9.713  11.309  1.159   1.00 25.46 ? 46  SER B O   1 
ATOM   1025 C  CB  . SER B 1 44 ? -10.203 11.660  -1.552  1.00 32.46 ? 46  SER B CB  1 
ATOM   1026 O  OG  . SER B 1 44 ? -10.324 11.177  -2.881  1.00 34.84 ? 46  SER B OG  1 
ATOM   1027 N  N   . ILE B 1 45 ? -11.856 11.298  1.744   1.00 22.95 ? 47  ILE B N   1 
ATOM   1028 C  CA  . ILE B 1 45 ? -11.428 11.464  3.130   1.00 26.63 ? 47  ILE B CA  1 
ATOM   1029 C  C   . ILE B 1 45 ? -11.893 10.317  4.026   1.00 25.47 ? 47  ILE B C   1 
ATOM   1030 O  O   . ILE B 1 45 ? -11.891 10.466  5.252   1.00 25.68 ? 47  ILE B O   1 
ATOM   1031 C  CB  . ILE B 1 45 ? -11.898 12.808  3.718   1.00 26.80 ? 47  ILE B CB  1 
ATOM   1032 C  CG1 . ILE B 1 45 ? -13.423 12.887  3.697   1.00 26.91 ? 47  ILE B CG1 1 
ATOM   1033 C  CG2 . ILE B 1 45 ? -11.239 13.979  2.980   1.00 29.46 ? 47  ILE B CG2 1 
ATOM   1034 C  CD1 . ILE B 1 45 ? -14.014 13.993  4.577   1.00 28.14 ? 47  ILE B CD1 1 
ATOM   1035 N  N   . PHE B 1 46 ? -12.241 9.156   3.453   1.00 23.34 ? 48  PHE B N   1 
ATOM   1036 C  CA  . PHE B 1 46 ? -12.772 8.057   4.266   1.00 24.26 ? 48  PHE B CA  1 
ATOM   1037 C  C   . PHE B 1 46 ? -11.827 7.686   5.414   1.00 25.94 ? 48  PHE B C   1 
ATOM   1038 O  O   . PHE B 1 46 ? -12.249 7.583   6.578   1.00 22.05 ? 48  PHE B O   1 
ATOM   1039 C  CB  . PHE B 1 46 ? -13.051 6.817   3.400   1.00 19.66 ? 48  PHE B CB  1 
ATOM   1040 C  CG  . PHE B 1 46 ? -13.555 5.634   4.196   1.00 22.20 ? 48  PHE B CG  1 
ATOM   1041 C  CD1 . PHE B 1 46 ? -14.897 5.513   4.496   1.00 22.77 ? 48  PHE B CD1 1 
ATOM   1042 C  CD2 . PHE B 1 46 ? -12.678 4.656   4.668   1.00 29.08 ? 48  PHE B CD2 1 
ATOM   1043 C  CE1 . PHE B 1 46 ? -15.375 4.435   5.248   1.00 27.95 ? 48  PHE B CE1 1 
ATOM   1044 C  CE2 . PHE B 1 46 ? -13.136 3.575   5.422   1.00 24.51 ? 48  PHE B CE2 1 
ATOM   1045 C  CZ  . PHE B 1 46 ? -14.495 3.466   5.717   1.00 27.30 ? 48  PHE B CZ  1 
ATOM   1046 N  N   . CYS B 1 47 ? -10.542 7.439   5.089   1.00 22.49 ? 49  CYS B N   1 
ATOM   1047 C  CA  . CYS B 1 47 ? -9.579  6.993   6.096   1.00 24.82 ? 49  CYS B CA  1 
ATOM   1048 C  C   . CYS B 1 47 ? -9.261  8.103   7.086   1.00 25.21 ? 49  CYS B C   1 
ATOM   1049 O  O   . CYS B 1 47 ? -8.911  7.823   8.243   1.00 22.78 ? 49  CYS B O   1 
ATOM   1050 C  CB  . CYS B 1 47 ? -8.295  6.480   5.431   1.00 23.19 ? 49  CYS B CB  1 
ATOM   1051 S  SG  . CYS B 1 47 ? -8.570  4.961   4.425   1.00 24.65 ? 49  CYS B SG  1 
ATOM   1052 N  N   . GLU B 1 48 ? -9.308  9.359   6.640   1.00 23.11 ? 50  GLU B N   1 
ATOM   1053 C  CA  . GLU B 1 48 ? -9.102  10.455  7.578   1.00 24.96 ? 50  GLU B CA  1 
ATOM   1054 C  C   . GLU B 1 48 ? -10.232 10.538  8.592   1.00 25.86 ? 50  GLU B C   1 
ATOM   1055 O  O   . GLU B 1 48 ? -9.996  10.903  9.749   1.00 24.24 ? 50  GLU B O   1 
ATOM   1056 C  CB  . GLU B 1 48 ? -8.925  11.759  6.814   1.00 26.04 ? 50  GLU B CB  1 
ATOM   1057 C  CG  . GLU B 1 48 ? -7.542  11.805  6.190   1.00 34.98 ? 50  GLU B CG  1 
ATOM   1058 C  CD  . GLU B 1 48 ? -7.440  12.739  5.012   1.00 41.55 ? 50  GLU B CD  1 
ATOM   1059 O  OE1 . GLU B 1 48 ? -6.925  12.291  3.958   1.00 38.43 ? 50  GLU B OE1 1 
ATOM   1060 O  OE2 . GLU B 1 48 ? -7.870  13.912  5.141   1.00 42.26 ? 50  GLU B OE2 1 
ATOM   1061 N  N   . VAL B 1 49 ? -11.445 10.155  8.200   1.00 25.99 ? 51  VAL B N   1 
ATOM   1062 C  CA  . VAL B 1 49 ? -12.565 10.204  9.132   1.00 26.04 ? 51  VAL B CA  1 
ATOM   1063 C  C   . VAL B 1 49 ? -12.560 8.975   10.030  1.00 27.38 ? 51  VAL B C   1 
ATOM   1064 O  O   . VAL B 1 49 ? -12.782 9.082   11.241  1.00 28.25 ? 51  VAL B O   1 
ATOM   1065 C  CB  . VAL B 1 49 ? -13.899 10.349  8.368   1.00 28.12 ? 51  VAL B CB  1 
ATOM   1066 C  CG1 . VAL B 1 49 ? -15.077 10.144  9.315   1.00 29.82 ? 51  VAL B CG1 1 
ATOM   1067 C  CG2 . VAL B 1 49 ? -14.000 11.728  7.662   1.00 23.60 ? 51  VAL B CG2 1 
ATOM   1068 N  N   . PHE B 1 50 ? -12.308 7.781   9.466   1.00 25.45 ? 52  PHE B N   1 
ATOM   1069 C  CA  . PHE B 1 50 ? -12.477 6.553   10.235  1.00 25.00 ? 52  PHE B CA  1 
ATOM   1070 C  C   . PHE B 1 50 ? -11.191 5.863   10.658  1.00 28.04 ? 52  PHE B C   1 
ATOM   1071 O  O   . PHE B 1 50 ? -11.247 5.032   11.568  1.00 26.66 ? 52  PHE B O   1 
ATOM   1072 C  CB  . PHE B 1 50 ? -13.330 5.536   9.450   1.00 29.75 ? 52  PHE B CB  1 
ATOM   1073 C  CG  . PHE B 1 50 ? -14.762 5.958   9.271   1.00 27.67 ? 52  PHE B CG  1 
ATOM   1074 C  CD1 . PHE B 1 50 ? -15.667 5.839   10.310  1.00 33.12 ? 52  PHE B CD1 1 
ATOM   1075 C  CD2 . PHE B 1 50 ? -15.181 6.531   8.090   1.00 27.31 ? 52  PHE B CD2 1 
ATOM   1076 C  CE1 . PHE B 1 50 ? -16.983 6.250   10.152  1.00 29.55 ? 52  PHE B CE1 1 
ATOM   1077 C  CE2 . PHE B 1 50 ? -16.474 6.949   7.928   1.00 28.90 ? 52  PHE B CE2 1 
ATOM   1078 C  CZ  . PHE B 1 50 ? -17.381 6.810   8.959   1.00 28.75 ? 52  PHE B CZ  1 
ATOM   1079 N  N   . HIS B 1 51 ? -10.037 6.157   10.039  1.00 24.97 ? 53  HIS B N   1 
ATOM   1080 C  CA  . HIS B 1 51 ? -8.817  5.420   10.375  1.00 25.41 ? 53  HIS B CA  1 
ATOM   1081 C  C   . HIS B 1 51 ? -7.730  6.308   10.991  1.00 29.60 ? 53  HIS B C   1 
ATOM   1082 O  O   . HIS B 1 51 ? -6.550  5.924   11.017  1.00 24.36 ? 53  HIS B O   1 
ATOM   1083 C  CB  . HIS B 1 51 ? -8.294  4.700   9.129   1.00 23.15 ? 53  HIS B CB  1 
ATOM   1084 C  CG  . HIS B 1 51 ? -9.181  3.581   8.668   1.00 26.67 ? 53  HIS B CG  1 
ATOM   1085 N  ND1 . HIS B 1 51 ? -8.962  2.885   7.499   1.00 27.59 ? 53  HIS B ND1 1 
ATOM   1086 C  CD2 . HIS B 1 51 ? -10.295 3.044   9.225   1.00 27.83 ? 53  HIS B CD2 1 
ATOM   1087 C  CE1 . HIS B 1 51 ? -9.899  1.961   7.355   1.00 28.12 ? 53  HIS B CE1 1 
ATOM   1088 N  NE2 . HIS B 1 51 ? -10.721 2.039   8.389   1.00 28.83 ? 53  HIS B NE2 1 
ATOM   1089 N  N   . ALA B 1 52 ? -8.116  7.462   11.553  1.00 27.88 ? 54  ALA B N   1 
ATOM   1090 C  CA  . ALA B 1 52 ? -7.132  8.457   11.965  1.00 25.65 ? 54  ALA B CA  1 
ATOM   1091 C  C   . ALA B 1 52 ? -6.137  7.907   12.984  1.00 29.50 ? 54  ALA B C   1 
ATOM   1092 O  O   . ALA B 1 52 ? -4.990  8.360   13.025  1.00 29.67 ? 54  ALA B O   1 
ATOM   1093 C  CB  . ALA B 1 52 ? -7.850  9.678   12.544  1.00 19.28 ? 54  ALA B CB  1 
ATOM   1094 N  N   . LYS B 1 53 ? -6.538  6.929   13.792  1.00 25.44 ? 55  LYS B N   1 
ATOM   1095 C  CA  . LYS B 1 53 ? -5.678  6.415   14.846  1.00 32.09 ? 55  LYS B CA  1 
ATOM   1096 C  C   . LYS B 1 53 ? -4.987  5.109   14.481  1.00 30.05 ? 55  LYS B C   1 
ATOM   1097 O  O   . LYS B 1 53 ? -4.266  4.560   15.313  1.00 30.38 ? 55  LYS B O   1 
ATOM   1098 C  CB  . LYS B 1 53 ? -6.481  6.251   16.136  1.00 29.40 ? 55  LYS B CB  1 
ATOM   1099 C  CG  . LYS B 1 53 ? -6.842  7.601   16.739  1.00 35.24 ? 55  LYS B CG  1 
ATOM   1100 C  CD  . LYS B 1 53 ? -7.691  7.491   17.994  1.00 45.64 ? 55  LYS B CD  1 
ATOM   1101 C  CE  . LYS B 1 53 ? -7.876  8.875   18.614  1.00 51.23 ? 55  LYS B CE  1 
ATOM   1102 N  NZ  . LYS B 1 53 ? -6.581  9.620   18.725  1.00 54.97 ? 55  LYS B NZ  1 
ATOM   1103 N  N   . GLU B 1 54 ? -5.193  4.595   13.275  1.00 28.07 ? 56  GLU B N   1 
ATOM   1104 C  CA  . GLU B 1 54 ? -4.487  3.393   12.858  1.00 29.33 ? 56  GLU B CA  1 
ATOM   1105 C  C   . GLU B 1 54 ? -3.053  3.707   12.430  1.00 27.12 ? 56  GLU B C   1 
ATOM   1106 O  O   . GLU B 1 54 ? -2.699  4.849   12.119  1.00 26.52 ? 56  GLU B O   1 
ATOM   1107 C  CB  . GLU B 1 54 ? -5.231  2.714   11.715  1.00 27.17 ? 56  GLU B CB  1 
ATOM   1108 C  CG  . GLU B 1 54 ? -6.680  2.475   12.049  1.00 29.72 ? 56  GLU B CG  1 
ATOM   1109 C  CD  . GLU B 1 54 ? -7.323  1.421   11.171  1.00 34.97 ? 56  GLU B CD  1 
ATOM   1110 O  OE1 . GLU B 1 54 ? -6.699  0.981   10.172  1.00 31.31 ? 56  GLU B OE1 1 
ATOM   1111 O  OE2 . GLU B 1 54 ? -8.464  1.029   11.495  1.00 38.79 ? 56  GLU B OE2 1 
ATOM   1112 N  N   . SER B 1 55 ? -2.221  2.670   12.441  1.00 26.87 ? 57  SER B N   1 
ATOM   1113 C  CA  . SER B 1 55 ? -0.907  2.727   11.808  1.00 27.28 ? 57  SER B CA  1 
ATOM   1114 C  C   . SER B 1 55 ? -1.055  2.686   10.289  1.00 24.94 ? 57  SER B C   1 
ATOM   1115 O  O   . SER B 1 55 ? -2.146  2.494   9.750   1.00 26.18 ? 57  SER B O   1 
ATOM   1116 C  CB  . SER B 1 55 ? -0.031  1.564   12.281  1.00 23.44 ? 57  SER B CB  1 
ATOM   1117 O  OG  . SER B 1 55 ? -0.633  0.310   11.925  1.00 27.02 ? 57  SER B OG  1 
ATOM   1118 N  N   . GLY B 1 56 ? 0.064   2.879   9.594   1.00 27.55 ? 58  GLY B N   1 
ATOM   1119 C  CA  . GLY B 1 56 ? 0.106   2.764   8.147   1.00 24.05 ? 58  GLY B CA  1 
ATOM   1120 C  C   . GLY B 1 56 ? -0.003  4.077   7.390   1.00 23.83 ? 58  GLY B C   1 
ATOM   1121 O  O   . GLY B 1 56 ? 0.027   4.062   6.151   1.00 24.76 ? 58  GLY B O   1 
ATOM   1122 N  N   . TRP B 1 57 ? -0.084  5.213   8.083   1.00 20.54 ? 59  TRP B N   1 
ATOM   1123 C  CA  . TRP B 1 57 ? -0.238  6.504   7.425   1.00 23.40 ? 59  TRP B CA  1 
ATOM   1124 C  C   . TRP B 1 57 ? 1.071   6.991   6.826   1.00 23.27 ? 59  TRP B C   1 
ATOM   1125 O  O   . TRP B 1 57 ? 2.137   6.910   7.457   1.00 26.02 ? 59  TRP B O   1 
ATOM   1126 C  CB  . TRP B 1 57 ? -0.749  7.542   8.417   1.00 22.39 ? 59  TRP B CB  1 
ATOM   1127 C  CG  . TRP B 1 57 ? -2.210  7.417   8.673   1.00 25.35 ? 59  TRP B CG  1 
ATOM   1128 C  CD1 . TRP B 1 57 ? -2.815  6.766   9.710   1.00 24.22 ? 59  TRP B CD1 1 
ATOM   1129 C  CD2 . TRP B 1 57 ? -3.261  7.943   7.854   1.00 20.89 ? 59  TRP B CD2 1 
ATOM   1130 N  NE1 . TRP B 1 57 ? -4.183  6.872   9.596   1.00 26.13 ? 59  TRP B NE1 1 
ATOM   1131 C  CE2 . TRP B 1 57 ? -4.480  7.584   8.459   1.00 22.50 ? 59  TRP B CE2 1 
ATOM   1132 C  CE3 . TRP B 1 57 ? -3.286  8.680   6.669   1.00 21.84 ? 59  TRP B CE3 1 
ATOM   1133 C  CZ2 . TRP B 1 57 ? -5.714  7.944   7.924   1.00 22.58 ? 59  TRP B CZ2 1 
ATOM   1134 C  CZ3 . TRP B 1 57 ? -4.512  9.047   6.133   1.00 24.44 ? 59  TRP B CZ3 1 
ATOM   1135 C  CH2 . TRP B 1 57 ? -5.713  8.679   6.763   1.00 26.47 ? 59  TRP B CH2 1 
ATOM   1136 N  N   . ARG B 1 58 ? 0.985   7.503   5.602   1.00 18.97 ? 60  ARG B N   1 
ATOM   1137 C  CA  . ARG B 1 58 ? 2.134   8.129   4.973   1.00 24.87 ? 60  ARG B CA  1 
ATOM   1138 C  C   . ARG B 1 58 ? 1.719   9.480   4.389   1.00 27.61 ? 60  ARG B C   1 
ATOM   1139 O  O   . ARG B 1 58 ? 0.558   9.909   4.494   1.00 30.02 ? 60  ARG B O   1 
ATOM   1140 C  CB  . ARG B 1 58 ? 2.759   7.223   3.902   1.00 20.36 ? 60  ARG B CB  1 
ATOM   1141 C  CG  . ARG B 1 58 ? 2.967   5.772   4.310   1.00 23.13 ? 60  ARG B CG  1 
ATOM   1142 C  CD  . ARG B 1 58 ? 3.899   5.099   3.329   1.00 21.34 ? 60  ARG B CD  1 
ATOM   1143 N  NE  . ARG B 1 58 ? 5.267   5.638   3.411   1.00 26.59 ? 60  ARG B NE  1 
ATOM   1144 C  CZ  . ARG B 1 58 ? 6.284   5.196   2.661   1.00 27.95 ? 60  ARG B CZ  1 
ATOM   1145 N  NH1 . ARG B 1 58 ? 6.085   4.227   1.771   1.00 24.39 ? 60  ARG B NH1 1 
ATOM   1146 N  NH2 . ARG B 1 58 ? 7.491   5.720   2.786   1.00 25.19 ? 60  ARG B NH2 1 
ATOM   1147 N  N   . GLU B 1 59 ? 2.665   10.096  3.680   1.00 27.48 ? 61  GLU B N   1 
ATOM   1148 C  CA  . GLU B 1 59 ? 2.465   11.359  2.998   1.00 32.38 ? 61  GLU B CA  1 
ATOM   1149 C  C   . GLU B 1 59 ? 2.714   11.180  1.513   1.00 32.08 ? 61  GLU B C   1 
ATOM   1150 O  O   . GLU B 1 59 ? 3.621   10.433  1.115   1.00 26.51 ? 61  GLU B O   1 
ATOM   1151 C  CB  . GLU B 1 59 ? 3.482   12.324  3.583   1.00 34.68 ? 61  GLU B CB  1 
ATOM   1152 C  CG  . GLU B 1 59 ? 3.259   12.551  5.056   1.00 50.25 ? 61  GLU B CG  1 
ATOM   1153 C  CD  . GLU B 1 59 ? 3.667   13.937  5.527   1.00 64.94 ? 61  GLU B CD  1 
ATOM   1154 O  OE1 . GLU B 1 59 ? 3.684   14.855  4.690   1.00 62.40 ? 61  GLU B OE1 1 
ATOM   1155 O  OE2 . GLU B 1 59 ? 3.753   14.122  6.770   1.00 68.88 ? 61  GLU B OE2 1 
ATOM   1156 N  N   . CYS B 1 60 ? 1.975   11.946  0.706   1.00 27.29 ? 62  CYS B N   1 
ATOM   1157 C  CA  . CYS B 1 60 ? 2.192   11.916  -0.729  1.00 26.86 ? 62  CYS B CA  1 
ATOM   1158 C  C   . CYS B 1 60 ? 3.618   12.368  -1.028  1.00 30.59 ? 62  CYS B C   1 
ATOM   1159 O  O   . CYS B 1 60 ? 4.169   13.263  -0.369  1.00 25.12 ? 62  CYS B O   1 
ATOM   1160 C  CB  . CYS B 1 60 ? 1.193   12.813  -1.451  1.00 25.81 ? 62  CYS B CB  1 
ATOM   1161 S  SG  . CYS B 1 60 ? 1.545   12.961  -3.224  1.00 26.80 ? 62  CYS B SG  1 
ATOM   1162 N  N   . ASN B 1 61 ? 4.198   11.762  -2.058  1.00 26.51 ? 63  ASN B N   1 
ATOM   1163 C  CA  . ASN B 1 61 ? 5.589   12.019  -2.390  1.00 29.35 ? 63  ASN B CA  1 
ATOM   1164 C  C   . ASN B 1 61 ? 5.833   13.451  -2.836  1.00 31.27 ? 63  ASN B C   1 
ATOM   1165 O  O   . ASN B 1 61 ? 6.947   13.952  -2.645  1.00 30.90 ? 63  ASN B O   1 
ATOM   1166 C  CB  . ASN B 1 61 ? 6.009   11.055  -3.512  1.00 31.67 ? 63  ASN B CB  1 
ATOM   1167 C  CG  . ASN B 1 61 ? 7.501   11.094  -3.823  1.00 32.37 ? 63  ASN B CG  1 
ATOM   1168 O  OD1 . ASN B 1 61 ? 8.308   10.561  -3.072  1.00 33.10 ? 63  ASN B OD1 1 
ATOM   1169 N  ND2 . ASN B 1 61 ? 7.864   11.719  -4.947  1.00 29.97 ? 63  ASN B ND2 1 
ATOM   1170 N  N   . SER B 1 62 ? 4.798   14.140  -3.337  1.00 33.21 ? 64  SER B N   1 
ATOM   1171 C  CA  . SER B 1 62 ? 4.930   15.480  -3.901  1.00 34.93 ? 64  SER B CA  1 
ATOM   1172 C  C   . SER B 1 62 ? 3.926   16.486  -3.340  1.00 33.11 ? 64  SER B C   1 
ATOM   1173 O  O   . SER B 1 62 ? 3.777   17.573  -3.914  1.00 34.24 ? 64  SER B O   1 
ATOM   1174 C  CB  . SER B 1 62 ? 4.829   15.450  -5.434  1.00 32.13 ? 64  SER B CB  1 
ATOM   1175 O  OG  . SER B 1 62 ? 3.674   14.759  -5.851  1.00 29.06 ? 64  SER B OG  1 
ATOM   1176 N  N   . CYS B 1 63 ? 3.167   16.138  -2.312  1.00 31.96 ? 65  CYS B N   1 
ATOM   1177 C  CA  . CYS B 1 63 ? 2.294   17.124  -1.691  1.00 28.85 ? 65  CYS B CA  1 
ATOM   1178 C  C   . CYS B 1 63 ? 1.993   16.648  -0.278  1.00 32.40 ? 65  CYS B C   1 
ATOM   1179 O  O   . CYS B 1 63 ? 2.527   15.634  0.183   1.00 36.23 ? 65  CYS B O   1 
ATOM   1180 C  CB  . CYS B 1 63 ? 1.027   17.359  -2.518  1.00 30.38 ? 65  CYS B CB  1 
ATOM   1181 S  SG  . CYS B 1 63 ? -0.285  16.153  -2.344  1.00 28.21 ? 65  CYS B SG  1 
ATOM   1182 N  N   . ASP B 1 64 ? 1.164   17.409  0.423   1.00 28.99 ? 66  ASP B N   1 
ATOM   1183 C  CA  . ASP B 1 64 ? 0.897   17.174  1.836   1.00 36.99 ? 66  ASP B CA  1 
ATOM   1184 C  C   . ASP B 1 64 ? -0.238  16.191  2.076   1.00 35.37 ? 66  ASP B C   1 
ATOM   1185 O  O   . ASP B 1 64 ? -0.616  15.972  3.232   1.00 34.07 ? 66  ASP B O   1 
ATOM   1186 C  CB  . ASP B 1 64 ? 0.588   18.501  2.549   1.00 39.62 ? 66  ASP B CB  1 
ATOM   1187 C  CG  . ASP B 1 64 ? -0.616  19.224  1.955   1.00 38.43 ? 66  ASP B CG  1 
ATOM   1188 O  OD1 . ASP B 1 64 ? -0.430  20.118  1.102   1.00 51.10 ? 66  ASP B OD1 1 
ATOM   1189 O  OD2 . ASP B 1 64 ? -1.756  18.897  2.330   1.00 50.57 ? 66  ASP B OD2 1 
ATOM   1190 N  N   . LYS B 1 65 ? -0.808  15.602  1.031   1.00 31.09 ? 67  LYS B N   1 
ATOM   1191 C  CA  . LYS B 1 65 ? -1.949  14.731  1.260   1.00 31.53 ? 67  LYS B CA  1 
ATOM   1192 C  C   . LYS B 1 65 ? -1.528  13.512  2.081   1.00 31.23 ? 67  LYS B C   1 
ATOM   1193 O  O   . LYS B 1 65 ? -0.503  12.882  1.797   1.00 28.25 ? 67  LYS B O   1 
ATOM   1194 C  CB  . LYS B 1 65 ? -2.570  14.321  -0.071  1.00 27.77 ? 67  LYS B CB  1 
ATOM   1195 C  CG  . LYS B 1 65 ? -3.799  13.440  0.083   1.00 28.17 ? 67  LYS B CG  1 
ATOM   1196 C  CD  . LYS B 1 65 ? -4.913  14.167  0.817   1.00 31.42 ? 67  LYS B CD  1 
ATOM   1197 C  CE  . LYS B 1 65 ? -6.098  13.244  1.005   1.00 35.87 ? 67  LYS B CE  1 
ATOM   1198 N  NZ  . LYS B 1 65 ? -6.672  12.914  -0.326  1.00 44.68 ? 67  LYS B NZ  1 
ATOM   1199 N  N   . ARG B 1 66 ? -2.290  13.208  3.132   1.00 26.82 ? 68  ARG B N   1 
ATOM   1200 C  CA  . ARG B 1 66 ? -2.036  11.996  3.901   1.00 29.54 ? 68  ARG B CA  1 
ATOM   1201 C  C   . ARG B 1 66 ? -2.751  10.819  3.268   1.00 28.41 ? 68  ARG B C   1 
ATOM   1202 O  O   . ARG B 1 66 ? -3.841  10.956  2.703   1.00 27.61 ? 68  ARG B O   1 
ATOM   1203 C  CB  . ARG B 1 66 ? -2.463  12.138  5.355   1.00 30.34 ? 68  ARG B CB  1 
ATOM   1204 C  CG  . ARG B 1 66 ? -2.096  13.476  5.936   1.00 35.51 ? 68  ARG B CG  1 
ATOM   1205 C  CD  . ARG B 1 66 ? -1.042  13.277  6.993   1.00 46.96 ? 68  ARG B CD  1 
ATOM   1206 N  NE  . ARG B 1 66 ? -0.512  14.532  7.492   1.00 60.60 ? 68  ARG B NE  1 
ATOM   1207 C  CZ  . ARG B 1 66 ? 0.371   15.272  6.822   1.00 62.82 ? 68  ARG B CZ  1 
ATOM   1208 N  NH1 . ARG B 1 66 ? 0.824   16.409  7.334   1.00 62.21 ? 68  ARG B NH1 1 
ATOM   1209 N  NH2 . ARG B 1 66 ? 0.784   14.892  5.611   1.00 52.68 ? 68  ARG B NH2 1 
ATOM   1210 N  N   . LEU B 1 67 ? -2.107  9.656   3.344   1.00 26.26 ? 69  LEU B N   1 
ATOM   1211 C  CA  . LEU B 1 67 ? -2.559  8.473   2.623   1.00 22.32 ? 69  LEU B CA  1 
ATOM   1212 C  C   . LEU B 1 67 ? -2.455  7.284   3.557   1.00 24.25 ? 69  LEU B C   1 
ATOM   1213 O  O   . LEU B 1 67 ? -1.371  6.977   4.064   1.00 23.97 ? 69  LEU B O   1 
ATOM   1214 C  CB  . LEU B 1 67 ? -1.711  8.255   1.360   1.00 23.35 ? 69  LEU B CB  1 
ATOM   1215 C  CG  . LEU B 1 67 ? -1.835  9.357   0.307   1.00 23.92 ? 69  LEU B CG  1 
ATOM   1216 C  CD1 . LEU B 1 67 ? -0.677  9.326   -0.695  1.00 24.62 ? 69  LEU B CD1 1 
ATOM   1217 C  CD2 . LEU B 1 67 ? -3.187  9.262   -0.423  1.00 23.75 ? 69  LEU B CD2 1 
ATOM   1218 N  N   . HIS B 1 68 ? -3.567  6.606   3.788   1.00 21.86 ? 70  HIS B N   1 
ATOM   1219 C  CA  . HIS B 1 68 ? -3.560  5.455   4.673   1.00 22.66 ? 70  HIS B CA  1 
ATOM   1220 C  C   . HIS B 1 68 ? -3.183  4.236   3.847   1.00 22.68 ? 70  HIS B C   1 
ATOM   1221 O  O   . HIS B 1 68 ? -3.961  3.795   3.000   1.00 21.91 ? 70  HIS B O   1 
ATOM   1222 C  CB  . HIS B 1 68 ? -4.906  5.264   5.360   1.00 19.02 ? 70  HIS B CB  1 
ATOM   1223 C  CG  . HIS B 1 68 ? -4.856  4.292   6.492   1.00 22.16 ? 70  HIS B CG  1 
ATOM   1224 N  ND1 . HIS B 1 68 ? -5.903  3.443   6.800   1.00 19.13 ? 70  HIS B ND1 1 
ATOM   1225 C  CD2 . HIS B 1 68 ? -3.869  4.018   7.382   1.00 21.14 ? 70  HIS B CD2 1 
ATOM   1226 C  CE1 . HIS B 1 68 ? -5.564  2.691   7.832   1.00 23.12 ? 70  HIS B CE1 1 
ATOM   1227 N  NE2 . HIS B 1 68 ? -4.337  3.022   8.207   1.00 25.13 ? 70  HIS B NE2 1 
ATOM   1228 N  N   . CYS B 1 69 ? -1.978  3.714   4.081   1.00 23.77 ? 71  CYS B N   1 
ATOM   1229 C  CA  . CYS B 1 69 ? -1.420  2.577   3.361   1.00 26.87 ? 71  CYS B CA  1 
ATOM   1230 C  C   . CYS B 1 69 ? -1.682  1.286   4.128   1.00 22.50 ? 71  CYS B C   1 
ATOM   1231 O  O   . CYS B 1 69 ? -2.048  1.299   5.307   1.00 23.58 ? 71  CYS B O   1 
ATOM   1232 C  CB  . CYS B 1 69 ? 0.083   2.769   3.127   1.00 23.37 ? 71  CYS B CB  1 
ATOM   1233 S  SG  . CYS B 1 69 ? 0.424   4.262   2.163   1.00 26.38 ? 71  CYS B SG  1 
ATOM   1234 N  N   . GLY B 1 70 ? -1.503  0.160   3.437   1.00 26.87 ? 72  GLY B N   1 
ATOM   1235 C  CA  . GLY B 1 70 ? -1.918  -1.119  4.002   1.00 25.61 ? 72  GLY B CA  1 
ATOM   1236 C  C   . GLY B 1 70 ? -3.401  -1.190  4.304   1.00 26.92 ? 72  GLY B C   1 
ATOM   1237 O  O   . GLY B 1 70 ? -3.806  -1.819  5.291   1.00 25.34 ? 72  GLY B O   1 
ATOM   1238 N  N   . CYS B 1 71 ? -4.230  -0.527  3.497   1.00 22.11 ? 73  CYS B N   1 
ATOM   1239 C  CA  . CYS B 1 71 ? -5.653  -0.417  3.794   1.00 23.27 ? 73  CYS B CA  1 
ATOM   1240 C  C   . CYS B 1 71 ? -6.459  -0.566  2.506   1.00 23.62 ? 73  CYS B C   1 
ATOM   1241 O  O   . CYS B 1 71 ? -6.305  0.240   1.576   1.00 21.86 ? 73  CYS B O   1 
ATOM   1242 C  CB  . CYS B 1 71 ? -5.948  0.923   4.477   1.00 21.33 ? 73  CYS B CB  1 
ATOM   1243 S  SG  . CYS B 1 71 ? -7.702  1.146   4.876   1.00 20.73 ? 73  CYS B SG  1 
ATOM   1244 N  N   . ILE B 1 72 ? -7.341  -1.571  2.467   1.00 21.86 ? 74  ILE B N   1 
ATOM   1245 C  CA  . ILE B 1 72 ? -8.136  -1.836  1.263   1.00 25.58 ? 74  ILE B CA  1 
ATOM   1246 C  C   . ILE B 1 72 ? -9.003  -0.632  0.895   1.00 26.02 ? 74  ILE B C   1 
ATOM   1247 O  O   . ILE B 1 72 ? -9.242  -0.369  -0.296  1.00 27.51 ? 74  ILE B O   1 
ATOM   1248 C  CB  . ILE B 1 72 ? -8.983  -3.121  1.439   1.00 26.23 ? 74  ILE B CB  1 
ATOM   1249 C  CG1 . ILE B 1 72 ? -9.631  -3.517  0.104   1.00 28.10 ? 74  ILE B CG1 1 
ATOM   1250 C  CG2 . ILE B 1 72 ? -10.062 -2.937  2.521   1.00 21.88 ? 74  ILE B CG2 1 
ATOM   1251 C  CD1 . ILE B 1 72 ? -10.070 -4.959  0.021   1.00 28.97 ? 74  ILE B CD1 1 
ATOM   1252 N  N   . ALA B 1 73 ? -9.477  0.124   1.895   1.00 21.06 ? 75  ALA B N   1 
ATOM   1253 C  CA  . ALA B 1 73 ? -10.356 1.263   1.632   1.00 23.02 ? 75  ALA B CA  1 
ATOM   1254 C  C   . ALA B 1 73 ? -9.651  2.378   0.874   1.00 22.68 ? 75  ALA B C   1 
ATOM   1255 O  O   . ALA B 1 73 ? -10.310 3.143   0.165   1.00 25.72 ? 75  ALA B O   1 
ATOM   1256 C  CB  . ALA B 1 73 ? -10.912 1.824   2.937   1.00 24.12 ? 75  ALA B CB  1 
ATOM   1257 N  N   . SER B 1 74 ? -8.330  2.501   1.007   1.00 25.05 ? 76  SER B N   1 
ATOM   1258 C  CA  . SER B 1 74 ? -7.584  3.589   0.375   1.00 28.81 ? 76  SER B CA  1 
ATOM   1259 C  C   . SER B 1 74 ? -6.750  3.126   -0.819  1.00 30.55 ? 76  SER B C   1 
ATOM   1260 O  O   . SER B 1 74 ? -5.894  3.877   -1.296  1.00 28.38 ? 76  SER B O   1 
ATOM   1261 C  CB  . SER B 1 74 ? -6.677  4.277   1.401   1.00 24.43 ? 76  SER B CB  1 
ATOM   1262 O  OG  . SER B 1 74 ? -7.416  5.176   2.226   1.00 30.32 ? 76  SER B OG  1 
ATOM   1263 N  N   . ARG B 1 75 ? -6.977  1.912   -1.315  1.00 27.95 ? 77  ARG B N   1 
ATOM   1264 C  CA  . ARG B 1 75 ? -6.019  1.311   -2.239  1.00 31.52 ? 77  ARG B CA  1 
ATOM   1265 C  C   . ARG B 1 75 ? -6.071  1.931   -3.636  1.00 32.30 ? 77  ARG B C   1 
ATOM   1266 O  O   . ARG B 1 75 ? -5.039  2.003   -4.313  1.00 34.57 ? 77  ARG B O   1 
ATOM   1267 C  CB  . ARG B 1 75 ? -6.223  -0.195  -2.229  1.00 34.58 ? 77  ARG B CB  1 
ATOM   1268 C  CG  . ARG B 1 75 ? -5.911  -0.981  -3.451  1.00 40.75 ? 77  ARG B CG  1 
ATOM   1269 C  CD  . ARG B 1 75 ? -6.783  -2.168  -3.340  1.00 42.50 ? 77  ARG B CD  1 
ATOM   1270 N  NE  . ARG B 1 75 ? -6.575  -3.166  -4.364  1.00 53.06 ? 77  ARG B NE  1 
ATOM   1271 C  CZ  . ARG B 1 75 ? -7.495  -4.058  -4.710  1.00 52.73 ? 77  ARG B CZ  1 
ATOM   1272 N  NH1 . ARG B 1 75 ? -7.236  -4.955  -5.663  1.00 54.54 ? 77  ARG B NH1 1 
ATOM   1273 N  NH2 . ARG B 1 75 ? -8.661  -4.069  -4.073  1.00 38.38 ? 77  ARG B NH2 1 
ATOM   1274 N  N   . PHE B 1 76 ? -7.224  2.423   -4.072  1.00 30.79 ? 78  PHE B N   1 
ATOM   1275 C  CA  . PHE B 1 76 ? -7.297  3.152   -5.332  1.00 33.91 ? 78  PHE B CA  1 
ATOM   1276 C  C   . PHE B 1 76 ? -7.250  4.672   -5.130  1.00 34.28 ? 78  PHE B C   1 
ATOM   1277 O  O   . PHE B 1 76 ? -7.613  5.429   -6.040  1.00 34.03 ? 78  PHE B O   1 
ATOM   1278 C  CB  . PHE B 1 76 ? -8.541  2.742   -6.121  1.00 35.48 ? 78  PHE B CB  1 
ATOM   1279 C  CG  . PHE B 1 76 ? -8.452  1.349   -6.717  1.00 33.91 ? 78  PHE B CG  1 
ATOM   1280 C  CD1 . PHE B 1 76 ? -8.460  0.222   -5.911  1.00 35.90 ? 78  PHE B CD1 1 
ATOM   1281 C  CD2 . PHE B 1 76 ? -8.367  1.176   -8.087  1.00 38.90 ? 78  PHE B CD2 1 
ATOM   1282 C  CE1 . PHE B 1 76 ? -8.374  -1.052  -6.461  1.00 42.01 ? 78  PHE B CE1 1 
ATOM   1283 C  CE2 . PHE B 1 76 ? -8.284  -0.100  -8.648  1.00 39.39 ? 78  PHE B CE2 1 
ATOM   1284 C  CZ  . PHE B 1 76 ? -8.282  -1.209  -7.832  1.00 44.18 ? 78  PHE B CZ  1 
ATOM   1285 N  N   . MET B 1 77 ? -6.820  5.120   -3.947  1.00 29.17 ? 79  MET B N   1 
ATOM   1286 C  CA  . MET B 1 77 ? -6.557  6.522   -3.642  1.00 32.86 ? 79  MET B CA  1 
ATOM   1287 C  C   . MET B 1 77 ? -5.077  6.896   -3.781  1.00 26.74 ? 79  MET B C   1 
ATOM   1288 O  O   . MET B 1 77 ? -4.698  8.018   -3.447  1.00 24.27 ? 79  MET B O   1 
ATOM   1289 C  CB  . MET B 1 77 ? -7.021  6.838   -2.214  1.00 27.99 ? 79  MET B CB  1 
ATOM   1290 C  CG  . MET B 1 77 ? -8.498  6.621   -1.959  1.00 32.84 ? 79  MET B CG  1 
ATOM   1291 S  SD  . MET B 1 77 ? -9.419  8.037   -2.584  1.00 47.51 ? 79  MET B SD  1 
ATOM   1292 C  CE  . MET B 1 77 ? -10.781 7.223   -3.452  1.00 36.61 ? 79  MET B CE  1 
ATOM   1293 N  N   . MET B 1 78 ? -4.234  5.985   -4.252  1.00 31.19 ? 80  MET B N   1 
ATOM   1294 C  CA  . MET B 1 78 ? -2.810  6.271   -4.362  1.00 28.51 ? 80  MET B CA  1 
ATOM   1295 C  C   . MET B 1 78 ? -2.196  5.353   -5.404  1.00 26.27 ? 80  MET B C   1 
ATOM   1296 O  O   . MET B 1 78 ? -2.827  4.400   -5.864  1.00 23.56 ? 80  MET B O   1 
ATOM   1297 C  CB  . MET B 1 78 ? -2.098  6.089   -3.025  1.00 25.51 ? 80  MET B CB  1 
ATOM   1298 C  CG  . MET B 1 78 ? -2.137  4.665   -2.537  1.00 26.83 ? 80  MET B CG  1 
ATOM   1299 S  SD  . MET B 1 78 ? -1.546  4.582   -0.852  1.00 29.77 ? 80  MET B SD  1 
ATOM   1300 C  CE  . MET B 1 78 ? -3.044  4.947   0.070   1.00 26.42 ? 80  MET B CE  1 
ATOM   1301 N  N   . GLU B 1 79 ? -0.948  5.663   -5.767  1.00 24.98 ? 81  GLU B N   1 
ATOM   1302 C  CA  . GLU B 1 79 ? -0.134  4.805   -6.614  1.00 29.31 ? 81  GLU B CA  1 
ATOM   1303 C  C   . GLU B 1 79 ? 1.217   4.584   -5.939  1.00 30.72 ? 81  GLU B C   1 
ATOM   1304 O  O   . GLU B 1 79 ? 1.813   5.523   -5.399  1.00 28.62 ? 81  GLU B O   1 
ATOM   1305 C  CB  . GLU B 1 79 ? 0.049   5.434   -8.004  1.00 29.46 ? 81  GLU B CB  1 
ATOM   1306 C  CG  . GLU B 1 79 ? -1.244  5.454   -8.807  1.00 34.50 ? 81  GLU B CG  1 
ATOM   1307 C  CD  . GLU B 1 79 ? -1.416  4.253   -9.712  1.00 42.23 ? 81  GLU B CD  1 
ATOM   1308 O  OE1 . GLU B 1 79 ? -0.773  3.213   -9.462  1.00 47.31 ? 81  GLU B OE1 1 
ATOM   1309 O  OE2 . GLU B 1 79 ? -2.234  4.337   -10.648 1.00 42.48 ? 81  GLU B OE2 1 
ATOM   1310 N  N   . LEU B 1 80 ? 1.715   3.353   -6.005  1.00 29.10 ? 82  LEU B N   1 
ATOM   1311 C  CA  . LEU B 1 80 ? 3.039   3.037   -5.483  1.00 27.89 ? 82  LEU B CA  1 
ATOM   1312 C  C   . LEU B 1 80 ? 4.113   3.489   -6.465  1.00 28.68 ? 82  LEU B C   1 
ATOM   1313 O  O   . LEU B 1 80 ? 4.041   3.173   -7.658  1.00 31.54 ? 82  LEU B O   1 
ATOM   1314 C  CB  . LEU B 1 80 ? 3.188   1.536   -5.254  1.00 28.37 ? 82  LEU B CB  1 
ATOM   1315 C  CG  . LEU B 1 80 ? 2.384   0.850   -4.172  1.00 32.60 ? 82  LEU B CG  1 
ATOM   1316 C  CD1 . LEU B 1 80 ? 2.712   -0.625  -4.177  1.00 35.54 ? 82  LEU B CD1 1 
ATOM   1317 C  CD2 . LEU B 1 80 ? 2.755   1.474   -2.868  1.00 32.13 ? 82  LEU B CD2 1 
ATOM   1318 N  N   . LEU B 1 81 ? 5.092   4.244   -5.973  1.00 24.11 ? 83  LEU B N   1 
ATOM   1319 C  CA  . LEU B 1 81 ? 6.214   4.704   -6.783  1.00 21.92 ? 83  LEU B CA  1 
ATOM   1320 C  C   . LEU B 1 81 ? 7.372   3.707   -6.761  1.00 30.38 ? 83  LEU B C   1 
ATOM   1321 O  O   . LEU B 1 81 ? 7.560   2.938   -5.803  1.00 28.95 ? 83  LEU B O   1 
ATOM   1322 C  CB  . LEU B 1 81 ? 6.705   6.057   -6.286  1.00 25.26 ? 83  LEU B CB  1 
ATOM   1323 C  CG  . LEU B 1 81 ? 5.617   7.116   -6.402  1.00 30.96 ? 83  LEU B CG  1 
ATOM   1324 C  CD1 . LEU B 1 81 ? 6.046   8.436   -5.767  1.00 26.65 ? 83  LEU B CD1 1 
ATOM   1325 C  CD2 . LEU B 1 81 ? 5.249   7.293   -7.881  1.00 23.47 ? 83  LEU B CD2 1 
ATOM   1326 N  N   . GLU B 1 82 ? 8.185   3.762   -7.823  1.00 29.05 ? 84  GLU B N   1 
ATOM   1327 C  CA  . GLU B 1 82 ? 9.404   2.959   -7.869  1.00 29.04 ? 84  GLU B CA  1 
ATOM   1328 C  C   . GLU B 1 82 ? 10.393  3.314   -6.760  1.00 29.46 ? 84  GLU B C   1 
ATOM   1329 O  O   . GLU B 1 82 ? 11.288  2.514   -6.472  1.00 23.49 ? 84  GLU B O   1 
ATOM   1330 C  CB  . GLU B 1 82 ? 10.085  3.101   -9.233  1.00 27.43 ? 84  GLU B CB  1 
ATOM   1331 C  CG  . GLU B 1 82 ? 9.201   2.673   -10.402 1.00 36.96 ? 84  GLU B CG  1 
ATOM   1332 C  CD  . GLU B 1 82 ? 8.808   1.188   -10.363 1.00 36.87 ? 84  GLU B CD  1 
ATOM   1333 O  OE1 . GLU B 1 82 ? 9.499   0.394   -9.674  1.00 34.80 ? 84  GLU B OE1 1 
ATOM   1334 O  OE2 . GLU B 1 82 ? 7.802   0.821   -11.026 1.00 36.77 ? 84  GLU B OE2 1 
ATOM   1335 N  N   . ASN B 1 83 ? 10.260  4.486   -6.129  1.00 27.87 ? 85  ASN B N   1 
ATOM   1336 C  CA  . ASN B 1 83 ? 11.214  4.896   -5.106  1.00 28.87 ? 85  ASN B CA  1 
ATOM   1337 C  C   . ASN B 1 83 ? 10.800  4.477   -3.701  1.00 29.03 ? 85  ASN B C   1 
ATOM   1338 O  O   . ASN B 1 83 ? 11.413  4.933   -2.734  1.00 31.18 ? 85  ASN B O   1 
ATOM   1339 C  CB  . ASN B 1 83 ? 11.443  6.414   -5.159  1.00 27.74 ? 85  ASN B CB  1 
ATOM   1340 C  CG  . ASN B 1 83 ? 10.216  7.226   -4.765  1.00 32.58 ? 85  ASN B CG  1 
ATOM   1341 O  OD1 . ASN B 1 83 ? 9.211   6.696   -4.248  1.00 33.38 ? 85  ASN B OD1 1 
ATOM   1342 N  ND2 . ASN B 1 83 ? 10.296  8.536   -4.995  1.00 32.28 ? 85  ASN B ND2 1 
ATOM   1343 N  N   . GLY B 1 84 ? 9.779   3.625   -3.557  1.00 29.21 ? 86  GLY B N   1 
ATOM   1344 C  CA  . GLY B 1 84 ? 9.382   3.141   -2.248  1.00 27.47 ? 86  GLY B CA  1 
ATOM   1345 C  C   . GLY B 1 84 ? 8.348   3.997   -1.533  1.00 31.27 ? 86  GLY B C   1 
ATOM   1346 O  O   . GLY B 1 84 ? 7.876   3.602   -0.459  1.00 30.79 ? 86  GLY B O   1 
ATOM   1347 N  N   . GLY B 1 85 ? 8.001   5.157   -2.081  1.00 31.25 ? 87  GLY B N   1 
ATOM   1348 C  CA  . GLY B 1 85 ? 6.965   5.999   -1.522  1.00 25.27 ? 87  GLY B CA  1 
ATOM   1349 C  C   . GLY B 1 85 ? 5.666   5.822   -2.284  1.00 26.08 ? 87  GLY B C   1 
ATOM   1350 O  O   . GLY B 1 85 ? 5.486   4.897   -3.076  1.00 25.30 ? 87  GLY B O   1 
ATOM   1351 N  N   . VAL B 1 86 ? 4.740   6.730   -2.002  1.00 25.37 ? 88  VAL B N   1 
ATOM   1352 C  CA  . VAL B 1 86 ? 3.411   6.712   -2.601  1.00 24.95 ? 88  VAL B CA  1 
ATOM   1353 C  C   . VAL B 1 86 ? 3.096   8.112   -3.102  1.00 24.40 ? 88  VAL B C   1 
ATOM   1354 O  O   . VAL B 1 86 ? 3.570   9.116   -2.556  1.00 24.36 ? 88  VAL B O   1 
ATOM   1355 C  CB  . VAL B 1 86 ? 2.326   6.263   -1.606  1.00 27.25 ? 88  VAL B CB  1 
ATOM   1356 C  CG1 . VAL B 1 86 ? 2.372   4.750   -1.414  1.00 23.73 ? 88  VAL B CG1 1 
ATOM   1357 C  CG2 . VAL B 1 86 ? 2.511   7.004   -0.290  1.00 25.04 ? 88  VAL B CG2 1 
ATOM   1358 N  N   . THR B 1 87 ? 2.248   8.175   -4.118  1.00 22.30 ? 89  THR B N   1 
ATOM   1359 C  CA  . THR B 1 87 ? 1.732   9.435   -4.621  1.00 27.15 ? 89  THR B CA  1 
ATOM   1360 C  C   . THR B 1 87 ? 0.210   9.402   -4.599  1.00 27.61 ? 89  THR B C   1 
ATOM   1361 O  O   . THR B 1 87 ? -0.393  8.344   -4.812  1.00 24.38 ? 89  THR B O   1 
ATOM   1362 C  CB  . THR B 1 87 ? 2.234   9.692   -6.054  1.00 27.05 ? 89  THR B CB  1 
ATOM   1363 O  OG1 . THR B 1 87 ? 1.664   10.901  -6.554  1.00 30.31 ? 89  THR B OG1 1 
ATOM   1364 C  CG2 . THR B 1 87 ? 1.824   8.559   -6.968  1.00 27.02 ? 89  THR B CG2 1 
ATOM   1365 N  N   . CYS B 1 88 ? -0.402  10.558  -4.314  1.00 23.20 ? 90  CYS B N   1 
ATOM   1366 C  CA  . CYS B 1 88 ? -1.850  10.671  -4.385  1.00 24.96 ? 90  CYS B CA  1 
ATOM   1367 C  C   . CYS B 1 88 ? -2.289  10.664  -5.852  1.00 27.08 ? 90  CYS B C   1 
ATOM   1368 O  O   . CYS B 1 88 ? -1.466  10.687  -6.777  1.00 21.31 ? 90  CYS B O   1 
ATOM   1369 C  CB  . CYS B 1 88 ? -2.340  11.939  -3.677  1.00 24.24 ? 90  CYS B CB  1 
ATOM   1370 S  SG  . CYS B 1 88 ? -2.057  13.524  -4.566  1.00 22.72 ? 90  CYS B SG  1 
ATOM   1371 N  N   . ILE B 1 89 ? -3.608  10.623  -6.063  1.00 25.52 ? 91  ILE B N   1 
ATOM   1372 C  CA  . ILE B 1 89 ? -4.111  10.454  -7.426  1.00 28.62 ? 91  ILE B CA  1 
ATOM   1373 C  C   . ILE B 1 89 ? -3.938  11.726  -8.257  1.00 28.88 ? 91  ILE B C   1 
ATOM   1374 O  O   . ILE B 1 89 ? -3.647  11.644  -9.462  1.00 30.32 ? 91  ILE B O   1 
ATOM   1375 C  CB  . ILE B 1 89 ? -5.572  9.966   -7.407  1.00 31.16 ? 91  ILE B CB  1 
ATOM   1376 C  CG1 . ILE B 1 89 ? -5.653  8.604   -6.719  1.00 27.60 ? 91  ILE B CG1 1 
ATOM   1377 C  CG2 . ILE B 1 89 ? -6.118  9.786   -8.838  1.00 26.87 ? 91  ILE B CG2 1 
ATOM   1378 C  CD1 . ILE B 1 89 ? -4.826  7.524   -7.418  1.00 29.77 ? 91  ILE B CD1 1 
ATOM   1379 N  N   . SER B 1 90 ? -4.063  12.910  -7.650  1.00 29.29 ? 92  SER B N   1 
ATOM   1380 C  CA  . SER B 1 90 ? -3.826  14.140  -8.413  1.00 33.16 ? 92  SER B CA  1 
ATOM   1381 C  C   . SER B 1 90 ? -2.379  14.212  -8.887  1.00 32.93 ? 92  SER B C   1 
ATOM   1382 O  O   . SER B 1 90 ? -2.112  14.430  -10.079 1.00 35.64 ? 92  SER B O   1 
ATOM   1383 C  CB  . SER B 1 90 ? -4.155  15.388  -7.589  1.00 31.99 ? 92  SER B CB  1 
ATOM   1384 O  OG  . SER B 1 90 ? -5.297  15.226  -6.772  1.00 44.27 ? 92  SER B OG  1 
ATOM   1385 N  N   . CYS B 1 91 ? -1.425  14.036  -7.965  1.00 33.10 ? 93  CYS B N   1 
ATOM   1386 C  CA  . CYS B 1 91 ? -0.022  14.048  -8.370  1.00 35.11 ? 93  CYS B CA  1 
ATOM   1387 C  C   . CYS B 1 91 ? 0.262   12.954  -9.393  1.00 33.22 ? 93  CYS B C   1 
ATOM   1388 O  O   . CYS B 1 91 ? 1.041   13.159  -10.336 1.00 39.75 ? 93  CYS B O   1 
ATOM   1389 C  CB  . CYS B 1 91 ? 0.894   13.924  -7.146  1.00 30.71 ? 93  CYS B CB  1 
ATOM   1390 S  SG  . CYS B 1 91 ? 0.922   15.383  -6.022  1.00 30.76 ? 93  CYS B SG  1 
ATOM   1391 N  N   . ALA B 1 92 ? -0.394  11.801  -9.258  1.00 31.55 ? 94  ALA B N   1 
ATOM   1392 C  CA  . ALA B 1 92 ? -0.210  10.730  -10.232 1.00 34.42 ? 94  ALA B CA  1 
ATOM   1393 C  C   . ALA B 1 92 ? -0.681  11.157  -11.621 1.00 35.65 ? 94  ALA B C   1 
ATOM   1394 O  O   . ALA B 1 92 ? 0.024   10.941  -12.615 1.00 36.26 ? 94  ALA B O   1 
ATOM   1395 C  CB  . ALA B 1 92 ? -0.940  9.467   -9.774  1.00 30.48 ? 94  ALA B CB  1 
ATOM   1396 N  N   . LYS B 1 93 ? -1.878  11.762  -11.709 1.00 34.76 ? 95  LYS B N   1 
ATOM   1397 C  CA  . LYS B 1 93 ? -2.391  12.250  -12.991 1.00 34.59 ? 95  LYS B CA  1 
ATOM   1398 C  C   . LYS B 1 93 ? -1.480  13.309  -13.587 1.00 41.52 ? 95  LYS B C   1 
ATOM   1399 O  O   . LYS B 1 93 ? -1.387  13.429  -14.818 1.00 43.96 ? 95  LYS B O   1 
ATOM   1400 C  CB  . LYS B 1 93 ? -3.792  12.840  -12.830 1.00 37.35 ? 95  LYS B CB  1 
ATOM   1401 C  CG  . LYS B 1 93 ? -4.933  11.847  -12.707 1.00 33.50 ? 95  LYS B CG  1 
ATOM   1402 C  CD  . LYS B 1 93 ? -6.162  12.568  -12.142 1.00 37.20 ? 95  LYS B CD  1 
ATOM   1403 C  CE  . LYS B 1 93 ? -7.334  11.629  -11.953 1.00 39.39 ? 95  LYS B CE  1 
ATOM   1404 N  NZ  . LYS B 1 93 ? -7.759  11.019  -13.238 1.00 49.74 ? 95  LYS B NZ  1 
ATOM   1405 N  N   . LYS B 1 94 ? -0.811  14.092  -12.732 1.00 37.59 ? 96  LYS B N   1 
ATOM   1406 C  CA  . LYS B 1 94 ? 0.105   15.126  -13.198 1.00 41.24 ? 96  LYS B CA  1 
ATOM   1407 C  C   . LYS B 1 94 ? 1.455   14.569  -13.645 1.00 41.12 ? 96  LYS B C   1 
ATOM   1408 O  O   . LYS B 1 94 ? 2.162   15.239  -14.408 1.00 41.75 ? 96  LYS B O   1 
ATOM   1409 C  CB  . LYS B 1 94 ? 0.308   16.177  -12.096 1.00 43.72 ? 96  LYS B CB  1 
ATOM   1410 C  CG  . LYS B 1 94 ? -0.949  17.008  -11.766 1.00 44.66 ? 96  LYS B CG  1 
ATOM   1411 C  CD  . LYS B 1 94 ? -0.804  17.854  -10.474 1.00 42.90 ? 96  LYS B CD  1 
ATOM   1412 C  CE  . LYS B 1 94 ? 0.188   19.008  -10.613 1.00 51.04 ? 96  LYS B CE  1 
ATOM   1413 N  NZ  . LYS B 1 94 ? 1.625   18.589  -10.656 1.00 50.45 ? 96  LYS B NZ  1 
ATOM   1414 N  N   . SER B 1 95 ? 1.831   13.371  -13.187 1.00 40.49 ? 97  SER B N   1 
ATOM   1415 C  CA  . SER B 1 95 ? 3.129   12.767  -13.481 1.00 38.56 ? 97  SER B CA  1 
ATOM   1416 C  C   . SER B 1 95 ? 3.075   11.679  -14.550 1.00 36.77 ? 97  SER B C   1 
ATOM   1417 O  O   . SER B 1 95 ? 4.118   11.111  -14.888 1.00 36.45 ? 97  SER B O   1 
ATOM   1418 C  CB  . SER B 1 95 ? 3.729   12.164  -12.205 1.00 38.35 ? 97  SER B CB  1 
ATOM   1419 O  OG  . SER B 1 95 ? 3.247   12.844  -11.059 1.00 45.78 ? 97  SER B OG  1 
ATOM   1420 N  N   . GLY B 1 96 ? 1.898   11.347  -15.066 1.00 30.76 ? 98  GLY B N   1 
ATOM   1421 C  CA  . GLY B 1 96 ? 1.814   10.311  -16.072 1.00 30.24 ? 98  GLY B CA  1 
ATOM   1422 C  C   . GLY B 1 96 ? 1.778   8.898   -15.544 1.00 35.75 ? 98  GLY B C   1 
ATOM   1423 O  O   . GLY B 1 96 ? 2.010   7.961   -16.314 1.00 37.28 ? 98  GLY B O   1 
ATOM   1424 N  N   . LEU B 1 97 ? 1.479   8.700   -14.260 1.00 30.02 ? 99  LEU B N   1 
ATOM   1425 C  CA  . LEU B 1 97 ? 1.578   7.383   -13.645 1.00 36.24 ? 99  LEU B CA  1 
ATOM   1426 C  C   . LEU B 1 97 ? 0.232   6.704   -13.437 1.00 44.43 ? 99  LEU B C   1 
ATOM   1427 O  O   . LEU B 1 97 ? 0.146   5.785   -12.613 1.00 47.61 ? 99  LEU B O   1 
ATOM   1428 C  CB  . LEU B 1 97 ? 2.283   7.468   -12.293 1.00 34.23 ? 99  LEU B CB  1 
ATOM   1429 C  CG  . LEU B 1 97 ? 3.773   7.758   -12.265 1.00 38.72 ? 99  LEU B CG  1 
ATOM   1430 C  CD1 . LEU B 1 97 ? 4.056   8.510   -10.992 1.00 35.09 ? 99  LEU B CD1 1 
ATOM   1431 C  CD2 . LEU B 1 97 ? 4.582   6.454   -12.333 1.00 38.26 ? 99  LEU B CD2 1 
ATOM   1432 N  N   . ILE B 1 98 ? -0.823  7.123   -14.125 1.00 39.21 ? 100 ILE B N   1 
ATOM   1433 C  CA  . ILE B 1 98 ? -2.117  6.508   -13.851 1.00 47.08 ? 100 ILE B CA  1 
ATOM   1434 C  C   . ILE B 1 98 ? -2.182  5.169   -14.574 1.00 57.81 ? 100 ILE B C   1 
ATOM   1435 O  O   . ILE B 1 98 ? -2.064  5.107   -15.803 1.00 60.19 ? 100 ILE B O   1 
ATOM   1436 C  CB  . ILE B 1 98 ? -3.284  7.421   -14.244 1.00 46.66 ? 100 ILE B CB  1 
ATOM   1437 C  CG1 . ILE B 1 98 ? -3.498  8.459   -13.146 1.00 41.99 ? 100 ILE B CG1 1 
ATOM   1438 C  CG2 . ILE B 1 98 ? -4.558  6.608   -14.397 1.00 49.20 ? 100 ILE B CG2 1 
ATOM   1439 C  CD1 . ILE B 1 98 ? -3.619  7.842   -11.749 1.00 40.63 ? 100 ILE B CD1 1 
ATOM   1440 N  N   . SER B 1 99 ? -2.355  4.094   -13.802 1.00 57.34 ? 101 SER B N   1 
ATOM   1441 C  CA  . SER B 1 99 ? -2.402  2.733   -14.324 1.00 59.08 ? 101 SER B CA  1 
ATOM   1442 C  C   . SER B 1 99 ? -3.772  2.395   -14.906 1.00 61.94 ? 101 SER B C   1 
ATOM   1443 O  O   . SER B 1 99 ? -3.901  1.462   -15.701 1.00 68.75 ? 101 SER B O   1 
ATOM   1444 C  CB  . SER B 1 99 ? -2.043  1.732   -13.222 1.00 58.41 ? 101 SER B CB  1 
ATOM   1445 O  OG  . SER B 1 99 ? -0.713  1.925   -12.767 1.00 53.55 ? 101 SER B OG  1 
HETATM 1446 ZN ZN  . ZN  C 2 .  ? 21.803  -0.365  -3.164  1.00 31.22 ? 201 ZN  A ZN  1 
HETATM 1447 ZN ZN  . ZN  D 2 .  ? 9.783   -0.593  2.217   1.00 23.39 ? 202 ZN  A ZN  1 
HETATM 1448 ZN ZN  . ZN  E 2 .  ? 1.992   -13.011 9.550   1.00 30.79 ? 203 ZN  A ZN  1 
HETATM 1449 C  C1  . GOL F 3 .  ? 10.640  -7.409  3.606   1.00 32.29 ? 204 GOL A C1  1 
HETATM 1450 O  O1  . GOL F 3 .  ? 11.442  -6.284  3.906   1.00 36.01 ? 204 GOL A O1  1 
HETATM 1451 C  C2  . GOL F 3 .  ? 10.326  -7.395  2.107   1.00 41.88 ? 204 GOL A C2  1 
HETATM 1452 O  O2  . GOL F 3 .  ? 9.810   -8.650  1.712   1.00 46.02 ? 204 GOL A O2  1 
HETATM 1453 C  C3  . GOL F 3 .  ? 11.551  -7.043  1.262   1.00 32.78 ? 204 GOL A C3  1 
HETATM 1454 O  O3  . GOL F 3 .  ? 12.568  -8.021  1.455   1.00 29.94 ? 204 GOL A O3  1 
HETATM 1455 ZN ZN  . ZN  G 2 .  ? -0.003  14.544  -3.923  1.00 27.53 ? 201 ZN  B ZN  1 
HETATM 1456 ZN ZN  . ZN  H 2 .  ? -7.817  3.220   5.875   1.00 21.84 ? 202 ZN  B ZN  1 
HETATM 1457 ZN ZN  . ZN  I 2 .  ? -21.776 3.705   6.926   1.00 32.90 ? 203 ZN  B ZN  1 
HETATM 1458 O  O   . HOH J 4 .  ? 6.859   -5.382  -6.115  1.00 24.68 ? 301 HOH A O   1 
HETATM 1459 O  O   . HOH J 4 .  ? 7.653   -5.023  4.864   1.00 22.49 ? 302 HOH A O   1 
HETATM 1460 O  O   . HOH J 4 .  ? 4.267   -2.476  0.722   1.00 19.72 ? 303 HOH A O   1 
HETATM 1461 O  O   . HOH J 4 .  ? 14.823  3.939   6.390   1.00 33.52 ? 304 HOH A O   1 
HETATM 1462 O  O   . HOH J 4 .  ? -2.765  -5.092  10.056  1.00 22.56 ? 305 HOH A O   1 
HETATM 1463 O  O   . HOH J 4 .  ? -7.085  -3.678  4.426   1.00 21.65 ? 306 HOH A O   1 
HETATM 1464 O  O   . HOH J 4 .  ? 16.638  9.442   -3.170  1.00 30.71 ? 307 HOH A O   1 
HETATM 1465 O  O   . HOH J 4 .  ? -9.707  -10.616 3.728   1.00 34.57 ? 308 HOH A O   1 
HETATM 1466 O  O   . HOH J 4 .  ? 13.826  3.163   -1.366  1.00 26.65 ? 309 HOH A O   1 
HETATM 1467 O  O   . HOH J 4 .  ? 12.095  -10.640 -0.177  1.00 35.50 ? 310 HOH A O   1 
HETATM 1468 O  O   . HOH J 4 .  ? 5.689   3.871   10.340  1.00 24.83 ? 311 HOH A O   1 
HETATM 1469 O  O   . HOH K 4 .  ? -9.862  -1.464  -2.900  1.00 33.61 ? 301 HOH B O   1 
HETATM 1470 O  O   . HOH K 4 .  ? -4.202  1.610   1.407   1.00 26.26 ? 302 HOH B O   1 
HETATM 1471 O  O   . HOH K 4 .  ? -9.905  3.036   -2.604  1.00 28.47 ? 303 HOH B O   1 
HETATM 1472 O  O   . HOH K 4 .  ? -8.799  5.504   13.851  1.00 31.73 ? 304 HOH B O   1 
HETATM 1473 O  O   . HOH K 4 .  ? 5.428   8.687   0.127   1.00 26.26 ? 305 HOH B O   1 
HETATM 1474 O  O   . HOH K 4 .  ? -24.655 -3.732  11.989  1.00 32.97 ? 306 HOH B O   1 
HETATM 1475 O  O   . HOH K 4 .  ? -10.742 8.184   12.826  1.00 26.32 ? 307 HOH B O   1 
HETATM 1476 O  O   . HOH K 4 .  ? 6.551   2.353   -3.301  1.00 23.98 ? 308 HOH B O   1 
HETATM 1477 O  O   . HOH K 4 .  ? -0.329  1.266   -7.125  1.00 39.43 ? 309 HOH B O   1 
HETATM 1478 O  O   . HOH K 4 .  ? 0.472   5.883   11.043  1.00 23.10 ? 310 HOH B O   1 
HETATM 1479 O  O   . HOH K 4 .  ? -27.888 7.007   7.263   1.00 40.41 ? 311 HOH B O   1 
# 
loop_
_pdbx_poly_seq_scheme.asym_id 
_pdbx_poly_seq_scheme.entity_id 
_pdbx_poly_seq_scheme.seq_id 
_pdbx_poly_seq_scheme.mon_id 
_pdbx_poly_seq_scheme.ndb_seq_num 
_pdbx_poly_seq_scheme.pdb_seq_num 
_pdbx_poly_seq_scheme.auth_seq_num 
_pdbx_poly_seq_scheme.pdb_mon_id 
_pdbx_poly_seq_scheme.auth_mon_id 
_pdbx_poly_seq_scheme.pdb_strand_id 
_pdbx_poly_seq_scheme.pdb_ins_code 
_pdbx_poly_seq_scheme.hetero 
A 1 1   ALA 1   3   3   ALA ALA A . n 
A 1 2   ILE 2   4   4   ILE ILE A . n 
A 1 3   LYS 3   5   5   LYS LYS A . n 
A 1 4   VAL 4   6   6   VAL VAL A . n 
A 1 5   CYS 5   7   7   CYS CYS A . n 
A 1 6   MET 6   8   8   MET MET A . n 
A 1 7   ASN 7   9   9   ASN ASN A . n 
A 1 8   ALA 8   10  10  ALA ALA A . n 
A 1 9   LEU 9   11  11  LEU LEU A . n 
A 1 10  CYS 10  12  12  CYS CYS A . n 
A 1 11  GLY 11  13  13  GLY GLY A . n 
A 1 12  ALA 12  14  14  ALA ALA A . n 
A 1 13  ALA 13  15  15  ALA ALA A . n 
A 1 14  SER 14  16  16  SER SER A . n 
A 1 15  THR 15  17  17  THR THR A . n 
A 1 16  SER 16  18  18  SER SER A . n 
A 1 17  GLY 17  19  19  GLY GLY A . n 
A 1 18  GLU 18  20  20  GLU GLU A . n 
A 1 19  TRP 19  21  21  TRP TRP A . n 
A 1 20  LYS 20  22  22  LYS LYS A . n 
A 1 21  LYS 21  23  23  LYS LYS A . n 
A 1 22  GLY 22  24  24  GLY GLY A . n 
A 1 23  TRP 23  25  25  TRP TRP A . n 
A 1 24  PRO 24  26  26  PRO PRO A . n 
A 1 25  MET 25  27  27  MET MET A . n 
A 1 26  ARG 26  28  28  ARG ARG A . n 
A 1 27  SER 27  29  29  SER SER A . n 
A 1 28  GLY 28  30  30  GLY GLY A . n 
A 1 29  ASP 29  31  31  ASP ASP A . n 
A 1 30  LEU 30  32  32  LEU LEU A . n 
A 1 31  ALA 31  33  33  ALA ALA A . n 
A 1 32  SER 32  34  34  SER SER A . n 
A 1 33  LEU 33  35  35  LEU LEU A . n 
A 1 34  CYS 34  36  36  CYS CYS A . n 
A 1 35  ASP 35  37  37  ASP ASP A . n 
A 1 36  LYS 36  38  38  LYS LYS A . n 
A 1 37  CYS 37  39  39  CYS CYS A . n 
A 1 38  GLY 38  40  40  GLY GLY A . n 
A 1 39  CYS 39  41  41  CYS CYS A . n 
A 1 40  ALA 40  42  42  ALA ALA A . n 
A 1 41  TYR 41  43  43  TYR TYR A . n 
A 1 42  GLU 42  44  44  GLU GLU A . n 
A 1 43  GLN 43  45  45  GLN GLN A . n 
A 1 44  SER 44  46  46  SER SER A . n 
A 1 45  ILE 45  47  47  ILE ILE A . n 
A 1 46  PHE 46  48  48  PHE PHE A . n 
A 1 47  CYS 47  49  49  CYS CYS A . n 
A 1 48  GLU 48  50  50  GLU GLU A . n 
A 1 49  VAL 49  51  51  VAL VAL A . n 
A 1 50  PHE 50  52  52  PHE PHE A . n 
A 1 51  HIS 51  53  53  HIS HIS A . n 
A 1 52  ALA 52  54  54  ALA ALA A . n 
A 1 53  LYS 53  55  55  LYS LYS A . n 
A 1 54  GLU 54  56  56  GLU GLU A . n 
A 1 55  SER 55  57  57  SER SER A . n 
A 1 56  GLY 56  58  58  GLY GLY A . n 
A 1 57  TRP 57  59  59  TRP TRP A . n 
A 1 58  ARG 58  60  60  ARG ARG A . n 
A 1 59  GLU 59  61  61  GLU GLU A . n 
A 1 60  CYS 60  62  62  CYS CYS A . n 
A 1 61  ASN 61  63  63  ASN ASN A . n 
A 1 62  SER 62  64  64  SER SER A . n 
A 1 63  CYS 63  65  65  CYS CYS A . n 
A 1 64  ASP 64  66  66  ASP ASP A . n 
A 1 65  LYS 65  67  67  LYS LYS A . n 
A 1 66  ARG 66  68  68  ARG ARG A . n 
A 1 67  LEU 67  69  69  LEU LEU A . n 
A 1 68  HIS 68  70  70  HIS HIS A . n 
A 1 69  CYS 69  71  71  CYS CYS A . n 
A 1 70  GLY 70  72  72  GLY GLY A . n 
A 1 71  CYS 71  73  73  CYS CYS A . n 
A 1 72  ILE 72  74  74  ILE ILE A . n 
A 1 73  ALA 73  75  75  ALA ALA A . n 
A 1 74  SER 74  76  76  SER SER A . n 
A 1 75  ARG 75  77  77  ARG ARG A . n 
A 1 76  PHE 76  78  78  PHE PHE A . n 
A 1 77  MET 77  79  79  MET MET A . n 
A 1 78  MET 78  80  80  MET MET A . n 
A 1 79  GLU 79  81  81  GLU GLU A . n 
A 1 80  LEU 80  82  82  LEU LEU A . n 
A 1 81  LEU 81  83  83  LEU LEU A . n 
A 1 82  GLU 82  84  84  GLU GLU A . n 
A 1 83  ASN 83  85  85  ASN ASN A . n 
A 1 84  GLY 84  86  86  GLY GLY A . n 
A 1 85  GLY 85  87  87  GLY GLY A . n 
A 1 86  VAL 86  88  88  VAL VAL A . n 
A 1 87  THR 87  89  89  THR THR A . n 
A 1 88  CYS 88  90  90  CYS CYS A . n 
A 1 89  ILE 89  91  91  ILE ILE A . n 
A 1 90  SER 90  92  92  SER SER A . n 
A 1 91  CYS 91  93  93  CYS CYS A . n 
A 1 92  ALA 92  94  94  ALA ALA A . n 
A 1 93  LYS 93  95  95  LYS LYS A . n 
A 1 94  LYS 94  96  96  LYS LYS A . n 
A 1 95  SER 95  97  97  SER SER A . n 
A 1 96  GLY 96  98  98  GLY GLY A . n 
A 1 97  LEU 97  99  ?   ?   ?   A . n 
A 1 98  ILE 98  100 ?   ?   ?   A . n 
A 1 99  SER 99  101 ?   ?   ?   A . n 
A 1 100 MET 100 102 ?   ?   ?   A . n 
A 1 101 ASN 101 103 ?   ?   ?   A . n 
A 1 102 VAL 102 104 ?   ?   ?   A . n 
A 1 103 SER 103 105 ?   ?   ?   A . n 
B 1 1   ALA 1   3   ?   ?   ?   B . n 
B 1 2   ILE 2   4   4   ILE ILE B . n 
B 1 3   LYS 3   5   5   LYS LYS B . n 
B 1 4   VAL 4   6   6   VAL VAL B . n 
B 1 5   CYS 5   7   7   CYS CYS B . n 
B 1 6   MET 6   8   8   MET MET B . n 
B 1 7   ASN 7   9   9   ASN ASN B . n 
B 1 8   ALA 8   10  10  ALA ALA B . n 
B 1 9   LEU 9   11  11  LEU LEU B . n 
B 1 10  CYS 10  12  12  CYS CYS B . n 
B 1 11  GLY 11  13  13  GLY GLY B . n 
B 1 12  ALA 12  14  14  ALA ALA B . n 
B 1 13  ALA 13  15  15  ALA ALA B . n 
B 1 14  SER 14  16  16  SER SER B . n 
B 1 15  THR 15  17  17  THR THR B . n 
B 1 16  SER 16  18  18  SER SER B . n 
B 1 17  GLY 17  19  19  GLY GLY B . n 
B 1 18  GLU 18  20  20  GLU GLU B . n 
B 1 19  TRP 19  21  21  TRP TRP B . n 
B 1 20  LYS 20  22  22  LYS LYS B . n 
B 1 21  LYS 21  23  23  LYS LYS B . n 
B 1 22  GLY 22  24  24  GLY GLY B . n 
B 1 23  TRP 23  25  25  TRP TRP B . n 
B 1 24  PRO 24  26  26  PRO PRO B . n 
B 1 25  MET 25  27  27  MET MET B . n 
B 1 26  ARG 26  28  28  ARG ARG B . n 
B 1 27  SER 27  29  29  SER SER B . n 
B 1 28  GLY 28  30  30  GLY GLY B . n 
B 1 29  ASP 29  31  31  ASP ASP B . n 
B 1 30  LEU 30  32  32  LEU LEU B . n 
B 1 31  ALA 31  33  33  ALA ALA B . n 
B 1 32  SER 32  34  34  SER SER B . n 
B 1 33  LEU 33  35  35  LEU LEU B . n 
B 1 34  CYS 34  36  36  CYS CYS B . n 
B 1 35  ASP 35  37  37  ASP ASP B . n 
B 1 36  LYS 36  38  38  LYS LYS B . n 
B 1 37  CYS 37  39  39  CYS CYS B . n 
B 1 38  GLY 38  40  40  GLY GLY B . n 
B 1 39  CYS 39  41  41  CYS CYS B . n 
B 1 40  ALA 40  42  42  ALA ALA B . n 
B 1 41  TYR 41  43  43  TYR TYR B . n 
B 1 42  GLU 42  44  44  GLU GLU B . n 
B 1 43  GLN 43  45  45  GLN GLN B . n 
B 1 44  SER 44  46  46  SER SER B . n 
B 1 45  ILE 45  47  47  ILE ILE B . n 
B 1 46  PHE 46  48  48  PHE PHE B . n 
B 1 47  CYS 47  49  49  CYS CYS B . n 
B 1 48  GLU 48  50  50  GLU GLU B . n 
B 1 49  VAL 49  51  51  VAL VAL B . n 
B 1 50  PHE 50  52  52  PHE PHE B . n 
B 1 51  HIS 51  53  53  HIS HIS B . n 
B 1 52  ALA 52  54  54  ALA ALA B . n 
B 1 53  LYS 53  55  55  LYS LYS B . n 
B 1 54  GLU 54  56  56  GLU GLU B . n 
B 1 55  SER 55  57  57  SER SER B . n 
B 1 56  GLY 56  58  58  GLY GLY B . n 
B 1 57  TRP 57  59  59  TRP TRP B . n 
B 1 58  ARG 58  60  60  ARG ARG B . n 
B 1 59  GLU 59  61  61  GLU GLU B . n 
B 1 60  CYS 60  62  62  CYS CYS B . n 
B 1 61  ASN 61  63  63  ASN ASN B . n 
B 1 62  SER 62  64  64  SER SER B . n 
B 1 63  CYS 63  65  65  CYS CYS B . n 
B 1 64  ASP 64  66  66  ASP ASP B . n 
B 1 65  LYS 65  67  67  LYS LYS B . n 
B 1 66  ARG 66  68  68  ARG ARG B . n 
B 1 67  LEU 67  69  69  LEU LEU B . n 
B 1 68  HIS 68  70  70  HIS HIS B . n 
B 1 69  CYS 69  71  71  CYS CYS B . n 
B 1 70  GLY 70  72  72  GLY GLY B . n 
B 1 71  CYS 71  73  73  CYS CYS B . n 
B 1 72  ILE 72  74  74  ILE ILE B . n 
B 1 73  ALA 73  75  75  ALA ALA B . n 
B 1 74  SER 74  76  76  SER SER B . n 
B 1 75  ARG 75  77  77  ARG ARG B . n 
B 1 76  PHE 76  78  78  PHE PHE B . n 
B 1 77  MET 77  79  79  MET MET B . n 
B 1 78  MET 78  80  80  MET MET B . n 
B 1 79  GLU 79  81  81  GLU GLU B . n 
B 1 80  LEU 80  82  82  LEU LEU B . n 
B 1 81  LEU 81  83  83  LEU LEU B . n 
B 1 82  GLU 82  84  84  GLU GLU B . n 
B 1 83  ASN 83  85  85  ASN ASN B . n 
B 1 84  GLY 84  86  86  GLY GLY B . n 
B 1 85  GLY 85  87  87  GLY GLY B . n 
B 1 86  VAL 86  88  88  VAL VAL B . n 
B 1 87  THR 87  89  89  THR THR B . n 
B 1 88  CYS 88  90  90  CYS CYS B . n 
B 1 89  ILE 89  91  91  ILE ILE B . n 
B 1 90  SER 90  92  92  SER SER B . n 
B 1 91  CYS 91  93  93  CYS CYS B . n 
B 1 92  ALA 92  94  94  ALA ALA B . n 
B 1 93  LYS 93  95  95  LYS LYS B . n 
B 1 94  LYS 94  96  96  LYS LYS B . n 
B 1 95  SER 95  97  97  SER SER B . n 
B 1 96  GLY 96  98  98  GLY GLY B . n 
B 1 97  LEU 97  99  99  LEU LEU B . n 
B 1 98  ILE 98  100 100 ILE ILE B . n 
B 1 99  SER 99  101 101 SER SER B . n 
B 1 100 MET 100 102 ?   ?   ?   B . n 
B 1 101 ASN 101 103 ?   ?   ?   B . n 
B 1 102 VAL 102 104 ?   ?   ?   B . n 
B 1 103 SER 103 105 ?   ?   ?   B . n 
# 
loop_
_pdbx_nonpoly_scheme.asym_id 
_pdbx_nonpoly_scheme.entity_id 
_pdbx_nonpoly_scheme.mon_id 
_pdbx_nonpoly_scheme.ndb_seq_num 
_pdbx_nonpoly_scheme.pdb_seq_num 
_pdbx_nonpoly_scheme.auth_seq_num 
_pdbx_nonpoly_scheme.pdb_mon_id 
_pdbx_nonpoly_scheme.auth_mon_id 
_pdbx_nonpoly_scheme.pdb_strand_id 
_pdbx_nonpoly_scheme.pdb_ins_code 
C 2 ZN  1  201 6  ZN  ZN  A . 
D 2 ZN  1  202 7  ZN  ZN  A . 
E 2 ZN  1  203 10 ZN  ZN  A . 
F 3 GOL 1  204 1  GOL GOL A . 
G 2 ZN  1  201 8  ZN  ZN  B . 
H 2 ZN  1  202 9  ZN  ZN  B . 
I 2 ZN  1  203 11 ZN  ZN  B . 
J 4 HOH 1  301 15 HOH HOH A . 
J 4 HOH 2  302 20 HOH HOH A . 
J 4 HOH 3  303 8  HOH HOH A . 
J 4 HOH 4  304 25 HOH HOH A . 
J 4 HOH 5  305 26 HOH HOH A . 
J 4 HOH 6  306 1  HOH HOH A . 
J 4 HOH 7  307 14 HOH HOH A . 
J 4 HOH 8  308 21 HOH HOH A . 
J 4 HOH 9  309 12 HOH HOH A . 
J 4 HOH 10 310 22 HOH HOH A . 
J 4 HOH 11 311 19 HOH HOH A . 
K 4 HOH 1  301 4  HOH HOH B . 
K 4 HOH 2  302 16 HOH HOH B . 
K 4 HOH 3  303 2  HOH HOH B . 
K 4 HOH 4  304 13 HOH HOH B . 
K 4 HOH 5  305 6  HOH HOH B . 
K 4 HOH 6  306 27 HOH HOH B . 
K 4 HOH 7  307 7  HOH HOH B . 
K 4 HOH 8  308 3  HOH HOH B . 
K 4 HOH 9  309 23 HOH HOH B . 
K 4 HOH 10 310 10 HOH HOH B . 
K 4 HOH 11 311 24 HOH HOH B . 
# 
_pdbx_struct_assembly.id                   1 
_pdbx_struct_assembly.details              author_and_software_defined_assembly 
_pdbx_struct_assembly.method_details       PISA 
_pdbx_struct_assembly.oligomeric_details   dimeric 
_pdbx_struct_assembly.oligomeric_count     2 
# 
_pdbx_struct_assembly_gen.assembly_id       1 
_pdbx_struct_assembly_gen.oper_expression   1 
_pdbx_struct_assembly_gen.asym_id_list      A,B,C,D,E,F,G,H,I,J,K 
# 
loop_
_pdbx_struct_assembly_prop.biol_id 
_pdbx_struct_assembly_prop.type 
_pdbx_struct_assembly_prop.value 
_pdbx_struct_assembly_prop.details 
1 'ABSA (A^2)' 2300  ? 
1 MORE         -15   ? 
1 'SSA (A^2)'  11020 ? 
# 
_pdbx_struct_oper_list.id                   1 
_pdbx_struct_oper_list.type                 'identity operation' 
_pdbx_struct_oper_list.name                 1_555 
_pdbx_struct_oper_list.symmetry_operation   x,y,z 
_pdbx_struct_oper_list.matrix[1][1]         1.0000000000 
_pdbx_struct_oper_list.matrix[1][2]         0.0000000000 
_pdbx_struct_oper_list.matrix[1][3]         0.0000000000 
_pdbx_struct_oper_list.vector[1]            0.0000000000 
_pdbx_struct_oper_list.matrix[2][1]         0.0000000000 
_pdbx_struct_oper_list.matrix[2][2]         1.0000000000 
_pdbx_struct_oper_list.matrix[2][3]         0.0000000000 
_pdbx_struct_oper_list.vector[2]            0.0000000000 
_pdbx_struct_oper_list.matrix[3][1]         0.0000000000 
_pdbx_struct_oper_list.matrix[3][2]         0.0000000000 
_pdbx_struct_oper_list.matrix[3][3]         1.0000000000 
_pdbx_struct_oper_list.vector[3]            0.0000000000 
# 
loop_
_pdbx_struct_conn_angle.id 
_pdbx_struct_conn_angle.ptnr1_label_atom_id 
_pdbx_struct_conn_angle.ptnr1_label_alt_id 
_pdbx_struct_conn_angle.ptnr1_label_asym_id 
_pdbx_struct_conn_angle.ptnr1_label_comp_id 
_pdbx_struct_conn_angle.ptnr1_label_seq_id 
_pdbx_struct_conn_angle.ptnr1_auth_atom_id 
_pdbx_struct_conn_angle.ptnr1_auth_asym_id 
_pdbx_struct_conn_angle.ptnr1_auth_comp_id 
_pdbx_struct_conn_angle.ptnr1_auth_seq_id 
_pdbx_struct_conn_angle.ptnr1_PDB_ins_code 
_pdbx_struct_conn_angle.ptnr1_symmetry 
_pdbx_struct_conn_angle.ptnr2_label_atom_id 
_pdbx_struct_conn_angle.ptnr2_label_alt_id 
_pdbx_struct_conn_angle.ptnr2_label_asym_id 
_pdbx_struct_conn_angle.ptnr2_label_comp_id 
_pdbx_struct_conn_angle.ptnr2_label_seq_id 
_pdbx_struct_conn_angle.ptnr2_auth_atom_id 
_pdbx_struct_conn_angle.ptnr2_auth_asym_id 
_pdbx_struct_conn_angle.ptnr2_auth_comp_id 
_pdbx_struct_conn_angle.ptnr2_auth_seq_id 
_pdbx_struct_conn_angle.ptnr2_PDB_ins_code 
_pdbx_struct_conn_angle.ptnr2_symmetry 
_pdbx_struct_conn_angle.ptnr3_label_atom_id 
_pdbx_struct_conn_angle.ptnr3_label_alt_id 
_pdbx_struct_conn_angle.ptnr3_label_asym_id 
_pdbx_struct_conn_angle.ptnr3_label_comp_id 
_pdbx_struct_conn_angle.ptnr3_label_seq_id 
_pdbx_struct_conn_angle.ptnr3_auth_atom_id 
_pdbx_struct_conn_angle.ptnr3_auth_asym_id 
_pdbx_struct_conn_angle.ptnr3_auth_comp_id 
_pdbx_struct_conn_angle.ptnr3_auth_seq_id 
_pdbx_struct_conn_angle.ptnr3_PDB_ins_code 
_pdbx_struct_conn_angle.ptnr3_symmetry 
_pdbx_struct_conn_angle.value 
_pdbx_struct_conn_angle.value_esd 
1  SG  ? A CYS 5  ? A CYS 7  ? 1_555 ZN ? C ZN . ? A ZN 201 ? 1_555 SG  ? A CYS 10 ? A CYS 12 ? 1_555 114.4 ? 
2  SG  ? A CYS 5  ? A CYS 7  ? 1_555 ZN ? C ZN . ? A ZN 201 ? 1_555 SG  ? A CYS 34 ? A CYS 36 ? 1_555 113.9 ? 
3  SG  ? A CYS 10 ? A CYS 12 ? 1_555 ZN ? C ZN . ? A ZN 201 ? 1_555 SG  ? A CYS 34 ? A CYS 36 ? 1_555 111.6 ? 
4  SG  ? A CYS 5  ? A CYS 7  ? 1_555 ZN ? C ZN . ? A ZN 201 ? 1_555 SG  ? A CYS 37 ? A CYS 39 ? 1_555 100.9 ? 
5  SG  ? A CYS 10 ? A CYS 12 ? 1_555 ZN ? C ZN . ? A ZN 201 ? 1_555 SG  ? A CYS 37 ? A CYS 39 ? 1_555 113.6 ? 
6  SG  ? A CYS 34 ? A CYS 36 ? 1_555 ZN ? C ZN . ? A ZN 201 ? 1_555 SG  ? A CYS 37 ? A CYS 39 ? 1_555 101.3 ? 
7  SG  ? A CYS 47 ? A CYS 49 ? 1_555 ZN ? D ZN . ? A ZN 202 ? 1_555 ND1 ? A HIS 51 ? A HIS 53 ? 1_555 115.3 ? 
8  SG  ? A CYS 47 ? A CYS 49 ? 1_555 ZN ? D ZN . ? A ZN 202 ? 1_555 ND1 ? A HIS 68 ? A HIS 70 ? 1_555 119.7 ? 
9  ND1 ? A HIS 51 ? A HIS 53 ? 1_555 ZN ? D ZN . ? A ZN 202 ? 1_555 ND1 ? A HIS 68 ? A HIS 70 ? 1_555 99.9  ? 
10 SG  ? A CYS 47 ? A CYS 49 ? 1_555 ZN ? D ZN . ? A ZN 202 ? 1_555 SG  ? A CYS 71 ? A CYS 73 ? 1_555 109.5 ? 
11 ND1 ? A HIS 51 ? A HIS 53 ? 1_555 ZN ? D ZN . ? A ZN 202 ? 1_555 SG  ? A CYS 71 ? A CYS 73 ? 1_555 102.5 ? 
12 ND1 ? A HIS 68 ? A HIS 70 ? 1_555 ZN ? D ZN . ? A ZN 202 ? 1_555 SG  ? A CYS 71 ? A CYS 73 ? 1_555 108.4 ? 
13 SG  ? A CYS 60 ? A CYS 62 ? 1_555 ZN ? E ZN . ? A ZN 203 ? 1_555 SG  ? A CYS 63 ? A CYS 65 ? 1_555 111.5 ? 
14 SG  ? A CYS 60 ? A CYS 62 ? 1_555 ZN ? E ZN . ? A ZN 203 ? 1_555 SG  ? A CYS 88 ? A CYS 90 ? 1_555 111.7 ? 
15 SG  ? A CYS 63 ? A CYS 65 ? 1_555 ZN ? E ZN . ? A ZN 203 ? 1_555 SG  ? A CYS 88 ? A CYS 90 ? 1_555 114.5 ? 
16 SG  ? A CYS 60 ? A CYS 62 ? 1_555 ZN ? E ZN . ? A ZN 203 ? 1_555 SG  ? A CYS 91 ? A CYS 93 ? 1_555 108.3 ? 
17 SG  ? A CYS 63 ? A CYS 65 ? 1_555 ZN ? E ZN . ? A ZN 203 ? 1_555 SG  ? A CYS 91 ? A CYS 93 ? 1_555 110.3 ? 
18 SG  ? A CYS 88 ? A CYS 90 ? 1_555 ZN ? E ZN . ? A ZN 203 ? 1_555 SG  ? A CYS 91 ? A CYS 93 ? 1_555 99.9  ? 
19 SG  ? B CYS 5  ? B CYS 7  ? 1_555 ZN ? I ZN . ? B ZN 203 ? 1_555 SG  ? B CYS 10 ? B CYS 12 ? 1_555 110.3 ? 
20 SG  ? B CYS 5  ? B CYS 7  ? 1_555 ZN ? I ZN . ? B ZN 203 ? 1_555 SG  ? B CYS 34 ? B CYS 36 ? 1_555 112.4 ? 
21 SG  ? B CYS 10 ? B CYS 12 ? 1_555 ZN ? I ZN . ? B ZN 203 ? 1_555 SG  ? B CYS 34 ? B CYS 36 ? 1_555 112.6 ? 
22 SG  ? B CYS 5  ? B CYS 7  ? 1_555 ZN ? I ZN . ? B ZN 203 ? 1_555 SG  ? B CYS 37 ? B CYS 39 ? 1_555 110.6 ? 
23 SG  ? B CYS 10 ? B CYS 12 ? 1_555 ZN ? I ZN . ? B ZN 203 ? 1_555 SG  ? B CYS 37 ? B CYS 39 ? 1_555 105.1 ? 
24 SG  ? B CYS 34 ? B CYS 36 ? 1_555 ZN ? I ZN . ? B ZN 203 ? 1_555 SG  ? B CYS 37 ? B CYS 39 ? 1_555 105.4 ? 
25 SG  ? B CYS 47 ? B CYS 49 ? 1_555 ZN ? H ZN . ? B ZN 202 ? 1_555 ND1 ? B HIS 51 ? B HIS 53 ? 1_555 115.6 ? 
26 SG  ? B CYS 47 ? B CYS 49 ? 1_555 ZN ? H ZN . ? B ZN 202 ? 1_555 ND1 ? B HIS 68 ? B HIS 70 ? 1_555 118.0 ? 
27 ND1 ? B HIS 51 ? B HIS 53 ? 1_555 ZN ? H ZN . ? B ZN 202 ? 1_555 ND1 ? B HIS 68 ? B HIS 70 ? 1_555 100.3 ? 
28 SG  ? B CYS 47 ? B CYS 49 ? 1_555 ZN ? H ZN . ? B ZN 202 ? 1_555 SG  ? B CYS 71 ? B CYS 73 ? 1_555 114.1 ? 
29 ND1 ? B HIS 51 ? B HIS 53 ? 1_555 ZN ? H ZN . ? B ZN 202 ? 1_555 SG  ? B CYS 71 ? B CYS 73 ? 1_555 103.2 ? 
30 ND1 ? B HIS 68 ? B HIS 70 ? 1_555 ZN ? H ZN . ? B ZN 202 ? 1_555 SG  ? B CYS 71 ? B CYS 73 ? 1_555 103.7 ? 
31 SG  ? B CYS 60 ? B CYS 62 ? 1_555 ZN ? G ZN . ? B ZN 201 ? 1_555 SG  ? B CYS 63 ? B CYS 65 ? 1_555 110.9 ? 
32 SG  ? B CYS 60 ? B CYS 62 ? 1_555 ZN ? G ZN . ? B ZN 201 ? 1_555 SG  ? B CYS 88 ? B CYS 90 ? 1_555 111.4 ? 
33 SG  ? B CYS 63 ? B CYS 65 ? 1_555 ZN ? G ZN . ? B ZN 201 ? 1_555 SG  ? B CYS 88 ? B CYS 90 ? 1_555 112.6 ? 
34 SG  ? B CYS 60 ? B CYS 62 ? 1_555 ZN ? G ZN . ? B ZN 201 ? 1_555 SG  ? B CYS 91 ? B CYS 93 ? 1_555 103.9 ? 
35 SG  ? B CYS 63 ? B CYS 65 ? 1_555 ZN ? G ZN . ? B ZN 201 ? 1_555 SG  ? B CYS 91 ? B CYS 93 ? 1_555 113.7 ? 
36 SG  ? B CYS 88 ? B CYS 90 ? 1_555 ZN ? G ZN . ? B ZN 201 ? 1_555 SG  ? B CYS 91 ? B CYS 93 ? 1_555 104.0 ? 
# 
loop_
_pdbx_audit_revision_history.ordinal 
_pdbx_audit_revision_history.data_content_type 
_pdbx_audit_revision_history.major_revision 
_pdbx_audit_revision_history.minor_revision 
_pdbx_audit_revision_history.revision_date 
1 'Structure model' 1 0 2018-05-02 
2 'Structure model' 1 1 2023-11-22 
# 
_pdbx_audit_revision_details.ordinal             1 
_pdbx_audit_revision_details.revision_ordinal    1 
_pdbx_audit_revision_details.data_content_type   'Structure model' 
_pdbx_audit_revision_details.provider            repository 
_pdbx_audit_revision_details.type                'Initial release' 
_pdbx_audit_revision_details.description         ? 
_pdbx_audit_revision_details.details             ? 
# 
loop_
_pdbx_audit_revision_group.ordinal 
_pdbx_audit_revision_group.revision_ordinal 
_pdbx_audit_revision_group.data_content_type 
_pdbx_audit_revision_group.group 
1 2 'Structure model' 'Data collection'        
2 2 'Structure model' 'Database references'    
3 2 'Structure model' 'Refinement description' 
# 
loop_
_pdbx_audit_revision_category.ordinal 
_pdbx_audit_revision_category.revision_ordinal 
_pdbx_audit_revision_category.data_content_type 
_pdbx_audit_revision_category.category 
1 2 'Structure model' chem_comp_atom                
2 2 'Structure model' chem_comp_bond                
3 2 'Structure model' database_2                    
4 2 'Structure model' pdbx_initial_refinement_model 
# 
loop_
_pdbx_audit_revision_item.ordinal 
_pdbx_audit_revision_item.revision_ordinal 
_pdbx_audit_revision_item.data_content_type 
_pdbx_audit_revision_item.item 
1 2 'Structure model' '_database_2.pdbx_DOI'                
2 2 'Structure model' '_database_2.pdbx_database_accession' 
# 
loop_
_software.citation_id 
_software.classification 
_software.compiler_name 
_software.compiler_version 
_software.contact_author 
_software.contact_author_email 
_software.date 
_software.description 
_software.dependencies 
_software.hardware 
_software.language 
_software.location 
_software.mods 
_software.name 
_software.os 
_software.os_version 
_software.type 
_software.version 
_software.pdbx_ordinal 
? refinement       ? ? ? ? ? ? ? ? ? ? ? PHENIX   ? ? ? '(1.10.1_2155: ???)' 1 
? 'data reduction' ? ? ? ? ? ? ? ? ? ? ? HKL-3000 ? ? ? .                    2 
? 'data scaling'   ? ? ? ? ? ? ? ? ? ? ? HKL-3000 ? ? ? .                    3 
? phasing          ? ? ? ? ? ? ? ? ? ? ? PHASER   ? ? ? .                    4 
# 
_pdbx_validate_torsion.id              1 
_pdbx_validate_torsion.PDB_model_num   1 
_pdbx_validate_torsion.auth_comp_id    CYS 
_pdbx_validate_torsion.auth_asym_id    B 
_pdbx_validate_torsion.auth_seq_id     12 
_pdbx_validate_torsion.PDB_ins_code    ? 
_pdbx_validate_torsion.label_alt_id    ? 
_pdbx_validate_torsion.phi             -120.30 
_pdbx_validate_torsion.psi             -69.45 
# 
loop_
_pdbx_unobs_or_zero_occ_residues.id 
_pdbx_unobs_or_zero_occ_residues.PDB_model_num 
_pdbx_unobs_or_zero_occ_residues.polymer_flag 
_pdbx_unobs_or_zero_occ_residues.occupancy_flag 
_pdbx_unobs_or_zero_occ_residues.auth_asym_id 
_pdbx_unobs_or_zero_occ_residues.auth_comp_id 
_pdbx_unobs_or_zero_occ_residues.auth_seq_id 
_pdbx_unobs_or_zero_occ_residues.PDB_ins_code 
_pdbx_unobs_or_zero_occ_residues.label_asym_id 
_pdbx_unobs_or_zero_occ_residues.label_comp_id 
_pdbx_unobs_or_zero_occ_residues.label_seq_id 
1  1 Y 1 A LEU 99  ? A LEU 97  
2  1 Y 1 A ILE 100 ? A ILE 98  
3  1 Y 1 A SER 101 ? A SER 99  
4  1 Y 1 A MET 102 ? A MET 100 
5  1 Y 1 A ASN 103 ? A ASN 101 
6  1 Y 1 A VAL 104 ? A VAL 102 
7  1 Y 1 A SER 105 ? A SER 103 
8  1 Y 1 B ALA 3   ? B ALA 1   
9  1 Y 1 B MET 102 ? B MET 100 
10 1 Y 1 B ASN 103 ? B ASN 101 
11 1 Y 1 B VAL 104 ? B VAL 102 
12 1 Y 1 B SER 105 ? B SER 103 
# 
loop_
_chem_comp_atom.comp_id 
_chem_comp_atom.atom_id 
_chem_comp_atom.type_symbol 
_chem_comp_atom.pdbx_aromatic_flag 
_chem_comp_atom.pdbx_stereo_config 
_chem_comp_atom.pdbx_ordinal 
ALA N    N  N N 1   
ALA CA   C  N S 2   
ALA C    C  N N 3   
ALA O    O  N N 4   
ALA CB   C  N N 5   
ALA OXT  O  N N 6   
ALA H    H  N N 7   
ALA H2   H  N N 8   
ALA HA   H  N N 9   
ALA HB1  H  N N 10  
ALA HB2  H  N N 11  
ALA HB3  H  N N 12  
ALA HXT  H  N N 13  
ARG N    N  N N 14  
ARG CA   C  N S 15  
ARG C    C  N N 16  
ARG O    O  N N 17  
ARG CB   C  N N 18  
ARG CG   C  N N 19  
ARG CD   C  N N 20  
ARG NE   N  N N 21  
ARG CZ   C  N N 22  
ARG NH1  N  N N 23  
ARG NH2  N  N N 24  
ARG OXT  O  N N 25  
ARG H    H  N N 26  
ARG H2   H  N N 27  
ARG HA   H  N N 28  
ARG HB2  H  N N 29  
ARG HB3  H  N N 30  
ARG HG2  H  N N 31  
ARG HG3  H  N N 32  
ARG HD2  H  N N 33  
ARG HD3  H  N N 34  
ARG HE   H  N N 35  
ARG HH11 H  N N 36  
ARG HH12 H  N N 37  
ARG HH21 H  N N 38  
ARG HH22 H  N N 39  
ARG HXT  H  N N 40  
ASN N    N  N N 41  
ASN CA   C  N S 42  
ASN C    C  N N 43  
ASN O    O  N N 44  
ASN CB   C  N N 45  
ASN CG   C  N N 46  
ASN OD1  O  N N 47  
ASN ND2  N  N N 48  
ASN OXT  O  N N 49  
ASN H    H  N N 50  
ASN H2   H  N N 51  
ASN HA   H  N N 52  
ASN HB2  H  N N 53  
ASN HB3  H  N N 54  
ASN HD21 H  N N 55  
ASN HD22 H  N N 56  
ASN HXT  H  N N 57  
ASP N    N  N N 58  
ASP CA   C  N S 59  
ASP C    C  N N 60  
ASP O    O  N N 61  
ASP CB   C  N N 62  
ASP CG   C  N N 63  
ASP OD1  O  N N 64  
ASP OD2  O  N N 65  
ASP OXT  O  N N 66  
ASP H    H  N N 67  
ASP H2   H  N N 68  
ASP HA   H  N N 69  
ASP HB2  H  N N 70  
ASP HB3  H  N N 71  
ASP HD2  H  N N 72  
ASP HXT  H  N N 73  
CYS N    N  N N 74  
CYS CA   C  N R 75  
CYS C    C  N N 76  
CYS O    O  N N 77  
CYS CB   C  N N 78  
CYS SG   S  N N 79  
CYS OXT  O  N N 80  
CYS H    H  N N 81  
CYS H2   H  N N 82  
CYS HA   H  N N 83  
CYS HB2  H  N N 84  
CYS HB3  H  N N 85  
CYS HG   H  N N 86  
CYS HXT  H  N N 87  
GLN N    N  N N 88  
GLN CA   C  N S 89  
GLN C    C  N N 90  
GLN O    O  N N 91  
GLN CB   C  N N 92  
GLN CG   C  N N 93  
GLN CD   C  N N 94  
GLN OE1  O  N N 95  
GLN NE2  N  N N 96  
GLN OXT  O  N N 97  
GLN H    H  N N 98  
GLN H2   H  N N 99  
GLN HA   H  N N 100 
GLN HB2  H  N N 101 
GLN HB3  H  N N 102 
GLN HG2  H  N N 103 
GLN HG3  H  N N 104 
GLN HE21 H  N N 105 
GLN HE22 H  N N 106 
GLN HXT  H  N N 107 
GLU N    N  N N 108 
GLU CA   C  N S 109 
GLU C    C  N N 110 
GLU O    O  N N 111 
GLU CB   C  N N 112 
GLU CG   C  N N 113 
GLU CD   C  N N 114 
GLU OE1  O  N N 115 
GLU OE2  O  N N 116 
GLU OXT  O  N N 117 
GLU H    H  N N 118 
GLU H2   H  N N 119 
GLU HA   H  N N 120 
GLU HB2  H  N N 121 
GLU HB3  H  N N 122 
GLU HG2  H  N N 123 
GLU HG3  H  N N 124 
GLU HE2  H  N N 125 
GLU HXT  H  N N 126 
GLY N    N  N N 127 
GLY CA   C  N N 128 
GLY C    C  N N 129 
GLY O    O  N N 130 
GLY OXT  O  N N 131 
GLY H    H  N N 132 
GLY H2   H  N N 133 
GLY HA2  H  N N 134 
GLY HA3  H  N N 135 
GLY HXT  H  N N 136 
GOL C1   C  N N 137 
GOL O1   O  N N 138 
GOL C2   C  N N 139 
GOL O2   O  N N 140 
GOL C3   C  N N 141 
GOL O3   O  N N 142 
GOL H11  H  N N 143 
GOL H12  H  N N 144 
GOL HO1  H  N N 145 
GOL H2   H  N N 146 
GOL HO2  H  N N 147 
GOL H31  H  N N 148 
GOL H32  H  N N 149 
GOL HO3  H  N N 150 
HIS N    N  N N 151 
HIS CA   C  N S 152 
HIS C    C  N N 153 
HIS O    O  N N 154 
HIS CB   C  N N 155 
HIS CG   C  Y N 156 
HIS ND1  N  Y N 157 
HIS CD2  C  Y N 158 
HIS CE1  C  Y N 159 
HIS NE2  N  Y N 160 
HIS OXT  O  N N 161 
HIS H    H  N N 162 
HIS H2   H  N N 163 
HIS HA   H  N N 164 
HIS HB2  H  N N 165 
HIS HB3  H  N N 166 
HIS HD1  H  N N 167 
HIS HD2  H  N N 168 
HIS HE1  H  N N 169 
HIS HE2  H  N N 170 
HIS HXT  H  N N 171 
HOH O    O  N N 172 
HOH H1   H  N N 173 
HOH H2   H  N N 174 
ILE N    N  N N 175 
ILE CA   C  N S 176 
ILE C    C  N N 177 
ILE O    O  N N 178 
ILE CB   C  N S 179 
ILE CG1  C  N N 180 
ILE CG2  C  N N 181 
ILE CD1  C  N N 182 
ILE OXT  O  N N 183 
ILE H    H  N N 184 
ILE H2   H  N N 185 
ILE HA   H  N N 186 
ILE HB   H  N N 187 
ILE HG12 H  N N 188 
ILE HG13 H  N N 189 
ILE HG21 H  N N 190 
ILE HG22 H  N N 191 
ILE HG23 H  N N 192 
ILE HD11 H  N N 193 
ILE HD12 H  N N 194 
ILE HD13 H  N N 195 
ILE HXT  H  N N 196 
LEU N    N  N N 197 
LEU CA   C  N S 198 
LEU C    C  N N 199 
LEU O    O  N N 200 
LEU CB   C  N N 201 
LEU CG   C  N N 202 
LEU CD1  C  N N 203 
LEU CD2  C  N N 204 
LEU OXT  O  N N 205 
LEU H    H  N N 206 
LEU H2   H  N N 207 
LEU HA   H  N N 208 
LEU HB2  H  N N 209 
LEU HB3  H  N N 210 
LEU HG   H  N N 211 
LEU HD11 H  N N 212 
LEU HD12 H  N N 213 
LEU HD13 H  N N 214 
LEU HD21 H  N N 215 
LEU HD22 H  N N 216 
LEU HD23 H  N N 217 
LEU HXT  H  N N 218 
LYS N    N  N N 219 
LYS CA   C  N S 220 
LYS C    C  N N 221 
LYS O    O  N N 222 
LYS CB   C  N N 223 
LYS CG   C  N N 224 
LYS CD   C  N N 225 
LYS CE   C  N N 226 
LYS NZ   N  N N 227 
LYS OXT  O  N N 228 
LYS H    H  N N 229 
LYS H2   H  N N 230 
LYS HA   H  N N 231 
LYS HB2  H  N N 232 
LYS HB3  H  N N 233 
LYS HG2  H  N N 234 
LYS HG3  H  N N 235 
LYS HD2  H  N N 236 
LYS HD3  H  N N 237 
LYS HE2  H  N N 238 
LYS HE3  H  N N 239 
LYS HZ1  H  N N 240 
LYS HZ2  H  N N 241 
LYS HZ3  H  N N 242 
LYS HXT  H  N N 243 
MET N    N  N N 244 
MET CA   C  N S 245 
MET C    C  N N 246 
MET O    O  N N 247 
MET CB   C  N N 248 
MET CG   C  N N 249 
MET SD   S  N N 250 
MET CE   C  N N 251 
MET OXT  O  N N 252 
MET H    H  N N 253 
MET H2   H  N N 254 
MET HA   H  N N 255 
MET HB2  H  N N 256 
MET HB3  H  N N 257 
MET HG2  H  N N 258 
MET HG3  H  N N 259 
MET HE1  H  N N 260 
MET HE2  H  N N 261 
MET HE3  H  N N 262 
MET HXT  H  N N 263 
PHE N    N  N N 264 
PHE CA   C  N S 265 
PHE C    C  N N 266 
PHE O    O  N N 267 
PHE CB   C  N N 268 
PHE CG   C  Y N 269 
PHE CD1  C  Y N 270 
PHE CD2  C  Y N 271 
PHE CE1  C  Y N 272 
PHE CE2  C  Y N 273 
PHE CZ   C  Y N 274 
PHE OXT  O  N N 275 
PHE H    H  N N 276 
PHE H2   H  N N 277 
PHE HA   H  N N 278 
PHE HB2  H  N N 279 
PHE HB3  H  N N 280 
PHE HD1  H  N N 281 
PHE HD2  H  N N 282 
PHE HE1  H  N N 283 
PHE HE2  H  N N 284 
PHE HZ   H  N N 285 
PHE HXT  H  N N 286 
PRO N    N  N N 287 
PRO CA   C  N S 288 
PRO C    C  N N 289 
PRO O    O  N N 290 
PRO CB   C  N N 291 
PRO CG   C  N N 292 
PRO CD   C  N N 293 
PRO OXT  O  N N 294 
PRO H    H  N N 295 
PRO HA   H  N N 296 
PRO HB2  H  N N 297 
PRO HB3  H  N N 298 
PRO HG2  H  N N 299 
PRO HG3  H  N N 300 
PRO HD2  H  N N 301 
PRO HD3  H  N N 302 
PRO HXT  H  N N 303 
SER N    N  N N 304 
SER CA   C  N S 305 
SER C    C  N N 306 
SER O    O  N N 307 
SER CB   C  N N 308 
SER OG   O  N N 309 
SER OXT  O  N N 310 
SER H    H  N N 311 
SER H2   H  N N 312 
SER HA   H  N N 313 
SER HB2  H  N N 314 
SER HB3  H  N N 315 
SER HG   H  N N 316 
SER HXT  H  N N 317 
THR N    N  N N 318 
THR CA   C  N S 319 
THR C    C  N N 320 
THR O    O  N N 321 
THR CB   C  N R 322 
THR OG1  O  N N 323 
THR CG2  C  N N 324 
THR OXT  O  N N 325 
THR H    H  N N 326 
THR H2   H  N N 327 
THR HA   H  N N 328 
THR HB   H  N N 329 
THR HG1  H  N N 330 
THR HG21 H  N N 331 
THR HG22 H  N N 332 
THR HG23 H  N N 333 
THR HXT  H  N N 334 
TRP N    N  N N 335 
TRP CA   C  N S 336 
TRP C    C  N N 337 
TRP O    O  N N 338 
TRP CB   C  N N 339 
TRP CG   C  Y N 340 
TRP CD1  C  Y N 341 
TRP CD2  C  Y N 342 
TRP NE1  N  Y N 343 
TRP CE2  C  Y N 344 
TRP CE3  C  Y N 345 
TRP CZ2  C  Y N 346 
TRP CZ3  C  Y N 347 
TRP CH2  C  Y N 348 
TRP OXT  O  N N 349 
TRP H    H  N N 350 
TRP H2   H  N N 351 
TRP HA   H  N N 352 
TRP HB2  H  N N 353 
TRP HB3  H  N N 354 
TRP HD1  H  N N 355 
TRP HE1  H  N N 356 
TRP HE3  H  N N 357 
TRP HZ2  H  N N 358 
TRP HZ3  H  N N 359 
TRP HH2  H  N N 360 
TRP HXT  H  N N 361 
TYR N    N  N N 362 
TYR CA   C  N S 363 
TYR C    C  N N 364 
TYR O    O  N N 365 
TYR CB   C  N N 366 
TYR CG   C  Y N 367 
TYR CD1  C  Y N 368 
TYR CD2  C  Y N 369 
TYR CE1  C  Y N 370 
TYR CE2  C  Y N 371 
TYR CZ   C  Y N 372 
TYR OH   O  N N 373 
TYR OXT  O  N N 374 
TYR H    H  N N 375 
TYR H2   H  N N 376 
TYR HA   H  N N 377 
TYR HB2  H  N N 378 
TYR HB3  H  N N 379 
TYR HD1  H  N N 380 
TYR HD2  H  N N 381 
TYR HE1  H  N N 382 
TYR HE2  H  N N 383 
TYR HH   H  N N 384 
TYR HXT  H  N N 385 
VAL N    N  N N 386 
VAL CA   C  N S 387 
VAL C    C  N N 388 
VAL O    O  N N 389 
VAL CB   C  N N 390 
VAL CG1  C  N N 391 
VAL CG2  C  N N 392 
VAL OXT  O  N N 393 
VAL H    H  N N 394 
VAL H2   H  N N 395 
VAL HA   H  N N 396 
VAL HB   H  N N 397 
VAL HG11 H  N N 398 
VAL HG12 H  N N 399 
VAL HG13 H  N N 400 
VAL HG21 H  N N 401 
VAL HG22 H  N N 402 
VAL HG23 H  N N 403 
VAL HXT  H  N N 404 
ZN  ZN   ZN N N 405 
# 
loop_
_chem_comp_bond.comp_id 
_chem_comp_bond.atom_id_1 
_chem_comp_bond.atom_id_2 
_chem_comp_bond.value_order 
_chem_comp_bond.pdbx_aromatic_flag 
_chem_comp_bond.pdbx_stereo_config 
_chem_comp_bond.pdbx_ordinal 
ALA N   CA   sing N N 1   
ALA N   H    sing N N 2   
ALA N   H2   sing N N 3   
ALA CA  C    sing N N 4   
ALA CA  CB   sing N N 5   
ALA CA  HA   sing N N 6   
ALA C   O    doub N N 7   
ALA C   OXT  sing N N 8   
ALA CB  HB1  sing N N 9   
ALA CB  HB2  sing N N 10  
ALA CB  HB3  sing N N 11  
ALA OXT HXT  sing N N 12  
ARG N   CA   sing N N 13  
ARG N   H    sing N N 14  
ARG N   H2   sing N N 15  
ARG CA  C    sing N N 16  
ARG CA  CB   sing N N 17  
ARG CA  HA   sing N N 18  
ARG C   O    doub N N 19  
ARG C   OXT  sing N N 20  
ARG CB  CG   sing N N 21  
ARG CB  HB2  sing N N 22  
ARG CB  HB3  sing N N 23  
ARG CG  CD   sing N N 24  
ARG CG  HG2  sing N N 25  
ARG CG  HG3  sing N N 26  
ARG CD  NE   sing N N 27  
ARG CD  HD2  sing N N 28  
ARG CD  HD3  sing N N 29  
ARG NE  CZ   sing N N 30  
ARG NE  HE   sing N N 31  
ARG CZ  NH1  sing N N 32  
ARG CZ  NH2  doub N N 33  
ARG NH1 HH11 sing N N 34  
ARG NH1 HH12 sing N N 35  
ARG NH2 HH21 sing N N 36  
ARG NH2 HH22 sing N N 37  
ARG OXT HXT  sing N N 38  
ASN N   CA   sing N N 39  
ASN N   H    sing N N 40  
ASN N   H2   sing N N 41  
ASN CA  C    sing N N 42  
ASN CA  CB   sing N N 43  
ASN CA  HA   sing N N 44  
ASN C   O    doub N N 45  
ASN C   OXT  sing N N 46  
ASN CB  CG   sing N N 47  
ASN CB  HB2  sing N N 48  
ASN CB  HB3  sing N N 49  
ASN CG  OD1  doub N N 50  
ASN CG  ND2  sing N N 51  
ASN ND2 HD21 sing N N 52  
ASN ND2 HD22 sing N N 53  
ASN OXT HXT  sing N N 54  
ASP N   CA   sing N N 55  
ASP N   H    sing N N 56  
ASP N   H2   sing N N 57  
ASP CA  C    sing N N 58  
ASP CA  CB   sing N N 59  
ASP CA  HA   sing N N 60  
ASP C   O    doub N N 61  
ASP C   OXT  sing N N 62  
ASP CB  CG   sing N N 63  
ASP CB  HB2  sing N N 64  
ASP CB  HB3  sing N N 65  
ASP CG  OD1  doub N N 66  
ASP CG  OD2  sing N N 67  
ASP OD2 HD2  sing N N 68  
ASP OXT HXT  sing N N 69  
CYS N   CA   sing N N 70  
CYS N   H    sing N N 71  
CYS N   H2   sing N N 72  
CYS CA  C    sing N N 73  
CYS CA  CB   sing N N 74  
CYS CA  HA   sing N N 75  
CYS C   O    doub N N 76  
CYS C   OXT  sing N N 77  
CYS CB  SG   sing N N 78  
CYS CB  HB2  sing N N 79  
CYS CB  HB3  sing N N 80  
CYS SG  HG   sing N N 81  
CYS OXT HXT  sing N N 82  
GLN N   CA   sing N N 83  
GLN N   H    sing N N 84  
GLN N   H2   sing N N 85  
GLN CA  C    sing N N 86  
GLN CA  CB   sing N N 87  
GLN CA  HA   sing N N 88  
GLN C   O    doub N N 89  
GLN C   OXT  sing N N 90  
GLN CB  CG   sing N N 91  
GLN CB  HB2  sing N N 92  
GLN CB  HB3  sing N N 93  
GLN CG  CD   sing N N 94  
GLN CG  HG2  sing N N 95  
GLN CG  HG3  sing N N 96  
GLN CD  OE1  doub N N 97  
GLN CD  NE2  sing N N 98  
GLN NE2 HE21 sing N N 99  
GLN NE2 HE22 sing N N 100 
GLN OXT HXT  sing N N 101 
GLU N   CA   sing N N 102 
GLU N   H    sing N N 103 
GLU N   H2   sing N N 104 
GLU CA  C    sing N N 105 
GLU CA  CB   sing N N 106 
GLU CA  HA   sing N N 107 
GLU C   O    doub N N 108 
GLU C   OXT  sing N N 109 
GLU CB  CG   sing N N 110 
GLU CB  HB2  sing N N 111 
GLU CB  HB3  sing N N 112 
GLU CG  CD   sing N N 113 
GLU CG  HG2  sing N N 114 
GLU CG  HG3  sing N N 115 
GLU CD  OE1  doub N N 116 
GLU CD  OE2  sing N N 117 
GLU OE2 HE2  sing N N 118 
GLU OXT HXT  sing N N 119 
GLY N   CA   sing N N 120 
GLY N   H    sing N N 121 
GLY N   H2   sing N N 122 
GLY CA  C    sing N N 123 
GLY CA  HA2  sing N N 124 
GLY CA  HA3  sing N N 125 
GLY C   O    doub N N 126 
GLY C   OXT  sing N N 127 
GLY OXT HXT  sing N N 128 
GOL C1  O1   sing N N 129 
GOL C1  C2   sing N N 130 
GOL C1  H11  sing N N 131 
GOL C1  H12  sing N N 132 
GOL O1  HO1  sing N N 133 
GOL C2  O2   sing N N 134 
GOL C2  C3   sing N N 135 
GOL C2  H2   sing N N 136 
GOL O2  HO2  sing N N 137 
GOL C3  O3   sing N N 138 
GOL C3  H31  sing N N 139 
GOL C3  H32  sing N N 140 
GOL O3  HO3  sing N N 141 
HIS N   CA   sing N N 142 
HIS N   H    sing N N 143 
HIS N   H2   sing N N 144 
HIS CA  C    sing N N 145 
HIS CA  CB   sing N N 146 
HIS CA  HA   sing N N 147 
HIS C   O    doub N N 148 
HIS C   OXT  sing N N 149 
HIS CB  CG   sing N N 150 
HIS CB  HB2  sing N N 151 
HIS CB  HB3  sing N N 152 
HIS CG  ND1  sing Y N 153 
HIS CG  CD2  doub Y N 154 
HIS ND1 CE1  doub Y N 155 
HIS ND1 HD1  sing N N 156 
HIS CD2 NE2  sing Y N 157 
HIS CD2 HD2  sing N N 158 
HIS CE1 NE2  sing Y N 159 
HIS CE1 HE1  sing N N 160 
HIS NE2 HE2  sing N N 161 
HIS OXT HXT  sing N N 162 
HOH O   H1   sing N N 163 
HOH O   H2   sing N N 164 
ILE N   CA   sing N N 165 
ILE N   H    sing N N 166 
ILE N   H2   sing N N 167 
ILE CA  C    sing N N 168 
ILE CA  CB   sing N N 169 
ILE CA  HA   sing N N 170 
ILE C   O    doub N N 171 
ILE C   OXT  sing N N 172 
ILE CB  CG1  sing N N 173 
ILE CB  CG2  sing N N 174 
ILE CB  HB   sing N N 175 
ILE CG1 CD1  sing N N 176 
ILE CG1 HG12 sing N N 177 
ILE CG1 HG13 sing N N 178 
ILE CG2 HG21 sing N N 179 
ILE CG2 HG22 sing N N 180 
ILE CG2 HG23 sing N N 181 
ILE CD1 HD11 sing N N 182 
ILE CD1 HD12 sing N N 183 
ILE CD1 HD13 sing N N 184 
ILE OXT HXT  sing N N 185 
LEU N   CA   sing N N 186 
LEU N   H    sing N N 187 
LEU N   H2   sing N N 188 
LEU CA  C    sing N N 189 
LEU CA  CB   sing N N 190 
LEU CA  HA   sing N N 191 
LEU C   O    doub N N 192 
LEU C   OXT  sing N N 193 
LEU CB  CG   sing N N 194 
LEU CB  HB2  sing N N 195 
LEU CB  HB3  sing N N 196 
LEU CG  CD1  sing N N 197 
LEU CG  CD2  sing N N 198 
LEU CG  HG   sing N N 199 
LEU CD1 HD11 sing N N 200 
LEU CD1 HD12 sing N N 201 
LEU CD1 HD13 sing N N 202 
LEU CD2 HD21 sing N N 203 
LEU CD2 HD22 sing N N 204 
LEU CD2 HD23 sing N N 205 
LEU OXT HXT  sing N N 206 
LYS N   CA   sing N N 207 
LYS N   H    sing N N 208 
LYS N   H2   sing N N 209 
LYS CA  C    sing N N 210 
LYS CA  CB   sing N N 211 
LYS CA  HA   sing N N 212 
LYS C   O    doub N N 213 
LYS C   OXT  sing N N 214 
LYS CB  CG   sing N N 215 
LYS CB  HB2  sing N N 216 
LYS CB  HB3  sing N N 217 
LYS CG  CD   sing N N 218 
LYS CG  HG2  sing N N 219 
LYS CG  HG3  sing N N 220 
LYS CD  CE   sing N N 221 
LYS CD  HD2  sing N N 222 
LYS CD  HD3  sing N N 223 
LYS CE  NZ   sing N N 224 
LYS CE  HE2  sing N N 225 
LYS CE  HE3  sing N N 226 
LYS NZ  HZ1  sing N N 227 
LYS NZ  HZ2  sing N N 228 
LYS NZ  HZ3  sing N N 229 
LYS OXT HXT  sing N N 230 
MET N   CA   sing N N 231 
MET N   H    sing N N 232 
MET N   H2   sing N N 233 
MET CA  C    sing N N 234 
MET CA  CB   sing N N 235 
MET CA  HA   sing N N 236 
MET C   O    doub N N 237 
MET C   OXT  sing N N 238 
MET CB  CG   sing N N 239 
MET CB  HB2  sing N N 240 
MET CB  HB3  sing N N 241 
MET CG  SD   sing N N 242 
MET CG  HG2  sing N N 243 
MET CG  HG3  sing N N 244 
MET SD  CE   sing N N 245 
MET CE  HE1  sing N N 246 
MET CE  HE2  sing N N 247 
MET CE  HE3  sing N N 248 
MET OXT HXT  sing N N 249 
PHE N   CA   sing N N 250 
PHE N   H    sing N N 251 
PHE N   H2   sing N N 252 
PHE CA  C    sing N N 253 
PHE CA  CB   sing N N 254 
PHE CA  HA   sing N N 255 
PHE C   O    doub N N 256 
PHE C   OXT  sing N N 257 
PHE CB  CG   sing N N 258 
PHE CB  HB2  sing N N 259 
PHE CB  HB3  sing N N 260 
PHE CG  CD1  doub Y N 261 
PHE CG  CD2  sing Y N 262 
PHE CD1 CE1  sing Y N 263 
PHE CD1 HD1  sing N N 264 
PHE CD2 CE2  doub Y N 265 
PHE CD2 HD2  sing N N 266 
PHE CE1 CZ   doub Y N 267 
PHE CE1 HE1  sing N N 268 
PHE CE2 CZ   sing Y N 269 
PHE CE2 HE2  sing N N 270 
PHE CZ  HZ   sing N N 271 
PHE OXT HXT  sing N N 272 
PRO N   CA   sing N N 273 
PRO N   CD   sing N N 274 
PRO N   H    sing N N 275 
PRO CA  C    sing N N 276 
PRO CA  CB   sing N N 277 
PRO CA  HA   sing N N 278 
PRO C   O    doub N N 279 
PRO C   OXT  sing N N 280 
PRO CB  CG   sing N N 281 
PRO CB  HB2  sing N N 282 
PRO CB  HB3  sing N N 283 
PRO CG  CD   sing N N 284 
PRO CG  HG2  sing N N 285 
PRO CG  HG3  sing N N 286 
PRO CD  HD2  sing N N 287 
PRO CD  HD3  sing N N 288 
PRO OXT HXT  sing N N 289 
SER N   CA   sing N N 290 
SER N   H    sing N N 291 
SER N   H2   sing N N 292 
SER CA  C    sing N N 293 
SER CA  CB   sing N N 294 
SER CA  HA   sing N N 295 
SER C   O    doub N N 296 
SER C   OXT  sing N N 297 
SER CB  OG   sing N N 298 
SER CB  HB2  sing N N 299 
SER CB  HB3  sing N N 300 
SER OG  HG   sing N N 301 
SER OXT HXT  sing N N 302 
THR N   CA   sing N N 303 
THR N   H    sing N N 304 
THR N   H2   sing N N 305 
THR CA  C    sing N N 306 
THR CA  CB   sing N N 307 
THR CA  HA   sing N N 308 
THR C   O    doub N N 309 
THR C   OXT  sing N N 310 
THR CB  OG1  sing N N 311 
THR CB  CG2  sing N N 312 
THR CB  HB   sing N N 313 
THR OG1 HG1  sing N N 314 
THR CG2 HG21 sing N N 315 
THR CG2 HG22 sing N N 316 
THR CG2 HG23 sing N N 317 
THR OXT HXT  sing N N 318 
TRP N   CA   sing N N 319 
TRP N   H    sing N N 320 
TRP N   H2   sing N N 321 
TRP CA  C    sing N N 322 
TRP CA  CB   sing N N 323 
TRP CA  HA   sing N N 324 
TRP C   O    doub N N 325 
TRP C   OXT  sing N N 326 
TRP CB  CG   sing N N 327 
TRP CB  HB2  sing N N 328 
TRP CB  HB3  sing N N 329 
TRP CG  CD1  doub Y N 330 
TRP CG  CD2  sing Y N 331 
TRP CD1 NE1  sing Y N 332 
TRP CD1 HD1  sing N N 333 
TRP CD2 CE2  doub Y N 334 
TRP CD2 CE3  sing Y N 335 
TRP NE1 CE2  sing Y N 336 
TRP NE1 HE1  sing N N 337 
TRP CE2 CZ2  sing Y N 338 
TRP CE3 CZ3  doub Y N 339 
TRP CE3 HE3  sing N N 340 
TRP CZ2 CH2  doub Y N 341 
TRP CZ2 HZ2  sing N N 342 
TRP CZ3 CH2  sing Y N 343 
TRP CZ3 HZ3  sing N N 344 
TRP CH2 HH2  sing N N 345 
TRP OXT HXT  sing N N 346 
TYR N   CA   sing N N 347 
TYR N   H    sing N N 348 
TYR N   H2   sing N N 349 
TYR CA  C    sing N N 350 
TYR CA  CB   sing N N 351 
TYR CA  HA   sing N N 352 
TYR C   O    doub N N 353 
TYR C   OXT  sing N N 354 
TYR CB  CG   sing N N 355 
TYR CB  HB2  sing N N 356 
TYR CB  HB3  sing N N 357 
TYR CG  CD1  doub Y N 358 
TYR CG  CD2  sing Y N 359 
TYR CD1 CE1  sing Y N 360 
TYR CD1 HD1  sing N N 361 
TYR CD2 CE2  doub Y N 362 
TYR CD2 HD2  sing N N 363 
TYR CE1 CZ   doub Y N 364 
TYR CE1 HE1  sing N N 365 
TYR CE2 CZ   sing Y N 366 
TYR CE2 HE2  sing N N 367 
TYR CZ  OH   sing N N 368 
TYR OH  HH   sing N N 369 
TYR OXT HXT  sing N N 370 
VAL N   CA   sing N N 371 
VAL N   H    sing N N 372 
VAL N   H2   sing N N 373 
VAL CA  C    sing N N 374 
VAL CA  CB   sing N N 375 
VAL CA  HA   sing N N 376 
VAL C   O    doub N N 377 
VAL C   OXT  sing N N 378 
VAL CB  CG1  sing N N 379 
VAL CB  CG2  sing N N 380 
VAL CB  HB   sing N N 381 
VAL CG1 HG11 sing N N 382 
VAL CG1 HG12 sing N N 383 
VAL CG1 HG13 sing N N 384 
VAL CG2 HG21 sing N N 385 
VAL CG2 HG22 sing N N 386 
VAL CG2 HG23 sing N N 387 
VAL OXT HXT  sing N N 388 
# 
loop_
_pdbx_entity_nonpoly.entity_id 
_pdbx_entity_nonpoly.name 
_pdbx_entity_nonpoly.comp_id 
2 'ZINC ION' ZN  
3 GLYCEROL   GOL 
4 water      HOH 
# 
_pdbx_initial_refinement_model.id               1 
_pdbx_initial_refinement_model.entity_id_list   ? 
_pdbx_initial_refinement_model.type             'experimental model' 
_pdbx_initial_refinement_model.source_name      PDB 
_pdbx_initial_refinement_model.accession_code   5YUG 
_pdbx_initial_refinement_model.details          ? 
# 
_pdbx_struct_assembly_auth_evidence.id                     1 
_pdbx_struct_assembly_auth_evidence.assembly_id            1 
_pdbx_struct_assembly_auth_evidence.experimental_support   'gel filtration' 
_pdbx_struct_assembly_auth_evidence.details                ? 
# 
